data_6YAG
#
_entry.id   6YAG
#
_cell.length_a   78.966
_cell.length_b   303.818
_cell.length_c   128.417
_cell.angle_alpha   90.000
_cell.angle_beta   90.000
_cell.angle_gamma   90.000
#
_symmetry.space_group_name_H-M   'C 2 2 21'
#
loop_
_entity.id
_entity.type
_entity.pdbx_description
1 polymer Lipoprotein
2 non-polymer 'NICKEL (II) ION'
3 non-polymer THYMIDINE
4 non-polymer 'ACETATE ION'
5 water water
#
_entity_poly.entity_id   1
_entity_poly.type   'polypeptide(L)'
_entity_poly.pdbx_seq_one_letter_code
;SSHHHHHHMSGENLYFQGASAAIVTDTGGVDDKSFNQSAWEGLQAWGKEHNLSKDNGFTYFQSTSEADYANNLQQAAGSY
NLIFGVGFALNNAVKDAAKEHTDLNYVLIDDVIKDQKNVASVTFADNESGYLAGVAAAKTTKTKQVGFVGGIESEVISRF
EAGFKAGVASVDPSIKVQVDYAGSFGDAAKGKTIAAAQYAAGADIVYQVAGGTGAGVFAEAKSLNESRPENEKVWVIGVD
RDQEAEGKYTSKDGKESNFVLVSTLKQVGTTVKDISNKAERGEFPGGQVIVYSLKDKGVDLAVTNLSEEGKKAVEDAKAK
ILDGSVKVPE
;
_entity_poly.pdbx_strand_id   C,A,B,D
#
loop_
_chem_comp.id
_chem_comp.type
_chem_comp.name
_chem_comp.formula
ACT non-polymer 'ACETATE ION' 'C2 H3 O2 -1'
NI non-polymer 'NICKEL (II) ION' 'Ni 2'
THM DNA OH 5 prime terminus THYMIDINE 'C10 H14 N2 O5'
#
# COMPACT_ATOMS: atom_id res chain seq x y z
N SER A 1 -42.30 16.36 39.60
CA SER A 1 -42.78 17.78 39.75
C SER A 1 -41.80 18.59 40.60
N SER A 2 -41.44 18.09 41.78
CA SER A 2 -40.18 18.45 42.48
C SER A 2 -39.54 17.18 43.06
N HIS A 3 -38.27 17.26 43.45
CA HIS A 3 -37.48 16.13 44.01
C HIS A 3 -36.51 16.72 45.04
N HIS A 4 -37.03 17.26 46.14
CA HIS A 4 -36.19 17.95 47.16
C HIS A 4 -35.26 16.94 47.87
N HIS A 5 -35.79 15.77 48.26
CA HIS A 5 -35.01 14.65 48.83
C HIS A 5 -34.32 13.87 47.71
N HIS A 6 -33.07 14.19 47.41
CA HIS A 6 -32.29 13.62 46.29
C HIS A 6 -30.82 13.48 46.68
N HIS A 7 -30.08 12.61 45.97
CA HIS A 7 -28.64 12.41 46.17
C HIS A 7 -27.99 12.17 44.82
N HIS A 8 -26.80 12.72 44.63
CA HIS A 8 -26.03 12.61 43.38
C HIS A 8 -25.31 11.27 43.40
N MET A 9 -25.40 10.51 42.32
CA MET A 9 -24.62 9.26 42.12
C MET A 9 -23.61 9.55 41.01
N SER A 10 -22.33 9.61 41.35
CA SER A 10 -21.22 9.81 40.37
C SER A 10 -21.23 8.69 39.31
N GLY A 11 -21.01 9.05 38.05
CA GLY A 11 -20.96 8.14 36.88
C GLY A 11 -19.94 7.03 37.06
N GLU A 12 -18.91 7.33 37.84
CA GLU A 12 -17.77 6.43 38.16
C GLU A 12 -18.28 5.18 38.90
N ASN A 13 -19.38 5.28 39.64
CA ASN A 13 -19.96 4.20 40.48
C ASN A 13 -21.15 3.50 39.79
N LEU A 14 -21.60 3.97 38.65
CA LEU A 14 -22.78 3.43 37.97
C LEU A 14 -22.36 2.31 37.03
N TYR A 15 -23.17 1.27 36.97
CA TYR A 15 -23.10 0.33 35.82
C TYR A 15 -24.50 -0.10 35.42
N PHE A 16 -24.65 -0.50 34.17
CA PHE A 16 -25.85 -1.21 33.66
C PHE A 16 -25.54 -2.71 33.62
N GLN A 17 -26.37 -3.52 34.27
CA GLN A 17 -26.25 -4.99 34.30
C GLN A 17 -26.65 -5.51 32.93
N GLY A 18 -25.79 -6.31 32.29
CA GLY A 18 -26.07 -6.94 31.00
C GLY A 18 -26.79 -8.23 31.21
N ALA A 19 -27.33 -8.80 30.14
CA ALA A 19 -27.97 -10.14 30.06
C ALA A 19 -27.16 -11.00 29.09
N SER A 20 -27.43 -12.30 29.06
CA SER A 20 -26.84 -13.24 28.07
C SER A 20 -27.96 -13.92 27.29
N ALA A 21 -27.91 -13.88 25.95
CA ALA A 21 -29.02 -14.30 25.08
C ALA A 21 -28.55 -15.47 24.19
N ALA A 22 -29.41 -16.48 24.03
CA ALA A 22 -29.18 -17.61 23.11
C ALA A 22 -30.44 -17.89 22.30
N ILE A 23 -30.25 -18.37 21.08
CA ILE A 23 -31.32 -18.94 20.23
C ILE A 23 -31.17 -20.47 20.25
N VAL A 24 -32.28 -21.17 20.47
CA VAL A 24 -32.43 -22.61 20.15
C VAL A 24 -33.08 -22.68 18.76
N THR A 25 -32.29 -23.19 17.82
CA THR A 25 -32.55 -23.24 16.37
C THR A 25 -33.48 -24.42 16.09
N ASP A 26 -34.27 -24.33 15.03
CA ASP A 26 -35.10 -25.46 14.53
C ASP A 26 -34.23 -26.36 13.62
N THR A 27 -34.84 -27.32 12.93
CA THR A 27 -34.23 -28.27 11.96
C THR A 27 -33.28 -27.57 10.96
N GLY A 28 -33.70 -26.42 10.40
CA GLY A 28 -33.03 -25.75 9.26
C GLY A 28 -31.56 -25.45 9.51
N GLY A 29 -31.19 -25.09 10.76
CA GLY A 29 -29.82 -24.69 11.13
C GLY A 29 -29.51 -23.25 10.78
N VAL A 30 -28.43 -22.71 11.36
CA VAL A 30 -28.07 -21.27 11.23
C VAL A 30 -27.52 -20.97 9.83
N ASP A 31 -27.40 -21.97 8.95
CA ASP A 31 -26.88 -21.80 7.55
C ASP A 31 -28.00 -21.99 6.53
N ASP A 32 -29.27 -21.85 6.95
CA ASP A 32 -30.48 -22.06 6.11
C ASP A 32 -30.69 -20.91 5.12
N LYS A 33 -29.88 -19.84 5.18
CA LYS A 33 -29.98 -18.65 4.26
C LYS A 33 -31.32 -17.94 4.45
N SER A 34 -32.04 -18.18 5.56
CA SER A 34 -33.44 -17.71 5.72
C SER A 34 -33.76 -17.47 7.20
N PHE A 35 -34.68 -18.26 7.75
CA PHE A 35 -35.33 -18.02 9.06
C PHE A 35 -34.33 -18.08 10.21
N ASN A 36 -33.67 -19.22 10.42
CA ASN A 36 -32.75 -19.44 11.56
C ASN A 36 -31.52 -18.56 11.35
N GLN A 37 -31.06 -18.39 10.11
CA GLN A 37 -29.91 -17.51 9.81
C GLN A 37 -30.26 -16.06 10.19
N SER A 38 -31.47 -15.60 9.88
CA SER A 38 -31.92 -14.21 10.21
C SER A 38 -31.80 -14.00 11.73
N ALA A 39 -32.31 -14.94 12.53
CA ALA A 39 -32.25 -14.91 14.01
C ALA A 39 -30.80 -14.79 14.47
N TRP A 40 -29.93 -15.63 13.94
CA TRP A 40 -28.49 -15.71 14.31
C TRP A 40 -27.78 -14.41 13.92
N GLU A 41 -28.07 -13.85 12.74
CA GLU A 41 -27.44 -12.59 12.27
C GLU A 41 -27.87 -11.46 13.21
N GLY A 42 -29.09 -11.54 13.74
CA GLY A 42 -29.65 -10.53 14.66
C GLY A 42 -28.98 -10.63 16.01
N LEU A 43 -28.79 -11.85 16.52
CA LEU A 43 -28.14 -12.09 17.82
C LEU A 43 -26.66 -11.66 17.77
N GLN A 44 -25.97 -11.94 16.68
CA GLN A 44 -24.58 -11.47 16.42
C GLN A 44 -24.52 -9.93 16.42
N ALA A 45 -25.48 -9.25 15.79
CA ALA A 45 -25.52 -7.78 15.70
C ALA A 45 -25.70 -7.19 17.10
N TRP A 46 -26.53 -7.84 17.93
CA TRP A 46 -26.76 -7.50 19.35
C TRP A 46 -25.48 -7.72 20.18
N GLY A 47 -24.78 -8.83 19.97
CA GLY A 47 -23.49 -9.12 20.63
C GLY A 47 -22.48 -8.02 20.36
N LYS A 48 -22.30 -7.65 19.09
CA LYS A 48 -21.34 -6.59 18.65
C LYS A 48 -21.66 -5.29 19.38
N GLU A 49 -22.95 -4.90 19.45
CA GLU A 49 -23.45 -3.66 20.09
C GLU A 49 -23.10 -3.67 21.58
N HIS A 50 -23.06 -4.84 22.21
CA HIS A 50 -22.83 -5.04 23.67
C HIS A 50 -21.41 -5.53 23.93
N ASN A 51 -20.54 -5.55 22.92
CA ASN A 51 -19.10 -5.82 23.11
C ASN A 51 -18.90 -7.27 23.61
N LEU A 52 -19.74 -8.20 23.14
CA LEU A 52 -19.68 -9.65 23.48
C LEU A 52 -19.12 -10.41 22.29
N SER A 53 -18.85 -11.70 22.46
CA SER A 53 -18.47 -12.63 21.35
C SER A 53 -19.13 -14.00 21.57
N LYS A 54 -19.11 -14.86 20.54
CA LYS A 54 -19.71 -16.21 20.59
C LYS A 54 -19.23 -16.98 21.83
N ASP A 55 -20.16 -17.51 22.63
CA ASP A 55 -19.94 -18.28 23.88
C ASP A 55 -19.42 -17.36 25.01
N ASN A 56 -19.43 -16.05 24.78
CA ASN A 56 -19.12 -15.03 25.81
C ASN A 56 -20.22 -13.96 25.74
N GLY A 57 -21.46 -14.39 26.00
CA GLY A 57 -22.62 -13.48 26.11
C GLY A 57 -23.73 -13.84 25.16
N PHE A 58 -23.44 -14.62 24.12
CA PHE A 58 -24.45 -15.11 23.16
C PHE A 58 -23.93 -16.37 22.46
N THR A 59 -24.86 -17.22 22.07
CA THR A 59 -24.59 -18.48 21.34
C THR A 59 -25.88 -19.06 20.76
N TYR A 60 -25.76 -20.01 19.86
CA TYR A 60 -26.90 -20.79 19.35
C TYR A 60 -26.73 -22.25 19.76
N PHE A 61 -27.86 -22.93 19.96
CA PHE A 61 -27.96 -24.39 20.12
C PHE A 61 -28.75 -24.96 18.93
N GLN A 62 -28.08 -25.63 18.01
CA GLN A 62 -28.69 -26.26 16.82
C GLN A 62 -29.48 -27.51 17.26
N SER A 63 -30.76 -27.61 16.92
CA SER A 63 -31.61 -28.79 17.23
C SER A 63 -31.48 -29.80 16.08
N THR A 64 -31.24 -31.06 16.43
CA THR A 64 -31.02 -32.21 15.51
C THR A 64 -32.36 -32.82 15.11
N SER A 65 -33.42 -32.58 15.89
CA SER A 65 -34.80 -33.12 15.74
C SER A 65 -35.70 -32.52 16.84
N GLU A 66 -36.99 -32.89 16.87
CA GLU A 66 -37.98 -32.44 17.89
C GLU A 66 -37.53 -32.85 19.30
N ALA A 67 -36.85 -33.99 19.45
CA ALA A 67 -36.48 -34.53 20.78
C ALA A 67 -35.36 -33.70 21.39
N ASP A 68 -34.57 -33.01 20.58
CA ASP A 68 -33.37 -32.22 21.02
C ASP A 68 -33.79 -30.84 21.58
N TYR A 69 -35.03 -30.39 21.34
CA TYR A 69 -35.52 -29.05 21.77
C TYR A 69 -35.33 -28.92 23.29
N ALA A 70 -35.88 -29.83 24.08
CA ALA A 70 -35.83 -29.82 25.56
C ALA A 70 -34.39 -29.81 26.05
N ASN A 71 -33.53 -30.68 25.50
CA ASN A 71 -32.10 -30.82 25.87
C ASN A 71 -31.40 -29.47 25.65
N ASN A 72 -31.59 -28.88 24.47
CA ASN A 72 -30.95 -27.60 24.10
C ASN A 72 -31.44 -26.46 25.02
N LEU A 73 -32.71 -26.47 25.39
CA LEU A 73 -33.29 -25.42 26.27
C LEU A 73 -32.68 -25.56 27.65
N GLN A 74 -32.48 -26.80 28.13
CA GLN A 74 -31.87 -27.09 29.46
C GLN A 74 -30.41 -26.64 29.47
N GLN A 75 -29.65 -26.98 28.42
CA GLN A 75 -28.23 -26.53 28.23
C GLN A 75 -28.16 -25.00 28.30
N ALA A 76 -29.00 -24.31 27.51
CA ALA A 76 -29.06 -22.84 27.42
C ALA A 76 -29.30 -22.20 28.81
N ALA A 77 -30.09 -22.85 29.67
CA ALA A 77 -30.44 -22.33 31.02
C ALA A 77 -29.20 -22.33 31.94
N GLY A 78 -28.20 -23.15 31.61
CA GLY A 78 -26.88 -23.14 32.27
C GLY A 78 -26.29 -21.73 32.38
N SER A 79 -26.19 -21.00 31.26
CA SER A 79 -25.40 -19.73 31.17
C SER A 79 -26.20 -18.54 30.63
N TYR A 80 -27.39 -18.75 30.04
CA TYR A 80 -28.17 -17.69 29.34
C TYR A 80 -29.45 -17.40 30.13
N ASN A 81 -29.82 -16.13 30.29
CA ASN A 81 -31.07 -15.74 31.01
C ASN A 81 -32.10 -15.16 30.03
N LEU A 82 -31.78 -15.12 28.74
CA LEU A 82 -32.77 -14.85 27.68
C LEU A 82 -32.58 -15.88 26.56
N ILE A 83 -33.62 -16.68 26.32
CA ILE A 83 -33.57 -17.88 25.46
C ILE A 83 -34.70 -17.79 24.44
N PHE A 84 -34.34 -17.77 23.17
CA PHE A 84 -35.26 -17.73 22.01
C PHE A 84 -35.43 -19.15 21.50
N GLY A 85 -36.69 -19.61 21.43
CA GLY A 85 -37.08 -20.76 20.60
C GLY A 85 -37.52 -20.26 19.23
N VAL A 86 -36.76 -20.63 18.21
CA VAL A 86 -36.95 -20.12 16.82
C VAL A 86 -37.75 -21.16 16.01
N GLY A 87 -39.08 -21.01 16.00
CA GLY A 87 -39.99 -21.83 15.18
C GLY A 87 -41.20 -22.29 15.98
N PHE A 88 -42.34 -22.46 15.33
CA PHE A 88 -43.64 -22.80 15.98
C PHE A 88 -43.50 -24.15 16.70
N ALA A 89 -42.74 -25.09 16.14
CA ALA A 89 -42.57 -26.48 16.66
C ALA A 89 -42.05 -26.47 18.11
N LEU A 90 -41.26 -25.45 18.50
CA LEU A 90 -40.67 -25.40 19.86
C LEU A 90 -41.72 -24.98 20.89
N ASN A 91 -42.98 -24.80 20.50
CA ASN A 91 -44.06 -24.32 21.41
C ASN A 91 -44.00 -25.11 22.72
N ASN A 92 -44.21 -26.43 22.67
CA ASN A 92 -44.40 -27.27 23.90
C ASN A 92 -43.13 -27.25 24.75
N ALA A 93 -41.97 -27.33 24.11
CA ALA A 93 -40.65 -27.42 24.78
C ALA A 93 -40.35 -26.11 25.55
N VAL A 94 -40.67 -24.95 24.97
CA VAL A 94 -40.48 -23.63 25.62
C VAL A 94 -41.43 -23.51 26.82
N LYS A 95 -42.70 -23.90 26.65
CA LYS A 95 -43.72 -23.94 27.73
C LYS A 95 -43.10 -24.65 28.94
N ASP A 96 -42.54 -25.85 28.74
CA ASP A 96 -42.03 -26.75 29.81
C ASP A 96 -40.78 -26.15 30.45
N ALA A 97 -39.84 -25.64 29.66
CA ALA A 97 -38.61 -24.98 30.13
C ALA A 97 -38.94 -23.72 30.96
N ALA A 98 -39.90 -22.92 30.51
CA ALA A 98 -40.28 -21.66 31.19
C ALA A 98 -40.86 -21.95 32.57
N LYS A 99 -41.52 -23.11 32.75
CA LYS A 99 -42.10 -23.56 34.03
C LYS A 99 -41.03 -24.10 34.97
N GLU A 100 -39.95 -24.71 34.46
CA GLU A 100 -38.81 -25.23 35.27
C GLU A 100 -37.94 -24.08 35.77
N HIS A 101 -37.78 -23.03 34.95
CA HIS A 101 -36.86 -21.88 35.18
C HIS A 101 -37.66 -20.57 35.16
N THR A 102 -38.39 -20.27 36.23
CA THR A 102 -39.29 -19.08 36.31
C THR A 102 -38.46 -17.81 36.44
N ASP A 103 -37.16 -17.94 36.71
CA ASP A 103 -36.21 -16.81 36.89
C ASP A 103 -35.64 -16.37 35.53
N LEU A 104 -35.68 -17.23 34.50
CA LEU A 104 -35.16 -16.93 33.14
C LEU A 104 -36.30 -16.46 32.25
N ASN A 105 -36.00 -15.73 31.18
CA ASN A 105 -36.98 -15.21 30.21
C ASN A 105 -36.87 -15.95 28.88
N TYR A 106 -38.02 -16.27 28.27
CA TYR A 106 -38.11 -17.09 27.04
C TYR A 106 -38.91 -16.34 25.99
N VAL A 107 -38.52 -16.51 24.73
CA VAL A 107 -39.23 -15.90 23.58
C VAL A 107 -39.55 -17.01 22.60
N LEU A 108 -40.82 -17.12 22.21
CA LEU A 108 -41.22 -18.06 21.14
C LEU A 108 -41.47 -17.23 19.88
N ILE A 109 -40.80 -17.60 18.78
CA ILE A 109 -40.96 -16.95 17.46
C ILE A 109 -41.87 -17.82 16.60
N ASP A 110 -42.95 -17.21 16.09
CA ASP A 110 -43.90 -17.77 15.08
C ASP A 110 -45.04 -18.56 15.75
N ASP A 111 -45.20 -18.50 17.06
CA ASP A 111 -46.40 -19.06 17.72
C ASP A 111 -46.61 -18.37 19.07
N VAL A 112 -47.74 -18.64 19.72
CA VAL A 112 -48.24 -17.93 20.94
C VAL A 112 -48.30 -18.92 22.09
N ILE A 113 -47.75 -18.53 23.24
CA ILE A 113 -47.90 -19.21 24.55
C ILE A 113 -48.61 -18.21 25.47
N LYS A 114 -49.72 -18.60 26.11
CA LYS A 114 -50.53 -17.68 26.95
C LYS A 114 -50.26 -17.95 28.43
N ASP A 115 -50.36 -16.90 29.25
CA ASP A 115 -50.51 -17.00 30.74
C ASP A 115 -49.18 -17.39 31.40
N GLN A 116 -48.04 -17.31 30.71
CA GLN A 116 -46.70 -17.54 31.32
C GLN A 116 -45.97 -16.19 31.38
N LYS A 117 -45.73 -15.68 32.59
CA LYS A 117 -45.14 -14.33 32.83
C LYS A 117 -43.76 -14.23 32.16
N ASN A 118 -42.98 -15.32 32.12
CA ASN A 118 -41.57 -15.29 31.67
C ASN A 118 -41.48 -15.72 30.20
N VAL A 119 -42.58 -15.63 29.45
CA VAL A 119 -42.60 -15.94 28.00
C VAL A 119 -43.26 -14.82 27.22
N ALA A 120 -42.53 -14.27 26.25
CA ALA A 120 -43.04 -13.39 25.17
C ALA A 120 -43.22 -14.23 23.92
N SER A 121 -44.20 -13.86 23.11
CA SER A 121 -44.58 -14.53 21.86
C SER A 121 -44.50 -13.49 20.74
N VAL A 122 -43.90 -13.89 19.64
CA VAL A 122 -43.67 -13.01 18.47
C VAL A 122 -44.30 -13.71 17.27
N THR A 123 -45.18 -13.02 16.55
CA THR A 123 -45.83 -13.50 15.30
C THR A 123 -45.58 -12.46 14.22
N PHE A 124 -45.58 -12.92 12.98
CA PHE A 124 -45.48 -12.06 11.78
C PHE A 124 -46.74 -12.28 10.93
N ALA A 125 -47.27 -11.18 10.38
CA ALA A 125 -48.30 -11.17 9.32
C ALA A 125 -47.64 -11.60 8.01
N ASP A 126 -47.29 -12.88 7.90
CA ASP A 126 -46.60 -13.45 6.72
C ASP A 126 -47.58 -13.50 5.55
N ASN A 127 -48.89 -13.45 5.84
CA ASN A 127 -49.96 -13.34 4.82
C ASN A 127 -49.80 -12.01 4.05
N GLU A 128 -49.51 -10.91 4.75
CA GLU A 128 -49.40 -9.56 4.14
C GLU A 128 -48.18 -9.52 3.20
N SER A 129 -47.03 -10.08 3.58
CA SER A 129 -45.85 -10.13 2.68
C SER A 129 -46.12 -11.15 1.56
N GLY A 130 -46.77 -12.27 1.88
CA GLY A 130 -47.19 -13.27 0.87
C GLY A 130 -48.03 -12.62 -0.22
N TYR A 131 -49.02 -11.82 0.17
CA TYR A 131 -49.89 -11.04 -0.74
C TYR A 131 -49.04 -10.25 -1.73
N LEU A 132 -48.12 -9.41 -1.25
CA LEU A 132 -47.21 -8.60 -2.11
C LEU A 132 -46.41 -9.52 -3.03
N ALA A 133 -45.94 -10.66 -2.53
CA ALA A 133 -45.22 -11.66 -3.34
C ALA A 133 -46.15 -12.18 -4.44
N GLY A 134 -47.44 -12.36 -4.13
CA GLY A 134 -48.48 -12.80 -5.09
C GLY A 134 -48.67 -11.77 -6.18
N VAL A 135 -48.87 -10.51 -5.79
CA VAL A 135 -48.98 -9.35 -6.72
C VAL A 135 -47.75 -9.33 -7.62
N ALA A 136 -46.56 -9.41 -7.04
CA ALA A 136 -45.30 -9.36 -7.82
C ALA A 136 -45.33 -10.49 -8.84
N ALA A 137 -45.66 -11.71 -8.41
CA ALA A 137 -45.64 -12.95 -9.24
C ALA A 137 -46.60 -12.80 -10.42
N ALA A 138 -47.83 -12.36 -10.16
CA ALA A 138 -48.90 -12.15 -11.16
C ALA A 138 -48.41 -11.18 -12.25
N LYS A 139 -47.74 -10.10 -11.87
CA LYS A 139 -47.33 -9.02 -12.81
C LYS A 139 -46.08 -9.44 -13.59
N THR A 140 -45.53 -10.65 -13.43
CA THR A 140 -44.32 -11.06 -14.19
C THR A 140 -44.49 -12.44 -14.89
N THR A 141 -45.47 -13.27 -14.52
CA THR A 141 -45.70 -14.60 -15.16
C THR A 141 -45.93 -14.43 -16.67
N LYS A 142 -45.25 -15.25 -17.48
CA LYS A 142 -45.51 -15.41 -18.93
C LYS A 142 -46.51 -16.55 -19.14
N THR A 143 -46.31 -17.68 -18.45
CA THR A 143 -47.08 -18.93 -18.63
C THR A 143 -48.40 -18.89 -17.86
N LYS A 144 -48.62 -17.86 -17.02
CA LYS A 144 -49.81 -17.68 -16.15
C LYS A 144 -49.96 -18.91 -15.24
N GLN A 145 -48.83 -19.44 -14.78
CA GLN A 145 -48.76 -20.59 -13.84
C GLN A 145 -47.55 -20.39 -12.91
N VAL A 146 -47.80 -20.41 -11.59
CA VAL A 146 -46.76 -20.14 -10.55
C VAL A 146 -46.79 -21.27 -9.53
N GLY A 147 -45.65 -21.50 -8.89
CA GLY A 147 -45.45 -22.56 -7.87
C GLY A 147 -45.33 -22.01 -6.46
N PHE A 148 -45.74 -22.82 -5.48
CA PHE A 148 -45.58 -22.57 -4.03
C PHE A 148 -45.07 -23.85 -3.38
N VAL A 149 -43.85 -23.82 -2.87
CA VAL A 149 -43.20 -24.95 -2.16
C VAL A 149 -43.17 -24.61 -0.66
N GLY A 150 -44.06 -25.22 0.13
CA GLY A 150 -44.13 -25.05 1.59
C GLY A 150 -43.26 -26.07 2.29
N GLY A 151 -42.86 -25.80 3.54
CA GLY A 151 -42.09 -26.77 4.34
C GLY A 151 -43.01 -27.81 4.96
N ILE A 152 -43.58 -27.47 6.12
CA ILE A 152 -44.47 -28.34 6.92
C ILE A 152 -45.86 -27.70 6.93
N GLU A 153 -46.89 -28.47 6.59
CA GLU A 153 -48.31 -28.02 6.67
C GLU A 153 -48.54 -27.53 8.10
N SER A 154 -48.97 -26.27 8.24
CA SER A 154 -49.04 -25.58 9.55
C SER A 154 -49.80 -24.26 9.40
N GLU A 155 -50.29 -23.73 10.52
CA GLU A 155 -50.87 -22.38 10.68
C GLU A 155 -49.93 -21.36 10.00
N VAL A 156 -48.63 -21.44 10.31
CA VAL A 156 -47.60 -20.45 9.87
C VAL A 156 -47.47 -20.46 8.35
N ILE A 157 -47.31 -21.63 7.73
CA ILE A 157 -47.08 -21.71 6.25
C ILE A 157 -48.42 -21.52 5.52
N SER A 158 -49.55 -21.84 6.17
CA SER A 158 -50.91 -21.56 5.66
C SER A 158 -51.10 -20.05 5.46
N ARG A 159 -50.51 -19.22 6.33
CA ARG A 159 -50.62 -17.73 6.22
C ARG A 159 -49.95 -17.28 4.93
N PHE A 160 -48.72 -17.73 4.68
CA PHE A 160 -47.97 -17.42 3.44
C PHE A 160 -48.82 -17.84 2.24
N GLU A 161 -49.33 -19.08 2.26
CA GLU A 161 -50.09 -19.71 1.14
C GLU A 161 -51.35 -18.90 0.84
N ALA A 162 -52.21 -18.68 1.84
CA ALA A 162 -53.48 -17.91 1.74
C ALA A 162 -53.16 -16.50 1.21
N GLY A 163 -52.22 -15.82 1.83
CA GLY A 163 -51.75 -14.48 1.40
C GLY A 163 -51.30 -14.48 -0.05
N PHE A 164 -50.46 -15.45 -0.44
CA PHE A 164 -49.86 -15.53 -1.80
C PHE A 164 -50.97 -15.74 -2.84
N LYS A 165 -51.91 -16.64 -2.58
CA LYS A 165 -53.04 -16.95 -3.49
C LYS A 165 -53.91 -15.70 -3.66
N ALA A 166 -54.35 -15.10 -2.54
CA ALA A 166 -55.16 -13.87 -2.50
C ALA A 166 -54.48 -12.78 -3.36
N GLY A 167 -53.15 -12.72 -3.34
CA GLY A 167 -52.34 -11.66 -3.98
C GLY A 167 -52.25 -11.88 -5.47
N VAL A 168 -52.09 -13.12 -5.90
CA VAL A 168 -52.13 -13.50 -7.34
C VAL A 168 -53.53 -13.21 -7.89
N ALA A 169 -54.58 -13.61 -7.19
CA ALA A 169 -56.01 -13.45 -7.56
C ALA A 169 -56.37 -11.96 -7.73
N SER A 170 -55.84 -11.08 -6.89
CA SER A 170 -56.16 -9.63 -6.87
C SER A 170 -55.71 -8.95 -8.18
N VAL A 171 -54.80 -9.59 -8.93
CA VAL A 171 -54.26 -9.11 -10.22
C VAL A 171 -54.91 -9.87 -11.38
N ASP A 172 -55.10 -11.20 -11.26
CA ASP A 172 -55.53 -12.09 -12.36
C ASP A 172 -55.90 -13.47 -11.81
N PRO A 173 -57.19 -13.77 -11.51
CA PRO A 173 -57.57 -15.08 -10.99
C PRO A 173 -57.48 -16.25 -11.99
N SER A 174 -57.20 -15.95 -13.27
CA SER A 174 -56.89 -16.95 -14.33
C SER A 174 -55.73 -17.84 -13.88
N ILE A 175 -54.73 -17.24 -13.20
CA ILE A 175 -53.37 -17.80 -12.95
C ILE A 175 -53.50 -18.96 -11.97
N LYS A 176 -52.89 -20.10 -12.32
CA LYS A 176 -52.93 -21.35 -11.52
C LYS A 176 -51.72 -21.36 -10.58
N VAL A 177 -52.00 -21.62 -9.32
CA VAL A 177 -50.97 -21.77 -8.25
C VAL A 177 -50.88 -23.26 -7.91
N GLN A 178 -49.82 -23.93 -8.37
CA GLN A 178 -49.48 -25.30 -7.93
C GLN A 178 -48.85 -25.24 -6.53
N VAL A 179 -49.49 -25.88 -5.56
CA VAL A 179 -49.06 -25.94 -4.13
C VAL A 179 -48.58 -27.37 -3.84
N ASP A 180 -47.39 -27.51 -3.27
CA ASP A 180 -46.78 -28.78 -2.83
C ASP A 180 -45.99 -28.50 -1.55
N TYR A 181 -45.92 -29.47 -0.64
CA TYR A 181 -45.27 -29.35 0.69
C TYR A 181 -44.22 -30.44 0.80
N ALA A 182 -43.03 -30.12 1.31
CA ALA A 182 -41.88 -31.02 1.37
C ALA A 182 -41.90 -31.87 2.64
N GLY A 183 -42.72 -31.47 3.62
CA GLY A 183 -42.85 -32.16 4.93
C GLY A 183 -41.67 -31.88 5.84
N SER A 184 -40.85 -30.88 5.52
CA SER A 184 -39.60 -30.54 6.27
C SER A 184 -39.09 -29.15 5.88
N PHE A 185 -38.33 -28.53 6.78
CA PHE A 185 -37.62 -27.24 6.58
C PHE A 185 -36.11 -27.47 6.39
N GLY A 186 -35.65 -28.72 6.37
CA GLY A 186 -34.21 -29.07 6.27
C GLY A 186 -33.95 -30.23 5.33
N ASP A 187 -34.58 -30.21 4.14
CA ASP A 187 -34.56 -31.31 3.14
C ASP A 187 -34.43 -30.71 1.72
N ALA A 188 -33.21 -30.30 1.35
CA ALA A 188 -32.87 -29.71 0.04
C ALA A 188 -33.30 -30.64 -1.11
N ALA A 189 -33.05 -31.94 -0.99
CA ALA A 189 -33.35 -32.95 -2.05
C ALA A 189 -34.84 -32.95 -2.41
N LYS A 190 -35.73 -32.82 -1.43
CA LYS A 190 -37.21 -32.83 -1.70
C LYS A 190 -37.61 -31.52 -2.38
N GLY A 191 -37.00 -30.40 -1.98
CA GLY A 191 -37.18 -29.08 -2.63
C GLY A 191 -36.80 -29.15 -4.11
N LYS A 192 -35.66 -29.77 -4.41
CA LYS A 192 -35.16 -29.93 -5.80
C LYS A 192 -36.22 -30.66 -6.63
N THR A 193 -36.74 -31.80 -6.15
CA THR A 193 -37.66 -32.66 -6.96
C THR A 193 -39.03 -31.97 -7.06
N ILE A 194 -39.51 -31.28 -6.01
CA ILE A 194 -40.82 -30.55 -6.08
C ILE A 194 -40.69 -29.38 -7.06
N ALA A 195 -39.58 -28.64 -7.03
CA ALA A 195 -39.31 -27.51 -7.94
C ALA A 195 -39.24 -28.04 -9.38
N ALA A 196 -38.45 -29.09 -9.59
CA ALA A 196 -38.29 -29.76 -10.91
C ALA A 196 -39.69 -30.04 -11.50
N ALA A 197 -40.58 -30.64 -10.70
CA ALA A 197 -41.96 -31.04 -11.09
C ALA A 197 -42.80 -29.79 -11.41
N GLN A 198 -42.72 -28.76 -10.58
CA GLN A 198 -43.56 -27.53 -10.75
C GLN A 198 -43.12 -26.81 -12.04
N TYR A 199 -41.81 -26.74 -12.31
CA TYR A 199 -41.26 -26.04 -13.50
C TYR A 199 -41.65 -26.83 -14.75
N ALA A 200 -41.45 -28.15 -14.72
CA ALA A 200 -41.83 -29.10 -15.79
C ALA A 200 -43.32 -28.96 -16.15
N ALA A 201 -44.20 -28.74 -15.18
CA ALA A 201 -45.66 -28.62 -15.37
C ALA A 201 -46.03 -27.21 -15.86
N GLY A 202 -45.05 -26.36 -16.14
CA GLY A 202 -45.25 -25.06 -16.83
C GLY A 202 -45.25 -23.84 -15.91
N ALA A 203 -44.88 -23.98 -14.63
CA ALA A 203 -44.62 -22.83 -13.73
C ALA A 203 -43.35 -22.10 -14.22
N ASP A 204 -43.36 -20.76 -14.19
CA ASP A 204 -42.15 -19.96 -14.53
C ASP A 204 -41.68 -19.15 -13.31
N ILE A 205 -42.39 -19.22 -12.19
CA ILE A 205 -42.03 -18.58 -10.88
C ILE A 205 -42.43 -19.54 -9.75
N VAL A 206 -41.50 -19.85 -8.85
CA VAL A 206 -41.78 -20.63 -7.61
C VAL A 206 -41.46 -19.77 -6.38
N TYR A 207 -42.46 -19.54 -5.52
CA TYR A 207 -42.31 -19.02 -4.13
C TYR A 207 -41.95 -20.19 -3.22
N GLN A 208 -40.72 -20.24 -2.69
CA GLN A 208 -40.25 -21.30 -1.75
C GLN A 208 -40.35 -20.77 -0.32
N VAL A 209 -41.20 -21.38 0.49
CA VAL A 209 -41.50 -21.00 1.91
C VAL A 209 -41.23 -22.25 2.75
N ALA A 210 -39.98 -22.73 2.72
CA ALA A 210 -39.59 -24.06 3.19
C ALA A 210 -38.23 -24.04 3.88
N GLY A 211 -37.75 -22.85 4.28
CA GLY A 211 -36.45 -22.69 4.93
C GLY A 211 -35.32 -23.25 4.08
N GLY A 212 -34.54 -24.16 4.65
CA GLY A 212 -33.36 -24.81 4.04
C GLY A 212 -33.72 -25.83 2.97
N THR A 213 -34.93 -26.40 3.04
CA THR A 213 -35.56 -27.17 1.94
C THR A 213 -35.46 -26.35 0.65
N GLY A 214 -35.52 -25.02 0.79
CA GLY A 214 -35.49 -24.05 -0.31
C GLY A 214 -34.18 -24.04 -1.06
N ALA A 215 -33.06 -24.41 -0.43
CA ALA A 215 -31.76 -24.53 -1.13
C ALA A 215 -31.94 -25.41 -2.38
N GLY A 216 -32.79 -26.45 -2.30
CA GLY A 216 -33.06 -27.36 -3.42
C GLY A 216 -33.76 -26.66 -4.57
N VAL A 217 -34.74 -25.79 -4.24
CA VAL A 217 -35.50 -24.99 -5.24
C VAL A 217 -34.51 -24.10 -6.02
N PHE A 218 -33.54 -23.50 -5.33
CA PHE A 218 -32.51 -22.61 -5.95
C PHE A 218 -31.64 -23.45 -6.87
N ALA A 219 -31.21 -24.62 -6.42
CA ALA A 219 -30.35 -25.57 -7.17
C ALA A 219 -31.05 -26.01 -8.47
N GLU A 220 -32.35 -26.31 -8.38
CA GLU A 220 -33.16 -26.73 -9.55
C GLU A 220 -33.21 -25.61 -10.60
N ALA A 221 -33.74 -24.45 -10.24
CA ALA A 221 -33.87 -23.24 -11.10
C ALA A 221 -32.50 -22.88 -11.69
N LYS A 222 -31.41 -23.05 -10.94
CA LYS A 222 -30.05 -22.78 -11.45
C LYS A 222 -29.77 -23.68 -12.65
N SER A 223 -29.97 -25.00 -12.52
CA SER A 223 -29.74 -26.00 -13.60
C SER A 223 -30.55 -25.65 -14.85
N LEU A 224 -31.84 -25.39 -14.72
CA LEU A 224 -32.72 -25.07 -15.88
C LEU A 224 -32.19 -23.82 -16.58
N ASN A 225 -31.85 -22.79 -15.80
CA ASN A 225 -31.45 -21.44 -16.30
C ASN A 225 -30.02 -21.49 -16.87
N GLU A 226 -29.13 -22.31 -16.28
CA GLU A 226 -27.72 -22.50 -16.71
C GLU A 226 -27.67 -23.14 -18.12
N SER A 227 -28.76 -23.75 -18.57
CA SER A 227 -28.87 -24.39 -19.91
C SER A 227 -30.04 -23.76 -20.68
N ARG A 228 -30.06 -22.43 -20.78
CA ARG A 228 -31.09 -21.69 -21.55
C ARG A 228 -30.61 -20.26 -21.80
N PRO A 229 -31.23 -19.54 -22.77
CA PRO A 229 -31.01 -18.10 -22.90
C PRO A 229 -31.53 -17.35 -21.66
N GLU A 230 -30.92 -16.20 -21.34
CA GLU A 230 -31.39 -15.28 -20.26
C GLU A 230 -32.84 -14.88 -20.55
N ASN A 231 -33.21 -14.75 -21.83
CA ASN A 231 -34.59 -14.42 -22.31
C ASN A 231 -35.64 -15.32 -21.65
N GLU A 232 -35.36 -16.62 -21.51
CA GLU A 232 -36.37 -17.66 -21.18
C GLU A 232 -36.18 -18.22 -19.77
N LYS A 233 -35.52 -17.47 -18.87
CA LYS A 233 -35.15 -17.99 -17.52
C LYS A 233 -36.43 -18.14 -16.70
N VAL A 234 -36.43 -19.07 -15.73
CA VAL A 234 -37.49 -19.22 -14.69
C VAL A 234 -37.03 -18.55 -13.41
N TRP A 235 -37.98 -18.05 -12.63
CA TRP A 235 -37.72 -17.24 -11.42
C TRP A 235 -37.98 -18.08 -10.16
N VAL A 236 -37.31 -17.73 -9.05
CA VAL A 236 -37.79 -18.08 -7.69
C VAL A 236 -37.94 -16.79 -6.89
N ILE A 237 -38.91 -16.79 -5.97
CA ILE A 237 -39.11 -15.75 -4.94
C ILE A 237 -38.50 -16.22 -3.61
N GLY A 238 -37.61 -15.40 -3.04
CA GLY A 238 -36.94 -15.63 -1.75
C GLY A 238 -37.87 -15.44 -0.57
N VAL A 239 -37.42 -15.86 0.63
CA VAL A 239 -38.25 -15.82 1.87
C VAL A 239 -37.35 -15.47 3.05
N ASP A 240 -37.89 -14.70 4.01
CA ASP A 240 -37.30 -14.41 5.35
C ASP A 240 -36.16 -13.39 5.23
N ARG A 241 -35.16 -13.64 4.39
CA ARG A 241 -34.04 -12.71 4.09
C ARG A 241 -34.07 -12.36 2.60
N ASP A 242 -33.35 -11.31 2.21
CA ASP A 242 -33.06 -11.02 0.78
C ASP A 242 -32.15 -12.13 0.28
N GLN A 243 -32.63 -12.95 -0.68
CA GLN A 243 -31.89 -14.15 -1.12
C GLN A 243 -31.26 -13.95 -2.51
N GLU A 244 -31.16 -12.69 -2.98
CA GLU A 244 -30.54 -12.32 -4.29
C GLU A 244 -29.25 -13.11 -4.55
N ALA A 245 -28.35 -13.20 -3.57
CA ALA A 245 -27.03 -13.87 -3.70
C ALA A 245 -27.19 -15.29 -4.22
N GLU A 246 -28.27 -15.99 -3.81
CA GLU A 246 -28.49 -17.44 -4.14
C GLU A 246 -28.90 -17.59 -5.60
N GLY A 247 -29.28 -16.50 -6.27
CA GLY A 247 -29.83 -16.48 -7.64
C GLY A 247 -28.80 -16.16 -8.72
N LYS A 248 -27.52 -16.03 -8.36
CA LYS A 248 -26.41 -15.73 -9.30
C LYS A 248 -26.16 -16.94 -10.20
N TYR A 249 -26.23 -16.77 -11.53
CA TYR A 249 -25.88 -17.82 -12.52
C TYR A 249 -25.36 -17.17 -13.82
N THR A 250 -24.67 -17.98 -14.63
CA THR A 250 -24.30 -17.68 -16.03
C THR A 250 -25.30 -18.40 -16.96
N SER A 251 -25.95 -17.63 -17.84
CA SER A 251 -26.83 -18.12 -18.94
C SER A 251 -26.06 -19.14 -19.78
N LYS A 252 -26.75 -19.89 -20.66
CA LYS A 252 -26.11 -20.80 -21.65
C LYS A 252 -25.36 -19.94 -22.68
N ASP A 253 -25.93 -18.78 -23.03
CA ASP A 253 -25.40 -17.83 -24.04
C ASP A 253 -24.48 -16.79 -23.37
N GLY A 254 -23.66 -17.19 -22.39
CA GLY A 254 -22.47 -16.46 -21.91
C GLY A 254 -22.75 -15.40 -20.84
N LYS A 255 -24.00 -14.96 -20.68
CA LYS A 255 -24.40 -13.76 -19.88
C LYS A 255 -24.56 -14.10 -18.40
N GLU A 256 -23.93 -13.32 -17.51
CA GLU A 256 -24.16 -13.36 -16.04
C GLU A 256 -25.48 -12.65 -15.73
N SER A 257 -26.34 -13.27 -14.92
CA SER A 257 -27.68 -12.75 -14.54
C SER A 257 -28.09 -13.27 -13.15
N ASN A 258 -29.37 -13.16 -12.83
CA ASN A 258 -29.92 -13.48 -11.48
C ASN A 258 -31.39 -13.86 -11.63
N PHE A 259 -31.79 -15.02 -11.09
CA PHE A 259 -33.15 -15.58 -11.24
C PHE A 259 -33.99 -15.39 -9.97
N VAL A 260 -33.49 -14.69 -8.95
CA VAL A 260 -34.34 -14.27 -7.80
C VAL A 260 -35.13 -13.05 -8.23
N LEU A 261 -36.45 -13.15 -8.29
CA LEU A 261 -37.36 -12.07 -8.75
C LEU A 261 -37.49 -11.04 -7.64
N VAL A 262 -37.67 -11.51 -6.41
CA VAL A 262 -38.23 -10.74 -5.26
C VAL A 262 -38.04 -11.62 -4.03
N SER A 263 -38.02 -11.06 -2.82
CA SER A 263 -37.93 -11.81 -1.54
C SER A 263 -38.95 -11.23 -0.56
N THR A 264 -39.72 -12.09 0.11
CA THR A 264 -40.47 -11.68 1.33
C THR A 264 -39.47 -11.57 2.46
N LEU A 265 -39.57 -10.50 3.25
CA LEU A 265 -38.65 -10.25 4.40
C LEU A 265 -39.44 -10.47 5.67
N LYS A 266 -38.78 -11.08 6.64
CA LYS A 266 -39.31 -11.35 7.99
C LYS A 266 -38.19 -10.99 8.95
N GLN A 267 -38.32 -9.87 9.63
CA GLN A 267 -37.17 -9.23 10.34
C GLN A 267 -36.99 -9.96 11.67
N VAL A 268 -36.62 -11.25 11.62
CA VAL A 268 -36.45 -12.11 12.81
C VAL A 268 -35.23 -11.61 13.55
N GLY A 269 -34.13 -11.34 12.82
CA GLY A 269 -32.90 -10.76 13.39
C GLY A 269 -33.20 -9.50 14.19
N THR A 270 -33.96 -8.57 13.61
CA THR A 270 -34.31 -7.28 14.25
C THR A 270 -35.09 -7.55 15.55
N THR A 271 -36.05 -8.47 15.51
CA THR A 271 -36.84 -8.87 16.70
C THR A 271 -35.91 -9.40 17.80
N VAL A 272 -34.93 -10.22 17.45
CA VAL A 272 -34.02 -10.84 18.44
C VAL A 272 -33.26 -9.72 19.14
N LYS A 273 -32.77 -8.76 18.36
CA LYS A 273 -31.95 -7.62 18.85
C LYS A 273 -32.82 -6.74 19.76
N ASP A 274 -34.01 -6.37 19.32
CA ASP A 274 -34.88 -5.37 20.01
C ASP A 274 -35.36 -5.98 21.33
N ILE A 275 -35.75 -7.26 21.33
CA ILE A 275 -36.22 -7.91 22.58
C ILE A 275 -35.05 -8.20 23.52
N SER A 276 -33.89 -8.57 23.01
CA SER A 276 -32.65 -8.73 23.82
C SER A 276 -32.33 -7.43 24.54
N ASN A 277 -32.46 -6.28 23.88
CA ASN A 277 -32.27 -4.94 24.50
C ASN A 277 -33.36 -4.68 25.55
N LYS A 278 -34.62 -5.00 25.26
CA LYS A 278 -35.70 -4.79 26.26
C LYS A 278 -35.41 -5.64 27.50
N ALA A 279 -34.98 -6.89 27.29
CA ALA A 279 -34.68 -7.84 28.38
C ALA A 279 -33.57 -7.27 29.25
N GLU A 280 -32.52 -6.74 28.63
CA GLU A 280 -31.32 -6.23 29.34
C GLU A 280 -31.72 -5.01 30.19
N ARG A 281 -32.66 -4.16 29.70
CA ARG A 281 -33.10 -2.94 30.43
CA ARG A 281 -33.11 -2.95 30.42
C ARG A 281 -34.11 -3.29 31.51
N GLY A 282 -34.35 -4.58 31.78
CA GLY A 282 -35.35 -5.05 32.77
C GLY A 282 -36.78 -4.69 32.36
N GLU A 283 -37.06 -4.61 31.06
CA GLU A 283 -38.39 -4.31 30.47
C GLU A 283 -38.82 -5.43 29.50
N PHE A 284 -38.50 -6.68 29.84
CA PHE A 284 -38.89 -7.87 29.04
C PHE A 284 -40.41 -7.89 28.94
N PRO A 285 -40.99 -7.97 27.72
CA PRO A 285 -42.45 -8.00 27.55
C PRO A 285 -43.08 -9.38 27.83
N GLY A 286 -42.85 -9.90 29.05
CA GLY A 286 -43.42 -11.17 29.52
C GLY A 286 -44.93 -11.21 29.42
N GLY A 287 -45.50 -12.34 29.04
CA GLY A 287 -46.96 -12.58 28.93
C GLY A 287 -47.56 -11.91 27.69
N GLN A 288 -46.82 -11.06 26.98
CA GLN A 288 -47.35 -10.30 25.83
C GLN A 288 -47.13 -11.06 24.52
N VAL A 289 -47.91 -10.66 23.50
CA VAL A 289 -47.90 -11.21 22.11
C VAL A 289 -47.56 -10.05 21.19
N ILE A 290 -46.33 -10.01 20.69
CA ILE A 290 -45.86 -8.92 19.78
C ILE A 290 -46.20 -9.36 18.36
N VAL A 291 -47.12 -8.62 17.72
CA VAL A 291 -47.52 -8.84 16.30
C VAL A 291 -46.77 -7.84 15.42
N TYR A 292 -45.94 -8.35 14.52
CA TYR A 292 -45.21 -7.59 13.48
C TYR A 292 -45.97 -7.75 12.17
N SER A 293 -46.11 -6.65 11.45
CA SER A 293 -46.94 -6.58 10.22
C SER A 293 -46.24 -5.66 9.22
N LEU A 294 -46.93 -5.38 8.12
CA LEU A 294 -46.44 -4.47 7.05
C LEU A 294 -46.32 -3.05 7.63
N LYS A 295 -47.22 -2.66 8.54
CA LYS A 295 -47.27 -1.30 9.17
C LYS A 295 -45.90 -0.93 9.74
N ASP A 296 -45.36 -1.78 10.62
CA ASP A 296 -44.10 -1.52 11.39
C ASP A 296 -42.88 -2.12 10.67
N LYS A 297 -43.03 -2.61 9.44
CA LYS A 297 -41.92 -3.08 8.55
C LYS A 297 -41.24 -4.35 9.11
N GLY A 298 -41.95 -5.11 9.95
CA GLY A 298 -41.52 -6.42 10.46
C GLY A 298 -41.57 -7.49 9.38
N VAL A 299 -42.53 -7.40 8.48
CA VAL A 299 -42.53 -8.09 7.16
C VAL A 299 -42.47 -7.02 6.08
N ASP A 300 -41.88 -7.34 4.93
CA ASP A 300 -41.86 -6.44 3.76
C ASP A 300 -41.57 -7.28 2.51
N LEU A 301 -41.47 -6.63 1.35
CA LEU A 301 -40.99 -7.24 0.09
C LEU A 301 -39.78 -6.44 -0.42
N ALA A 302 -38.69 -7.14 -0.74
CA ALA A 302 -37.51 -6.60 -1.46
C ALA A 302 -37.75 -6.82 -2.95
N VAL A 303 -37.83 -5.73 -3.73
CA VAL A 303 -38.15 -5.79 -5.19
C VAL A 303 -36.86 -5.79 -6.00
N THR A 304 -36.00 -6.78 -5.70
CA THR A 304 -34.66 -7.04 -6.30
C THR A 304 -34.66 -6.78 -7.82
N ASN A 305 -35.21 -7.71 -8.61
CA ASN A 305 -35.12 -7.76 -10.10
C ASN A 305 -36.53 -7.61 -10.68
N LEU A 306 -37.47 -7.02 -9.95
CA LEU A 306 -38.87 -6.80 -10.42
C LEU A 306 -38.89 -5.64 -11.41
N SER A 307 -39.76 -5.68 -12.42
CA SER A 307 -40.02 -4.60 -13.40
C SER A 307 -40.71 -3.41 -12.70
N GLU A 308 -40.69 -2.24 -13.34
CA GLU A 308 -41.28 -0.97 -12.83
C GLU A 308 -42.81 -1.15 -12.64
N GLU A 309 -43.51 -1.83 -13.55
CA GLU A 309 -44.97 -2.09 -13.42
C GLU A 309 -45.22 -2.93 -12.16
N GLY A 310 -44.41 -3.97 -11.95
CA GLY A 310 -44.41 -4.80 -10.74
C GLY A 310 -44.27 -3.94 -9.49
N LYS A 311 -43.24 -3.09 -9.43
CA LYS A 311 -42.96 -2.24 -8.24
C LYS A 311 -44.19 -1.38 -7.92
N LYS A 312 -44.88 -0.84 -8.94
CA LYS A 312 -46.06 0.04 -8.76
C LYS A 312 -47.23 -0.78 -8.21
N ALA A 313 -47.50 -1.95 -8.79
CA ALA A 313 -48.55 -2.89 -8.33
C ALA A 313 -48.34 -3.22 -6.84
N VAL A 314 -47.08 -3.45 -6.43
CA VAL A 314 -46.71 -3.79 -5.02
C VAL A 314 -46.98 -2.58 -4.12
N GLU A 315 -46.49 -1.39 -4.47
CA GLU A 315 -46.67 -0.15 -3.67
C GLU A 315 -48.17 0.16 -3.48
N ASP A 316 -48.99 -0.10 -4.50
CA ASP A 316 -50.45 0.18 -4.49
C ASP A 316 -51.15 -0.84 -3.59
N ALA A 317 -50.74 -2.11 -3.68
CA ALA A 317 -51.25 -3.20 -2.82
C ALA A 317 -50.85 -2.96 -1.37
N LYS A 318 -49.59 -2.57 -1.14
CA LYS A 318 -49.06 -2.23 0.22
C LYS A 318 -49.93 -1.13 0.82
N ALA A 319 -50.10 -0.02 0.09
CA ALA A 319 -50.96 1.14 0.44
C ALA A 319 -52.33 0.63 0.91
N LYS A 320 -52.99 -0.19 0.11
CA LYS A 320 -54.36 -0.69 0.40
C LYS A 320 -54.37 -1.60 1.64
N ILE A 321 -53.29 -2.34 1.90
CA ILE A 321 -53.21 -3.23 3.10
C ILE A 321 -53.08 -2.33 4.34
N LEU A 322 -52.24 -1.29 4.26
CA LEU A 322 -52.00 -0.31 5.35
C LEU A 322 -53.27 0.50 5.64
N ASP A 323 -54.03 0.92 4.61
CA ASP A 323 -55.35 1.62 4.73
C ASP A 323 -56.33 0.76 5.54
N GLY A 324 -56.55 -0.48 5.09
CA GLY A 324 -57.60 -1.39 5.60
C GLY A 324 -58.60 -1.73 4.51
N SER A 325 -58.47 -1.13 3.32
CA SER A 325 -59.34 -1.37 2.14
C SER A 325 -59.26 -2.84 1.71
N VAL A 326 -58.04 -3.40 1.60
CA VAL A 326 -57.78 -4.86 1.34
C VAL A 326 -57.47 -5.52 2.68
N LYS A 327 -58.22 -6.56 3.04
CA LYS A 327 -57.93 -7.45 4.20
C LYS A 327 -57.43 -8.78 3.65
N VAL A 328 -56.26 -9.23 4.11
CA VAL A 328 -55.61 -10.48 3.61
C VAL A 328 -56.02 -11.64 4.51
N PRO A 329 -56.50 -12.77 3.96
CA PRO A 329 -56.84 -13.94 4.78
C PRO A 329 -55.63 -14.70 5.35
N GLU A 330 -55.83 -15.71 6.20
CA GLU A 330 -54.75 -16.48 6.92
C GLU A 330 -54.88 -17.99 6.68
N SER B 2 -29.06 26.17 -9.79
CA SER B 2 -29.90 27.29 -10.34
C SER B 2 -29.31 27.74 -11.69
N HIS B 3 -30.13 28.39 -12.53
CA HIS B 3 -29.89 28.65 -13.98
C HIS B 3 -30.52 27.51 -14.81
N HIS B 4 -29.71 26.61 -15.38
CA HIS B 4 -30.10 25.27 -15.91
C HIS B 4 -30.40 25.24 -17.44
N HIS B 5 -31.31 26.09 -17.93
CA HIS B 5 -31.85 26.04 -19.32
C HIS B 5 -32.93 24.94 -19.41
N HIS B 6 -32.61 23.68 -19.73
CA HIS B 6 -33.59 22.68 -20.23
C HIS B 6 -33.27 21.28 -19.70
N HIS B 7 -34.26 20.40 -19.71
CA HIS B 7 -34.33 19.23 -18.81
C HIS B 7 -35.31 18.23 -19.41
N HIS B 8 -34.98 16.94 -19.36
CA HIS B 8 -35.87 15.81 -19.72
C HIS B 8 -36.18 15.11 -18.42
N MET B 9 -37.29 14.38 -18.32
CA MET B 9 -37.80 13.78 -17.07
C MET B 9 -37.57 12.26 -17.12
N SER B 10 -36.62 11.76 -16.33
CA SER B 10 -36.14 10.36 -16.35
C SER B 10 -37.07 9.57 -15.43
N GLY B 11 -37.33 8.29 -15.73
CA GLY B 11 -38.18 7.41 -14.90
C GLY B 11 -37.37 6.85 -13.76
N GLU B 12 -37.49 5.54 -13.52
CA GLU B 12 -36.57 4.71 -12.70
C GLU B 12 -35.55 4.04 -13.64
N ASN B 13 -35.05 4.83 -14.60
CA ASN B 13 -34.02 4.44 -15.58
C ASN B 13 -32.63 4.88 -15.09
N LEU B 14 -32.55 5.91 -14.23
CA LEU B 14 -31.22 6.33 -13.71
C LEU B 14 -30.90 5.55 -12.43
N TYR B 15 -29.67 5.06 -12.33
CA TYR B 15 -29.23 4.10 -11.29
C TYR B 15 -27.79 4.38 -10.91
N PHE B 16 -27.37 3.82 -9.79
CA PHE B 16 -25.98 3.96 -9.28
C PHE B 16 -25.25 2.64 -9.53
N GLN B 17 -24.09 2.71 -10.21
CA GLN B 17 -23.20 1.54 -10.38
C GLN B 17 -22.54 1.29 -9.02
N GLY B 18 -22.57 0.04 -8.55
CA GLY B 18 -21.94 -0.34 -7.28
C GLY B 18 -20.65 -1.11 -7.46
N ALA B 19 -19.67 -0.88 -6.57
CA ALA B 19 -18.42 -1.68 -6.46
C ALA B 19 -18.76 -3.07 -5.93
N SER B 20 -17.89 -4.05 -6.13
CA SER B 20 -17.86 -5.32 -5.35
C SER B 20 -16.49 -5.42 -4.66
N ALA B 21 -16.48 -5.61 -3.33
CA ALA B 21 -15.30 -5.47 -2.47
C ALA B 21 -14.99 -6.78 -1.76
N ALA B 22 -13.72 -7.19 -1.71
CA ALA B 22 -13.27 -8.40 -0.99
C ALA B 22 -12.00 -8.08 -0.21
N ILE B 23 -11.82 -8.78 0.91
CA ILE B 23 -10.56 -8.78 1.71
C ILE B 23 -9.84 -10.09 1.45
N VAL B 24 -8.55 -10.01 1.16
CA VAL B 24 -7.60 -11.16 1.26
C VAL B 24 -6.95 -11.07 2.65
N THR B 25 -7.28 -12.06 3.46
CA THR B 25 -6.97 -12.18 4.91
C THR B 25 -5.54 -12.67 5.04
N ASP B 26 -4.85 -12.33 6.13
CA ASP B 26 -3.52 -12.89 6.47
C ASP B 26 -3.73 -14.24 7.21
N THR B 27 -2.65 -14.84 7.70
CA THR B 27 -2.60 -16.13 8.44
C THR B 27 -3.68 -16.22 9.55
N GLY B 28 -3.90 -15.15 10.32
CA GLY B 28 -4.78 -15.12 11.52
C GLY B 28 -6.19 -15.63 11.27
N GLY B 29 -6.77 -15.35 10.10
CA GLY B 29 -8.16 -15.73 9.73
C GLY B 29 -9.19 -14.72 10.24
N VAL B 30 -10.41 -14.76 9.69
CA VAL B 30 -11.50 -13.80 10.04
C VAL B 30 -12.05 -14.06 11.45
N ASP B 31 -11.56 -15.10 12.16
CA ASP B 31 -12.02 -15.49 13.52
C ASP B 31 -10.93 -15.20 14.56
N ASP B 32 -9.96 -14.32 14.22
CA ASP B 32 -8.80 -13.97 15.07
C ASP B 32 -9.20 -13.08 16.26
N LYS B 33 -10.47 -12.63 16.36
CA LYS B 33 -10.96 -11.75 17.46
C LYS B 33 -10.23 -10.40 17.46
N SER B 34 -9.56 -10.03 16.36
CA SER B 34 -8.64 -8.87 16.34
C SER B 34 -8.59 -8.25 14.94
N PHE B 35 -7.43 -8.31 14.31
CA PHE B 35 -7.08 -7.53 13.10
C PHE B 35 -7.95 -7.95 11.90
N ASN B 36 -7.88 -9.21 11.48
CA ASN B 36 -8.59 -9.68 10.27
C ASN B 36 -10.09 -9.67 10.57
N GLN B 37 -10.50 -10.00 11.79
CA GLN B 37 -11.93 -9.95 12.18
C GLN B 37 -12.45 -8.51 12.05
N SER B 38 -11.69 -7.51 12.51
CA SER B 38 -12.09 -6.09 12.42
C SER B 38 -12.40 -5.73 10.96
N ALA B 39 -11.51 -6.09 10.03
CA ALA B 39 -11.65 -5.85 8.57
C ALA B 39 -12.96 -6.48 8.06
N TRP B 40 -13.18 -7.75 8.40
CA TRP B 40 -14.37 -8.54 7.96
C TRP B 40 -15.65 -7.93 8.54
N GLU B 41 -15.65 -7.50 9.80
CA GLU B 41 -16.84 -6.90 10.46
C GLU B 41 -17.16 -5.59 9.73
N GLY B 42 -16.14 -4.88 9.27
CA GLY B 42 -16.28 -3.60 8.54
C GLY B 42 -16.86 -3.82 7.17
N LEU B 43 -16.38 -4.84 6.46
CA LEU B 43 -16.85 -5.18 5.09
C LEU B 43 -18.32 -5.63 5.14
N GLN B 44 -18.69 -6.42 6.15
CA GLN B 44 -20.09 -6.81 6.43
C GLN B 44 -20.98 -5.58 6.69
N ALA B 45 -20.50 -4.61 7.46
CA ALA B 45 -21.26 -3.38 7.79
C ALA B 45 -21.50 -2.55 6.53
N TRP B 46 -20.51 -2.52 5.63
CA TRP B 46 -20.60 -1.87 4.29
C TRP B 46 -21.61 -2.62 3.39
N GLY B 47 -21.58 -3.95 3.39
CA GLY B 47 -22.57 -4.75 2.65
C GLY B 47 -24.00 -4.40 3.08
N LYS B 48 -24.27 -4.40 4.38
CA LYS B 48 -25.59 -4.10 4.97
C LYS B 48 -26.08 -2.73 4.50
N GLU B 49 -25.20 -1.71 4.54
CA GLU B 49 -25.48 -0.31 4.12
C GLU B 49 -25.89 -0.26 2.64
N HIS B 50 -25.37 -1.16 1.81
CA HIS B 50 -25.59 -1.22 0.35
C HIS B 50 -26.57 -2.34 -0.02
N ASN B 51 -27.18 -2.99 0.97
CA ASN B 51 -28.25 -4.00 0.73
C ASN B 51 -27.65 -5.19 -0.06
N LEU B 52 -26.42 -5.55 0.23
CA LEU B 52 -25.69 -6.69 -0.38
C LEU B 52 -25.63 -7.82 0.65
N SER B 53 -25.17 -8.99 0.24
CA SER B 53 -24.92 -10.14 1.15
C SER B 53 -23.65 -10.87 0.72
N LYS B 54 -23.14 -11.77 1.57
CA LYS B 54 -21.92 -12.58 1.29
C LYS B 54 -22.04 -13.24 -0.09
N ASP B 55 -21.04 -13.03 -0.95
CA ASP B 55 -20.93 -13.57 -2.34
C ASP B 55 -21.98 -12.94 -3.27
N ASN B 56 -22.63 -11.87 -2.81
CA ASN B 56 -23.47 -10.96 -3.63
C ASN B 56 -23.02 -9.53 -3.33
N GLY B 57 -21.75 -9.24 -3.62
CA GLY B 57 -21.18 -7.87 -3.53
C GLY B 57 -19.97 -7.81 -2.64
N PHE B 58 -19.74 -8.82 -1.78
CA PHE B 58 -18.57 -8.84 -0.86
C PHE B 58 -18.30 -10.26 -0.36
N THR B 59 -17.04 -10.51 -0.05
CA THR B 59 -16.58 -11.80 0.53
C THR B 59 -15.13 -11.69 1.01
N TYR B 60 -14.63 -12.71 1.68
CA TYR B 60 -13.22 -12.79 2.11
C TYR B 60 -12.59 -14.02 1.47
N PHE B 61 -11.28 -13.95 1.23
CA PHE B 61 -10.40 -15.09 0.85
C PHE B 61 -9.37 -15.28 1.96
N GLN B 62 -9.50 -16.35 2.74
CA GLN B 62 -8.55 -16.69 3.84
C GLN B 62 -7.24 -17.20 3.23
N SER B 63 -6.10 -16.62 3.61
CA SER B 63 -4.76 -17.08 3.16
C SER B 63 -4.21 -18.11 4.13
N THR B 64 -3.76 -19.25 3.59
CA THR B 64 -3.28 -20.46 4.30
C THR B 64 -1.78 -20.32 4.61
N SER B 65 -1.07 -19.45 3.89
CA SER B 65 0.39 -19.17 3.97
C SER B 65 0.75 -18.02 3.01
N GLU B 66 2.02 -17.61 2.96
CA GLU B 66 2.54 -16.54 2.06
C GLU B 66 2.29 -16.91 0.58
N ALA B 67 2.33 -18.19 0.21
CA ALA B 67 2.20 -18.62 -1.20
C ALA B 67 0.75 -18.44 -1.68
N ASP B 68 -0.23 -18.44 -0.77
CA ASP B 68 -1.67 -18.34 -1.10
C ASP B 68 -2.08 -16.89 -1.40
N TYR B 69 -1.25 -15.89 -1.06
CA TYR B 69 -1.58 -14.45 -1.25
C TYR B 69 -1.90 -14.20 -2.73
N ALA B 70 -0.96 -14.54 -3.62
CA ALA B 70 -1.08 -14.33 -5.09
C ALA B 70 -2.30 -15.08 -5.64
N ASN B 71 -2.51 -16.34 -5.23
CA ASN B 71 -3.65 -17.20 -5.69
C ASN B 71 -4.95 -16.49 -5.30
N ASN B 72 -5.08 -16.08 -4.04
CA ASN B 72 -6.30 -15.43 -3.51
C ASN B 72 -6.55 -14.11 -4.22
N LEU B 73 -5.49 -13.35 -4.54
CA LEU B 73 -5.64 -12.05 -5.24
C LEU B 73 -6.15 -12.31 -6.66
N GLN B 74 -5.66 -13.36 -7.31
CA GLN B 74 -6.09 -13.75 -8.68
C GLN B 74 -7.55 -14.21 -8.68
N GLN B 75 -7.94 -15.07 -7.72
CA GLN B 75 -9.34 -15.51 -7.50
C GLN B 75 -10.24 -14.30 -7.33
N ALA B 76 -9.90 -13.39 -6.42
CA ALA B 76 -10.65 -12.16 -6.09
C ALA B 76 -10.88 -11.31 -7.35
N ALA B 77 -9.91 -11.26 -8.28
CA ALA B 77 -10.00 -10.44 -9.52
C ALA B 77 -11.08 -10.98 -10.45
N GLY B 78 -11.42 -12.27 -10.32
CA GLY B 78 -12.56 -12.90 -11.01
C GLY B 78 -13.84 -12.09 -10.89
N SER B 79 -14.26 -11.70 -9.67
CA SER B 79 -15.61 -11.12 -9.41
C SER B 79 -15.56 -9.77 -8.68
N TYR B 80 -14.43 -9.37 -8.08
CA TYR B 80 -14.33 -8.16 -7.21
C TYR B 80 -13.45 -7.11 -7.89
N ASN B 81 -13.84 -5.84 -7.84
CA ASN B 81 -13.07 -4.73 -8.46
C ASN B 81 -12.51 -3.80 -7.36
N LEU B 82 -12.72 -4.14 -6.09
CA LEU B 82 -12.01 -3.52 -4.95
C LEU B 82 -11.52 -4.63 -4.02
N ILE B 83 -10.20 -4.75 -3.87
CA ILE B 83 -9.54 -5.90 -3.19
C ILE B 83 -8.61 -5.35 -2.11
N PHE B 84 -8.85 -5.75 -0.86
CA PHE B 84 -8.07 -5.33 0.33
C PHE B 84 -7.11 -6.47 0.65
N GLY B 85 -5.81 -6.16 0.69
CA GLY B 85 -4.80 -7.01 1.32
C GLY B 85 -4.61 -6.58 2.75
N VAL B 86 -4.98 -7.45 3.69
CA VAL B 86 -5.01 -7.14 5.14
C VAL B 86 -3.74 -7.68 5.80
N GLY B 87 -2.71 -6.84 5.88
CA GLY B 87 -1.44 -7.13 6.57
C GLY B 87 -0.24 -6.69 5.74
N PHE B 88 0.84 -6.29 6.41
CA PHE B 88 2.08 -5.79 5.75
C PHE B 88 2.65 -6.86 4.82
N ALA B 89 2.55 -8.14 5.20
CA ALA B 89 3.13 -9.29 4.46
C ALA B 89 2.63 -9.34 3.00
N LEU B 90 1.41 -8.90 2.75
CA LEU B 90 0.79 -8.95 1.40
C LEU B 90 1.37 -7.87 0.48
N ASN B 91 2.34 -7.08 0.95
CA ASN B 91 2.91 -5.93 0.18
C ASN B 91 3.26 -6.39 -1.24
N ASN B 92 4.17 -7.36 -1.40
CA ASN B 92 4.74 -7.75 -2.73
C ASN B 92 3.65 -8.30 -3.63
N ALA B 93 2.75 -9.12 -3.07
CA ALA B 93 1.67 -9.82 -3.80
C ALA B 93 0.68 -8.79 -4.38
N VAL B 94 0.31 -7.78 -3.60
CA VAL B 94 -0.61 -6.69 -4.05
C VAL B 94 0.07 -5.86 -5.16
N LYS B 95 1.35 -5.50 -4.98
CA LYS B 95 2.18 -4.81 -6.01
C LYS B 95 1.99 -5.52 -7.36
N ASP B 96 2.20 -6.83 -7.38
CA ASP B 96 2.23 -7.68 -8.61
C ASP B 96 0.82 -7.76 -9.22
N ALA B 97 -0.19 -8.00 -8.40
CA ALA B 97 -1.60 -8.11 -8.81
C ALA B 97 -2.08 -6.77 -9.38
N ALA B 98 -1.71 -5.64 -8.77
CA ALA B 98 -2.15 -4.29 -9.19
C ALA B 98 -1.60 -3.97 -10.59
N LYS B 99 -0.42 -4.50 -10.93
CA LYS B 99 0.23 -4.33 -12.25
C LYS B 99 -0.41 -5.23 -13.31
N GLU B 100 -0.91 -6.42 -12.95
CA GLU B 100 -1.62 -7.36 -13.88
C GLU B 100 -3.02 -6.85 -14.21
N HIS B 101 -3.68 -6.21 -13.23
CA HIS B 101 -5.09 -5.76 -13.30
C HIS B 101 -5.17 -4.27 -13.03
N THR B 102 -4.80 -3.44 -14.00
CA THR B 102 -4.73 -1.95 -13.84
C THR B 102 -6.14 -1.37 -13.77
N ASP B 103 -7.16 -2.18 -14.11
CA ASP B 103 -8.58 -1.76 -14.16
C ASP B 103 -9.23 -1.94 -12.77
N LEU B 104 -8.66 -2.80 -11.91
CA LEU B 104 -9.17 -3.08 -10.55
C LEU B 104 -8.42 -2.19 -9.55
N ASN B 105 -9.03 -1.94 -8.39
CA ASN B 105 -8.45 -1.10 -7.31
C ASN B 105 -8.05 -1.98 -6.12
N TYR B 106 -6.90 -1.70 -5.51
CA TYR B 106 -6.30 -2.51 -4.41
C TYR B 106 -6.01 -1.60 -3.22
N VAL B 107 -6.17 -2.13 -2.02
CA VAL B 107 -5.85 -1.40 -0.77
C VAL B 107 -4.92 -2.28 0.07
N LEU B 108 -3.77 -1.73 0.46
CA LEU B 108 -2.87 -2.42 1.39
C LEU B 108 -3.07 -1.82 2.78
N ILE B 109 -3.35 -2.67 3.77
CA ILE B 109 -3.51 -2.25 5.19
C ILE B 109 -2.23 -2.61 5.95
N ASP B 110 -1.63 -1.60 6.59
CA ASP B 110 -0.49 -1.69 7.53
C ASP B 110 0.86 -1.61 6.81
N ASP B 111 0.90 -1.27 5.52
CA ASP B 111 2.17 -0.93 4.84
C ASP B 111 1.88 -0.04 3.64
N VAL B 112 2.93 0.50 3.03
CA VAL B 112 2.87 1.53 1.95
C VAL B 112 3.43 0.94 0.66
N ILE B 113 2.69 1.11 -0.43
CA ILE B 113 3.13 0.85 -1.82
C ILE B 113 3.08 2.20 -2.54
N LYS B 114 4.17 2.63 -3.20
CA LYS B 114 4.28 3.96 -3.83
C LYS B 114 4.10 3.85 -5.35
N ASP B 115 3.50 4.87 -5.96
CA ASP B 115 3.59 5.17 -7.41
C ASP B 115 2.75 4.18 -8.24
N GLN B 116 1.80 3.48 -7.62
CA GLN B 116 0.77 2.67 -8.36
C GLN B 116 -0.58 3.37 -8.21
N LYS B 117 -1.13 3.86 -9.33
CA LYS B 117 -2.40 4.63 -9.39
C LYS B 117 -3.54 3.84 -8.73
N ASN B 118 -3.58 2.52 -8.92
CA ASN B 118 -4.72 1.66 -8.54
C ASN B 118 -4.45 1.01 -7.17
N VAL B 119 -3.54 1.59 -6.37
CA VAL B 119 -3.26 1.12 -4.98
C VAL B 119 -3.32 2.28 -4.01
N ALA B 120 -4.18 2.16 -2.99
CA ALA B 120 -4.21 3.00 -1.77
C ALA B 120 -3.52 2.22 -0.65
N SER B 121 -2.89 2.95 0.28
CA SER B 121 -2.11 2.41 1.41
C SER B 121 -2.66 3.02 2.69
N VAL B 122 -2.88 2.19 3.70
CA VAL B 122 -3.50 2.61 4.99
C VAL B 122 -2.54 2.20 6.10
N THR B 123 -2.17 3.13 6.98
CA THR B 123 -1.30 2.91 8.17
C THR B 123 -2.02 3.42 9.41
N PHE B 124 -1.68 2.85 10.57
CA PHE B 124 -2.15 3.28 11.90
C PHE B 124 -0.94 3.67 12.75
N ALA B 125 -1.09 4.72 13.54
CA ALA B 125 -0.15 5.14 14.60
C ALA B 125 -0.33 4.21 15.80
N ASP B 126 0.13 2.96 15.64
CA ASP B 126 -0.04 1.89 16.66
C ASP B 126 0.87 2.19 17.85
N ASN B 127 1.90 3.02 17.63
CA ASN B 127 2.79 3.51 18.71
C ASN B 127 1.98 4.37 19.69
N GLU B 128 1.07 5.21 19.21
CA GLU B 128 0.28 6.14 20.06
C GLU B 128 -0.69 5.33 20.93
N SER B 129 -1.35 4.30 20.40
CA SER B 129 -2.24 3.44 21.23
C SER B 129 -1.38 2.57 22.16
N GLY B 130 -0.26 2.08 21.67
CA GLY B 130 0.72 1.33 22.49
C GLY B 130 1.11 2.11 23.72
N TYR B 131 1.48 3.39 23.52
CA TYR B 131 1.84 4.34 24.61
C TYR B 131 0.78 4.32 25.70
N LEU B 132 -0.49 4.58 25.34
CA LEU B 132 -1.62 4.60 26.31
C LEU B 132 -1.71 3.26 27.02
N ALA B 133 -1.52 2.15 26.29
CA ALA B 133 -1.51 0.80 26.88
C ALA B 133 -0.38 0.69 27.90
N GLY B 134 0.78 1.31 27.61
CA GLY B 134 1.95 1.35 28.51
C GLY B 134 1.63 2.12 29.79
N VAL B 135 1.07 3.32 29.65
CA VAL B 135 0.61 4.16 30.79
C VAL B 135 -0.36 3.33 31.63
N ALA B 136 -1.37 2.73 31.02
CA ALA B 136 -2.37 1.93 31.76
C ALA B 136 -1.64 0.82 32.54
N ALA B 137 -0.74 0.09 31.88
CA ALA B 137 0.00 -1.06 32.43
C ALA B 137 0.83 -0.64 33.66
N ALA B 138 1.58 0.45 33.53
CA ALA B 138 2.43 1.02 34.60
C ALA B 138 1.58 1.33 35.84
N LYS B 139 0.41 1.92 35.67
CA LYS B 139 -0.46 2.39 36.79
C LYS B 139 -1.18 1.21 37.45
N THR B 140 -0.99 -0.04 37.02
CA THR B 140 -1.71 -1.20 37.63
C THR B 140 -0.76 -2.35 38.04
N THR B 141 0.48 -2.42 37.54
CA THR B 141 1.44 -3.51 37.91
C THR B 141 1.69 -3.52 39.43
N LYS B 142 1.62 -4.70 40.05
CA LYS B 142 2.04 -4.93 41.46
C LYS B 142 3.51 -5.39 41.49
N THR B 143 3.90 -6.29 40.60
CA THR B 143 5.24 -6.90 40.52
C THR B 143 6.25 -5.97 39.82
N LYS B 144 5.79 -4.87 39.22
CA LYS B 144 6.62 -3.89 38.46
C LYS B 144 7.34 -4.60 37.32
N GLN B 145 6.69 -5.60 36.72
CA GLN B 145 7.19 -6.39 35.57
C GLN B 145 6.01 -6.73 34.64
N VAL B 146 6.12 -6.36 33.37
CA VAL B 146 5.04 -6.53 32.35
C VAL B 146 5.62 -7.24 31.12
N GLY B 147 4.75 -7.94 30.39
CA GLY B 147 5.10 -8.76 29.22
C GLY B 147 4.58 -8.15 27.93
N PHE B 148 5.29 -8.41 26.83
CA PHE B 148 4.91 -8.05 25.45
C PHE B 148 5.14 -9.27 24.56
N VAL B 149 4.06 -9.83 24.02
CA VAL B 149 4.11 -10.96 23.07
C VAL B 149 3.77 -10.43 21.68
N GLY B 150 4.78 -10.28 20.82
CA GLY B 150 4.63 -9.84 19.42
C GLY B 150 4.42 -11.03 18.52
N GLY B 151 3.82 -10.86 17.35
CA GLY B 151 3.68 -11.94 16.36
C GLY B 151 4.98 -12.11 15.59
N ILE B 152 5.23 -11.23 14.61
CA ILE B 152 6.41 -11.30 13.72
C ILE B 152 7.20 -10.00 13.85
N GLU B 153 8.51 -10.09 14.07
CA GLU B 153 9.43 -8.94 14.09
C GLU B 153 9.24 -8.19 12.77
N SER B 154 8.93 -6.90 12.86
CA SER B 154 8.47 -6.06 11.72
C SER B 154 8.39 -4.60 12.15
N GLU B 155 8.41 -3.70 11.17
CA GLU B 155 8.16 -2.24 11.34
C GLU B 155 6.85 -2.06 12.12
N VAL B 156 5.80 -2.79 11.75
CA VAL B 156 4.41 -2.65 12.32
C VAL B 156 4.42 -3.02 13.80
N ILE B 157 5.00 -4.15 14.19
CA ILE B 157 4.96 -4.61 15.61
C ILE B 157 6.01 -3.85 16.42
N SER B 158 7.06 -3.36 15.76
CA SER B 158 8.08 -2.46 16.37
C SER B 158 7.41 -1.17 16.87
N ARG B 159 6.40 -0.67 16.16
CA ARG B 159 5.66 0.56 16.56
C ARG B 159 4.96 0.32 17.88
N PHE B 160 4.20 -0.78 17.98
CA PHE B 160 3.49 -1.17 19.22
C PHE B 160 4.53 -1.27 20.35
N GLU B 161 5.64 -1.97 20.12
CA GLU B 161 6.70 -2.27 21.12
C GLU B 161 7.31 -0.95 21.64
N ALA B 162 7.83 -0.12 20.74
CA ALA B 162 8.45 1.19 21.06
C ALA B 162 7.43 2.06 21.82
N GLY B 163 6.22 2.20 21.30
CA GLY B 163 5.12 2.94 21.95
C GLY B 163 4.85 2.43 23.35
N PHE B 164 4.71 1.11 23.51
CA PHE B 164 4.36 0.47 24.80
C PHE B 164 5.47 0.72 25.83
N LYS B 165 6.73 0.55 25.45
CA LYS B 165 7.91 0.77 26.33
C LYS B 165 7.95 2.24 26.76
N ALA B 166 7.91 3.16 25.81
CA ALA B 166 7.89 4.63 26.04
C ALA B 166 6.80 4.98 27.07
N GLY B 167 5.67 4.29 27.00
CA GLY B 167 4.46 4.60 27.79
C GLY B 167 4.61 4.12 29.21
N VAL B 168 5.19 2.94 29.39
CA VAL B 168 5.55 2.39 30.73
C VAL B 168 6.60 3.30 31.39
N ALA B 169 7.65 3.69 30.64
CA ALA B 169 8.77 4.54 31.11
C ALA B 169 8.26 5.91 31.57
N SER B 170 7.27 6.49 30.90
CA SER B 170 6.74 7.85 31.17
C SER B 170 6.12 7.92 32.57
N VAL B 171 5.77 6.77 33.15
CA VAL B 171 5.15 6.63 34.49
C VAL B 171 6.21 6.15 35.51
N ASP B 172 7.07 5.19 35.12
CA ASP B 172 8.01 4.51 36.06
C ASP B 172 9.04 3.70 35.27
N PRO B 173 10.25 4.24 34.99
CA PRO B 173 11.29 3.48 34.28
C PRO B 173 11.90 2.29 35.04
N SER B 174 11.58 2.13 36.33
CA SER B 174 11.96 0.95 37.17
C SER B 174 11.44 -0.32 36.50
N ILE B 175 10.25 -0.24 35.90
CA ILE B 175 9.42 -1.41 35.46
C ILE B 175 10.11 -2.10 34.29
N LYS B 176 10.25 -3.42 34.36
CA LYS B 176 10.90 -4.25 33.31
C LYS B 176 9.83 -4.75 32.33
N VAL B 177 10.09 -4.55 31.03
CA VAL B 177 9.24 -5.04 29.93
C VAL B 177 9.95 -6.24 29.29
N GLN B 178 9.48 -7.45 29.58
CA GLN B 178 9.96 -8.69 28.91
C GLN B 178 9.28 -8.79 27.54
N VAL B 179 10.07 -8.79 26.47
CA VAL B 179 9.66 -8.86 25.05
C VAL B 179 10.03 -10.26 24.51
N ASP B 180 9.10 -10.91 23.83
CA ASP B 180 9.28 -12.20 23.12
C ASP B 180 8.37 -12.17 21.89
N TYR B 181 8.78 -12.82 20.82
CA TYR B 181 8.07 -12.86 19.52
C TYR B 181 7.76 -14.33 19.19
N ALA B 182 6.56 -14.62 18.70
CA ALA B 182 6.07 -15.98 18.43
C ALA B 182 6.49 -16.44 17.03
N GLY B 183 6.86 -15.50 16.17
CA GLY B 183 7.21 -15.75 14.76
C GLY B 183 5.99 -16.05 13.90
N SER B 184 4.78 -15.74 14.38
CA SER B 184 3.51 -16.01 13.66
C SER B 184 2.35 -15.22 14.27
N PHE B 185 1.32 -14.96 13.47
CA PHE B 185 0.03 -14.33 13.88
C PHE B 185 -1.09 -15.36 13.98
N GLY B 186 -0.82 -16.65 13.76
CA GLY B 186 -1.85 -17.70 13.72
C GLY B 186 -1.41 -18.98 14.44
N ASP B 187 -0.82 -18.85 15.63
CA ASP B 187 -0.17 -19.94 16.40
C ASP B 187 -0.48 -19.77 17.89
N ALA B 188 -1.70 -20.14 18.30
CA ALA B 188 -2.21 -20.07 19.69
C ALA B 188 -1.27 -20.80 20.65
N ALA B 189 -0.80 -22.00 20.30
CA ALA B 189 0.06 -22.86 21.15
C ALA B 189 1.36 -22.12 21.54
N LYS B 190 1.97 -21.37 20.62
CA LYS B 190 3.23 -20.64 20.92
C LYS B 190 2.94 -19.47 21.86
N GLY B 191 1.81 -18.79 21.67
CA GLY B 191 1.33 -17.72 22.56
C GLY B 191 1.14 -18.22 23.97
N LYS B 192 0.52 -19.40 24.12
CA LYS B 192 0.30 -20.05 25.44
C LYS B 192 1.65 -20.24 26.14
N THR B 193 2.65 -20.82 25.47
CA THR B 193 3.96 -21.16 26.12
C THR B 193 4.76 -19.87 26.37
N ILE B 194 4.72 -18.88 25.49
CA ILE B 194 5.43 -17.58 25.73
C ILE B 194 4.77 -16.84 26.92
N ALA B 195 3.44 -16.81 26.97
CA ALA B 195 2.68 -16.19 28.09
C ALA B 195 3.01 -16.92 29.39
N ALA B 196 2.92 -18.26 29.39
CA ALA B 196 3.26 -19.12 30.55
C ALA B 196 4.63 -18.70 31.12
N ALA B 197 5.64 -18.58 30.25
CA ALA B 197 7.04 -18.22 30.61
C ALA B 197 7.09 -16.79 31.18
N GLN B 198 6.41 -15.84 30.56
CA GLN B 198 6.45 -14.41 30.98
C GLN B 198 5.78 -14.27 32.36
N TYR B 199 4.67 -14.96 32.59
CA TYR B 199 3.91 -14.90 33.87
C TYR B 199 4.75 -15.57 34.98
N ALA B 200 5.30 -16.75 34.68
CA ALA B 200 6.20 -17.52 35.57
C ALA B 200 7.40 -16.65 36.02
N ALA B 201 7.95 -15.82 35.12
CA ALA B 201 9.12 -14.95 35.40
C ALA B 201 8.70 -13.69 36.14
N GLY B 202 7.44 -13.57 36.54
CA GLY B 202 6.95 -12.53 37.48
C GLY B 202 6.22 -11.38 36.80
N ALA B 203 5.89 -11.47 35.51
CA ALA B 203 4.99 -10.50 34.84
C ALA B 203 3.57 -10.69 35.38
N ASP B 204 2.84 -9.61 35.66
CA ASP B 204 1.42 -9.69 36.11
C ASP B 204 0.49 -9.04 35.06
N ILE B 205 1.05 -8.51 33.97
CA ILE B 205 0.31 -7.94 32.80
C ILE B 205 1.08 -8.35 31.53
N VAL B 206 0.41 -8.94 30.54
CA VAL B 206 0.96 -9.18 29.18
C VAL B 206 0.12 -8.43 28.14
N TYR B 207 0.77 -7.56 27.36
CA TYR B 207 0.22 -6.97 26.10
C TYR B 207 0.50 -7.97 24.96
N GLN B 208 -0.55 -8.60 24.40
CA GLN B 208 -0.44 -9.54 23.25
C GLN B 208 -0.75 -8.80 21.95
N VAL B 209 0.26 -8.68 21.08
CA VAL B 209 0.21 -7.95 19.78
C VAL B 209 0.60 -8.94 18.69
N ALA B 210 -0.16 -10.02 18.59
CA ALA B 210 0.20 -11.28 17.88
C ALA B 210 -1.02 -11.86 17.18
N GLY B 211 -2.08 -11.07 17.00
CA GLY B 211 -3.32 -11.51 16.34
C GLY B 211 -3.90 -12.74 17.01
N GLY B 212 -4.08 -13.83 16.24
CA GLY B 212 -4.67 -15.11 16.68
C GLY B 212 -3.74 -15.92 17.58
N THR B 213 -2.43 -15.72 17.43
CA THR B 213 -1.40 -16.20 18.40
C THR B 213 -1.82 -15.79 19.81
N GLY B 214 -2.50 -14.64 19.91
CA GLY B 214 -2.96 -14.06 21.20
C GLY B 214 -4.04 -14.89 21.88
N ALA B 215 -4.83 -15.67 21.16
CA ALA B 215 -5.80 -16.62 21.75
C ALA B 215 -5.08 -17.48 22.82
N GLY B 216 -3.83 -17.84 22.58
CA GLY B 216 -3.02 -18.63 23.52
C GLY B 216 -2.73 -17.89 24.80
N VAL B 217 -2.39 -16.60 24.69
CA VAL B 217 -2.13 -15.70 25.85
C VAL B 217 -3.39 -15.65 26.74
N PHE B 218 -4.57 -15.56 26.14
CA PHE B 218 -5.86 -15.52 26.87
C PHE B 218 -6.06 -16.85 27.60
N ALA B 219 -5.81 -17.97 26.90
CA ALA B 219 -5.97 -19.34 27.42
C ALA B 219 -5.04 -19.54 28.63
N GLU B 220 -3.80 -19.08 28.53
CA GLU B 220 -2.80 -19.20 29.63
C GLU B 220 -3.29 -18.44 30.87
N ALA B 221 -3.50 -17.12 30.76
CA ALA B 221 -3.98 -16.24 31.86
C ALA B 221 -5.27 -16.82 32.46
N LYS B 222 -6.16 -17.37 31.65
CA LYS B 222 -7.41 -18.00 32.16
C LYS B 222 -7.05 -19.14 33.13
N SER B 223 -6.18 -20.08 32.75
CA SER B 223 -5.72 -21.22 33.59
C SER B 223 -5.14 -20.73 34.92
N LEU B 224 -4.20 -19.77 34.88
CA LEU B 224 -3.54 -19.26 36.10
C LEU B 224 -4.60 -18.66 37.03
N ASN B 225 -5.51 -17.87 36.46
CA ASN B 225 -6.52 -17.07 37.21
C ASN B 225 -7.64 -17.99 37.71
N GLU B 226 -8.01 -19.02 36.94
CA GLU B 226 -9.07 -20.01 37.29
C GLU B 226 -8.65 -20.83 38.52
N SER B 227 -7.36 -20.85 38.87
CA SER B 227 -6.80 -21.57 40.05
C SER B 227 -6.08 -20.59 40.96
N ARG B 228 -6.74 -19.49 41.35
CA ARG B 228 -6.19 -18.49 42.29
C ARG B 228 -7.32 -17.63 42.83
N PRO B 229 -7.10 -16.88 43.93
CA PRO B 229 -8.03 -15.83 44.34
C PRO B 229 -8.10 -14.71 43.29
N GLU B 230 -9.26 -14.02 43.20
CA GLU B 230 -9.47 -12.82 42.34
C GLU B 230 -8.42 -11.76 42.72
N ASN B 231 -8.06 -11.68 44.01
CA ASN B 231 -7.03 -10.76 44.58
C ASN B 231 -5.74 -10.80 43.75
N GLU B 232 -5.30 -11.99 43.34
CA GLU B 232 -3.92 -12.26 42.83
C GLU B 232 -3.95 -12.58 41.33
N LYS B 233 -4.98 -12.13 40.61
CA LYS B 233 -5.16 -12.45 39.17
C LYS B 233 -4.07 -11.72 38.38
N VAL B 234 -3.68 -12.30 37.24
CA VAL B 234 -2.81 -11.65 36.22
C VAL B 234 -3.69 -11.12 35.09
N TRP B 235 -3.26 -10.03 34.48
CA TRP B 235 -3.99 -9.28 33.43
C TRP B 235 -3.42 -9.61 32.05
N VAL B 236 -4.26 -9.50 31.02
CA VAL B 236 -3.80 -9.27 29.62
C VAL B 236 -4.43 -7.99 29.10
N ILE B 237 -3.70 -7.31 28.21
CA ILE B 237 -4.18 -6.16 27.43
C ILE B 237 -4.57 -6.65 26.02
N GLY B 238 -5.80 -6.34 25.60
CA GLY B 238 -6.35 -6.66 24.27
C GLY B 238 -5.76 -5.78 23.19
N VAL B 239 -6.00 -6.13 21.92
CA VAL B 239 -5.41 -5.44 20.74
C VAL B 239 -6.43 -5.46 19.60
N ASP B 240 -6.49 -4.37 18.82
CA ASP B 240 -7.22 -4.20 17.53
C ASP B 240 -8.73 -4.02 17.79
N ARG B 241 -9.36 -4.93 18.53
CA ARG B 241 -10.79 -4.84 18.93
C ARG B 241 -10.87 -4.84 20.46
N ASP B 242 -12.01 -4.44 21.00
CA ASP B 242 -12.28 -4.56 22.46
C ASP B 242 -12.42 -6.05 22.76
N GLN B 243 -11.52 -6.61 23.57
CA GLN B 243 -11.43 -8.07 23.82
C GLN B 243 -11.91 -8.39 25.23
N GLU B 244 -12.65 -7.47 25.90
CA GLU B 244 -13.21 -7.69 27.27
C GLU B 244 -13.87 -9.06 27.39
N ALA B 245 -14.71 -9.45 26.41
CA ALA B 245 -15.47 -10.72 26.44
C ALA B 245 -14.52 -11.92 26.62
N GLU B 246 -13.29 -11.85 26.10
CA GLU B 246 -12.33 -12.98 26.10
C GLU B 246 -11.75 -13.18 27.50
N GLY B 247 -11.96 -12.23 28.41
CA GLY B 247 -11.36 -12.22 29.75
C GLY B 247 -12.29 -12.68 30.84
N LYS B 248 -13.49 -13.17 30.50
CA LYS B 248 -14.50 -13.68 31.48
C LYS B 248 -13.99 -15.00 32.10
N TYR B 249 -13.88 -15.07 33.42
CA TYR B 249 -13.53 -16.31 34.17
C TYR B 249 -14.15 -16.30 35.56
N THR B 250 -14.22 -17.49 36.17
CA THR B 250 -14.54 -17.71 37.60
C THR B 250 -13.23 -17.97 38.35
N SER B 251 -12.98 -17.17 39.38
CA SER B 251 -11.88 -17.33 40.36
C SER B 251 -11.93 -18.74 40.97
N LYS B 252 -10.88 -19.17 41.67
CA LYS B 252 -10.86 -20.44 42.43
C LYS B 252 -11.83 -20.33 43.61
N ASP B 253 -11.92 -19.14 44.21
CA ASP B 253 -12.75 -18.85 45.42
C ASP B 253 -14.15 -18.36 45.00
N GLY B 254 -14.73 -18.90 43.91
CA GLY B 254 -16.16 -18.76 43.56
C GLY B 254 -16.55 -17.45 42.85
N LYS B 255 -15.66 -16.46 42.77
CA LYS B 255 -15.95 -15.07 42.28
C LYS B 255 -15.86 -14.99 40.75
N GLU B 256 -16.90 -14.48 40.10
CA GLU B 256 -16.92 -14.21 38.64
C GLU B 256 -16.24 -12.84 38.42
N SER B 257 -15.30 -12.76 37.47
CA SER B 257 -14.48 -11.54 37.23
C SER B 257 -14.00 -11.50 35.77
N ASN B 258 -12.97 -10.69 35.49
CA ASN B 258 -12.49 -10.41 34.11
C ASN B 258 -11.04 -9.96 34.21
N PHE B 259 -10.15 -10.60 33.44
CA PHE B 259 -8.67 -10.35 33.50
C PHE B 259 -8.20 -9.51 32.32
N VAL B 260 -9.09 -9.04 31.44
CA VAL B 260 -8.72 -8.04 30.40
C VAL B 260 -8.69 -6.66 31.06
N LEU B 261 -7.52 -6.03 31.12
CA LEU B 261 -7.33 -4.74 31.81
C LEU B 261 -7.89 -3.62 30.92
N VAL B 262 -7.59 -3.68 29.64
CA VAL B 262 -7.64 -2.53 28.69
C VAL B 262 -7.42 -3.16 27.30
N SER B 263 -7.86 -2.50 26.23
CA SER B 263 -7.61 -2.96 24.83
C SER B 263 -7.15 -1.77 23.98
N THR B 264 -6.10 -1.92 23.19
CA THR B 264 -5.79 -0.96 22.10
C THR B 264 -6.78 -1.23 20.96
N LEU B 265 -7.34 -0.17 20.37
CA LEU B 265 -8.30 -0.27 19.24
C LEU B 265 -7.61 0.19 17.97
N LYS B 266 -7.96 -0.46 16.86
CA LYS B 266 -7.42 -0.20 15.50
C LYS B 266 -8.62 -0.36 14.56
N GLN B 267 -9.19 0.75 14.07
CA GLN B 267 -10.51 0.77 13.41
C GLN B 267 -10.35 0.35 11.95
N VAL B 268 -9.92 -0.90 11.75
CA VAL B 268 -9.65 -1.48 10.40
C VAL B 268 -11.00 -1.61 9.69
N GLY B 269 -12.01 -2.12 10.39
CA GLY B 269 -13.39 -2.21 9.90
C GLY B 269 -13.88 -0.88 9.31
N THR B 270 -13.73 0.21 10.06
CA THR B 270 -14.16 1.57 9.64
C THR B 270 -13.44 1.95 8.34
N THR B 271 -12.13 1.71 8.27
CA THR B 271 -11.32 2.00 7.07
C THR B 271 -11.89 1.25 5.85
N VAL B 272 -12.22 -0.02 6.02
CA VAL B 272 -12.69 -0.88 4.89
C VAL B 272 -13.99 -0.26 4.35
N LYS B 273 -14.89 0.12 5.26
CA LYS B 273 -16.22 0.70 4.94
C LYS B 273 -16.05 2.03 4.20
N ASP B 274 -15.23 2.93 4.74
CA ASP B 274 -15.09 4.32 4.22
C ASP B 274 -14.45 4.28 2.83
N ILE B 275 -13.44 3.44 2.63
CA ILE B 275 -12.76 3.34 1.31
C ILE B 275 -13.68 2.62 0.29
N SER B 276 -14.42 1.59 0.71
CA SER B 276 -15.40 0.89 -0.15
C SER B 276 -16.45 1.89 -0.65
N ASN B 277 -16.90 2.83 0.19
CA ASN B 277 -17.84 3.90 -0.20
C ASN B 277 -17.18 4.85 -1.20
N LYS B 278 -15.94 5.27 -0.95
CA LYS B 278 -15.23 6.17 -1.88
C LYS B 278 -15.10 5.45 -3.23
N ALA B 279 -14.74 4.17 -3.23
CA ALA B 279 -14.55 3.36 -4.44
C ALA B 279 -15.83 3.35 -5.26
N GLU B 280 -16.97 3.10 -4.59
CA GLU B 280 -18.29 2.96 -5.26
C GLU B 280 -18.66 4.29 -5.92
N ARG B 281 -18.32 5.43 -5.30
CA ARG B 281 -18.66 6.79 -5.80
C ARG B 281 -17.68 7.22 -6.90
N GLY B 282 -16.80 6.33 -7.36
CA GLY B 282 -15.77 6.62 -8.37
C GLY B 282 -14.73 7.60 -7.88
N GLU B 283 -14.46 7.65 -6.56
CA GLU B 283 -13.49 8.56 -5.90
C GLU B 283 -12.47 7.74 -5.09
N PHE B 284 -12.05 6.58 -5.59
CA PHE B 284 -11.01 5.72 -4.95
C PHE B 284 -9.74 6.55 -4.76
N PRO B 285 -9.17 6.63 -3.53
CA PRO B 285 -7.95 7.40 -3.27
C PRO B 285 -6.66 6.69 -3.73
N GLY B 286 -6.58 6.32 -5.01
CA GLY B 286 -5.41 5.68 -5.63
C GLY B 286 -4.16 6.52 -5.46
N GLY B 287 -3.02 5.85 -5.24
CA GLY B 287 -1.69 6.49 -5.09
C GLY B 287 -1.51 7.17 -3.75
N GLN B 288 -2.56 7.31 -2.93
CA GLN B 288 -2.51 8.04 -1.64
C GLN B 288 -2.17 7.10 -0.49
N VAL B 289 -1.68 7.69 0.60
CA VAL B 289 -1.27 7.02 1.87
C VAL B 289 -2.13 7.59 2.99
N ILE B 290 -3.13 6.83 3.45
CA ILE B 290 -4.10 7.28 4.48
C ILE B 290 -3.51 6.94 5.84
N VAL B 291 -3.14 7.94 6.64
CA VAL B 291 -2.57 7.78 8.02
C VAL B 291 -3.69 8.03 9.04
N TYR B 292 -4.01 7.00 9.83
CA TYR B 292 -4.95 7.06 10.99
C TYR B 292 -4.14 7.15 12.28
N SER B 293 -4.57 7.98 13.21
CA SER B 293 -3.85 8.27 14.48
C SER B 293 -4.87 8.47 15.61
N LEU B 294 -4.38 8.87 16.78
CA LEU B 294 -5.20 9.15 17.98
C LEU B 294 -6.15 10.33 17.70
N LYS B 295 -5.69 11.32 16.91
CA LYS B 295 -6.45 12.56 16.55
C LYS B 295 -7.84 12.17 16.00
N ASP B 296 -7.86 11.35 14.94
CA ASP B 296 -9.09 10.98 14.17
C ASP B 296 -9.71 9.68 14.70
N LYS B 297 -9.24 9.16 15.83
CA LYS B 297 -9.84 8.00 16.58
C LYS B 297 -9.73 6.70 15.77
N GLY B 298 -8.78 6.63 14.83
CA GLY B 298 -8.42 5.42 14.06
C GLY B 298 -7.73 4.39 14.95
N VAL B 299 -6.91 4.85 15.89
CA VAL B 299 -6.44 4.06 17.05
C VAL B 299 -7.00 4.73 18.32
N ASP B 300 -7.21 3.94 19.37
CA ASP B 300 -7.65 4.46 20.69
C ASP B 300 -7.30 3.41 21.76
N LEU B 301 -7.66 3.68 23.01
CA LEU B 301 -7.64 2.69 24.12
C LEU B 301 -9.04 2.62 24.74
N ALA B 302 -9.56 1.39 24.90
CA ALA B 302 -10.76 1.07 25.71
C ALA B 302 -10.30 0.81 27.14
N VAL B 303 -10.76 1.61 28.09
CA VAL B 303 -10.26 1.68 29.49
C VAL B 303 -11.17 0.81 30.38
N THR B 304 -11.51 -0.38 29.89
CA THR B 304 -12.55 -1.32 30.42
C THR B 304 -12.46 -1.44 31.95
N ASN B 305 -11.45 -2.13 32.48
CA ASN B 305 -11.35 -2.56 33.91
C ASN B 305 -10.20 -1.84 34.61
N LEU B 306 -9.74 -0.73 34.05
CA LEU B 306 -8.69 0.15 34.61
C LEU B 306 -9.30 0.95 35.76
N SER B 307 -8.48 1.19 36.80
CA SER B 307 -8.81 2.03 37.99
C SER B 307 -8.93 3.49 37.57
N GLU B 308 -9.57 4.33 38.41
CA GLU B 308 -9.82 5.76 38.07
C GLU B 308 -8.49 6.53 37.98
N GLU B 309 -7.46 6.20 38.79
CA GLU B 309 -6.10 6.80 38.67
C GLU B 309 -5.51 6.49 37.29
N GLY B 310 -5.61 5.23 36.86
CA GLY B 310 -5.25 4.75 35.52
C GLY B 310 -5.94 5.57 34.44
N LYS B 311 -7.27 5.70 34.50
CA LYS B 311 -8.05 6.42 33.47
C LYS B 311 -7.56 7.87 33.36
N LYS B 312 -7.20 8.50 34.47
CA LYS B 312 -6.72 9.92 34.51
C LYS B 312 -5.34 9.99 33.85
N ALA B 313 -4.42 9.09 34.21
CA ALA B 313 -3.08 8.99 33.60
C ALA B 313 -3.19 8.84 32.07
N VAL B 314 -4.15 8.02 31.59
CA VAL B 314 -4.38 7.77 30.14
C VAL B 314 -4.91 9.05 29.47
N GLU B 315 -5.95 9.69 30.03
CA GLU B 315 -6.56 10.93 29.45
C GLU B 315 -5.50 12.03 29.36
N ASP B 316 -4.60 12.11 30.35
CA ASP B 316 -3.54 13.15 30.44
C ASP B 316 -2.47 12.85 29.39
N ALA B 317 -2.09 11.58 29.22
CA ALA B 317 -1.12 11.12 28.20
C ALA B 317 -1.72 11.34 26.81
N LYS B 318 -2.99 11.01 26.61
CA LYS B 318 -3.69 11.23 25.32
C LYS B 318 -3.62 12.73 24.96
N ALA B 319 -4.03 13.58 25.90
CA ALA B 319 -3.96 15.06 25.80
C ALA B 319 -2.57 15.49 25.31
N LYS B 320 -1.52 15.04 25.99
CA LYS B 320 -0.12 15.41 25.70
C LYS B 320 0.32 14.89 24.31
N ILE B 321 -0.22 13.76 23.83
CA ILE B 321 0.15 13.21 22.49
C ILE B 321 -0.51 14.11 21.45
N LEU B 322 -1.78 14.48 21.67
CA LEU B 322 -2.56 15.37 20.76
C LEU B 322 -1.94 16.79 20.71
N ASP B 323 -1.49 17.34 21.85
CA ASP B 323 -0.76 18.63 21.94
C ASP B 323 0.50 18.63 21.06
N GLY B 324 1.38 17.64 21.31
CA GLY B 324 2.74 17.57 20.73
C GLY B 324 3.81 17.68 21.82
N SER B 325 3.40 17.82 23.09
CA SER B 325 4.31 17.84 24.27
C SER B 325 5.07 16.51 24.37
N VAL B 326 4.37 15.37 24.24
CA VAL B 326 4.98 14.01 24.12
C VAL B 326 5.00 13.62 22.62
N LYS B 327 6.17 13.30 22.07
CA LYS B 327 6.30 12.64 20.74
C LYS B 327 6.67 11.17 20.98
N VAL B 328 5.88 10.24 20.45
CA VAL B 328 6.04 8.78 20.70
C VAL B 328 6.92 8.17 19.60
N PRO B 329 7.98 7.41 19.97
CA PRO B 329 8.85 6.77 18.97
C PRO B 329 8.19 5.58 18.25
N GLU B 330 8.94 4.91 17.36
CA GLU B 330 8.47 3.81 16.45
C GLU B 330 9.48 2.67 16.40
N SER C 2 33.89 8.58 36.84
CA SER C 2 34.56 9.31 37.95
C SER C 2 35.89 8.63 38.32
N HIS C 3 36.76 9.34 39.03
CA HIS C 3 38.16 8.94 39.37
C HIS C 3 38.20 8.34 40.77
N HIS C 4 38.32 7.02 40.90
CA HIS C 4 38.57 6.32 42.19
C HIS C 4 39.98 5.72 42.15
N HIS C 5 40.54 5.38 43.31
CA HIS C 5 41.93 4.89 43.50
C HIS C 5 42.15 3.55 42.77
N HIS C 6 43.41 3.12 42.66
CA HIS C 6 43.78 1.78 42.14
C HIS C 6 45.05 1.30 42.84
N HIS C 7 45.24 -0.01 42.85
CA HIS C 7 46.35 -0.74 43.52
C HIS C 7 47.11 -1.59 42.48
N HIS C 8 48.42 -1.58 42.56
CA HIS C 8 49.37 -2.43 41.79
C HIS C 8 49.78 -3.61 42.66
N MET C 9 50.09 -4.76 42.05
CA MET C 9 50.59 -5.99 42.74
C MET C 9 52.00 -6.43 42.26
N SER C 10 52.75 -7.08 43.14
CA SER C 10 54.16 -7.52 42.88
C SER C 10 54.19 -8.73 41.90
N GLY C 11 53.21 -9.64 41.97
CA GLY C 11 53.38 -11.06 41.57
C GLY C 11 53.61 -11.25 40.09
N GLU C 12 54.27 -12.35 39.71
CA GLU C 12 54.70 -12.64 38.32
C GLU C 12 54.06 -13.94 37.81
N ASN C 13 53.12 -14.59 38.52
CA ASN C 13 52.63 -15.95 38.14
C ASN C 13 51.16 -15.90 37.68
N LEU C 14 50.66 -14.74 37.27
CA LEU C 14 49.24 -14.60 36.87
C LEU C 14 49.11 -14.90 35.38
N TYR C 15 48.08 -15.65 35.02
CA TYR C 15 47.82 -16.08 33.64
C TYR C 15 46.32 -15.92 33.35
N PHE C 16 45.95 -15.65 32.11
CA PHE C 16 44.52 -15.69 31.76
C PHE C 16 44.34 -16.82 30.75
N GLN C 17 43.26 -17.57 30.95
CA GLN C 17 42.70 -18.50 29.94
C GLN C 17 42.17 -17.63 28.80
N GLY C 18 42.56 -17.94 27.56
CA GLY C 18 42.03 -17.32 26.34
C GLY C 18 40.70 -17.94 25.95
N ALA C 19 39.98 -17.29 25.04
CA ALA C 19 38.66 -17.74 24.55
C ALA C 19 38.84 -19.05 23.78
N SER C 20 37.77 -19.82 23.65
CA SER C 20 37.68 -20.95 22.71
C SER C 20 36.48 -20.65 21.82
N ALA C 21 36.72 -20.51 20.52
CA ALA C 21 35.76 -19.93 19.57
C ALA C 21 35.38 -20.98 18.53
N ALA C 22 34.09 -21.13 18.26
CA ALA C 22 33.57 -21.96 17.16
C ALA C 22 32.57 -21.16 16.31
N ILE C 23 32.52 -21.48 15.02
CA ILE C 23 31.46 -21.03 14.10
C ILE C 23 30.52 -22.22 13.87
N VAL C 24 29.22 -21.97 13.98
CA VAL C 24 28.15 -22.84 13.43
C VAL C 24 27.80 -22.26 12.06
N THR C 25 28.11 -23.04 11.05
CA THR C 25 28.03 -22.72 9.60
C THR C 25 26.57 -22.88 9.16
N ASP C 26 26.15 -22.12 8.16
CA ASP C 26 24.84 -22.28 7.49
C ASP C 26 24.97 -23.32 6.38
N THR C 27 23.93 -23.48 5.57
CA THR C 27 23.76 -24.49 4.49
C THR C 27 24.98 -24.56 3.56
N GLY C 28 25.55 -23.43 3.17
CA GLY C 28 26.63 -23.32 2.15
C GLY C 28 27.83 -24.21 2.47
N GLY C 29 28.22 -24.35 3.74
CA GLY C 29 29.42 -25.11 4.17
C GLY C 29 30.67 -24.24 4.12
N VAL C 30 31.75 -24.66 4.79
CA VAL C 30 33.03 -23.90 4.85
C VAL C 30 33.75 -23.92 3.49
N ASP C 31 33.22 -24.60 2.48
CA ASP C 31 33.82 -24.74 1.12
C ASP C 31 32.99 -23.97 0.07
N ASP C 32 32.13 -23.04 0.52
CA ASP C 32 31.21 -22.26 -0.34
C ASP C 32 31.96 -21.18 -1.15
N LYS C 33 33.27 -20.97 -0.95
CA LYS C 33 34.08 -19.97 -1.68
C LYS C 33 33.57 -18.54 -1.39
N SER C 34 32.79 -18.35 -0.33
CA SER C 34 32.09 -17.07 -0.08
C SER C 34 31.90 -16.83 1.42
N PHE C 35 30.65 -16.82 1.87
CA PHE C 35 30.22 -16.34 3.19
C PHE C 35 30.80 -17.19 4.32
N ASN C 36 30.47 -18.48 4.35
CA ASN C 36 30.89 -19.38 5.45
C ASN C 36 32.39 -19.61 5.36
N GLN C 37 32.95 -19.67 4.15
CA GLN C 37 34.41 -19.82 3.96
C GLN C 37 35.12 -18.59 4.56
N SER C 38 34.60 -17.39 4.31
CA SER C 38 35.20 -16.14 4.86
C SER C 38 35.30 -16.26 6.39
N ALA C 39 34.21 -16.65 7.06
CA ALA C 39 34.13 -16.82 8.53
C ALA C 39 35.22 -17.80 8.99
N TRP C 40 35.30 -18.96 8.34
CA TRP C 40 36.26 -20.05 8.68
C TRP C 40 37.71 -19.57 8.47
N GLU C 41 37.99 -18.84 7.39
CA GLU C 41 39.36 -18.32 7.10
C GLU C 41 39.74 -17.34 8.21
N GLY C 42 38.76 -16.60 8.73
CA GLY C 42 38.95 -15.62 9.81
C GLY C 42 39.25 -16.30 11.12
N LEU C 43 38.48 -17.35 11.44
CA LEU C 43 38.66 -18.13 12.69
C LEU C 43 40.02 -18.83 12.69
N GLN C 44 40.45 -19.39 11.56
CA GLN C 44 41.79 -19.97 11.37
C GLN C 44 42.89 -18.93 11.60
N ALA C 45 42.72 -17.71 11.09
CA ALA C 45 43.73 -16.63 11.24
C ALA C 45 43.87 -16.24 12.71
N TRP C 46 42.74 -16.23 13.44
CA TRP C 46 42.67 -15.98 14.90
C TRP C 46 43.35 -17.12 15.68
N GLY C 47 43.08 -18.37 15.31
CA GLY C 47 43.75 -19.54 15.90
C GLY C 47 45.27 -19.44 15.78
N LYS C 48 45.78 -19.17 14.59
CA LYS C 48 47.24 -19.05 14.30
C LYS C 48 47.85 -17.99 15.22
N GLU C 49 47.21 -16.83 15.36
CA GLU C 49 47.66 -15.68 16.19
C GLU C 49 47.76 -16.10 17.66
N HIS C 50 46.90 -17.02 18.11
CA HIS C 50 46.80 -17.51 19.51
C HIS C 50 47.47 -18.88 19.67
N ASN C 51 48.14 -19.38 18.64
CA ASN C 51 48.95 -20.62 18.71
C ASN C 51 48.05 -21.83 19.02
N LEU C 52 46.86 -21.84 18.44
CA LEU C 52 45.86 -22.93 18.57
C LEU C 52 45.84 -23.70 17.26
N SER C 53 45.13 -24.82 17.23
CA SER C 53 44.86 -25.62 16.00
C SER C 53 43.42 -26.15 16.03
N LYS C 54 42.92 -26.63 14.89
CA LYS C 54 41.55 -27.19 14.76
C LYS C 54 41.29 -28.22 15.88
N ASP C 55 40.19 -28.05 16.61
CA ASP C 55 39.71 -28.91 17.74
C ASP C 55 40.62 -28.74 18.97
N ASN C 56 41.54 -27.78 18.94
CA ASN C 56 42.40 -27.39 20.08
C ASN C 56 42.34 -25.87 20.21
N GLY C 57 41.12 -25.34 20.43
CA GLY C 57 40.88 -23.92 20.72
C GLY C 57 39.90 -23.28 19.76
N PHE C 58 39.67 -23.91 18.61
CA PHE C 58 38.70 -23.44 17.60
C PHE C 58 38.28 -24.58 16.71
N THR C 59 37.06 -24.49 16.19
CA THR C 59 36.50 -25.49 15.24
C THR C 59 35.22 -24.95 14.60
N TYR C 60 34.76 -25.61 13.54
CA TYR C 60 33.47 -25.31 12.92
C TYR C 60 32.56 -26.52 13.10
N PHE C 61 31.25 -26.25 13.18
CA PHE C 61 30.16 -27.22 13.08
C PHE C 61 29.35 -26.89 11.82
N GLN C 62 29.45 -27.75 10.80
CA GLN C 62 28.72 -27.59 9.52
C GLN C 62 27.24 -27.97 9.75
N SER C 63 26.31 -27.08 9.43
CA SER C 63 24.85 -27.37 9.45
C SER C 63 24.44 -27.76 8.02
N THR C 64 23.78 -28.89 7.83
CA THR C 64 23.27 -29.30 6.48
C THR C 64 21.83 -28.82 6.30
N SER C 65 21.15 -28.48 7.40
CA SER C 65 19.72 -28.04 7.37
C SER C 65 19.36 -27.24 8.63
N GLU C 66 18.14 -26.71 8.68
CA GLU C 66 17.62 -25.89 9.81
C GLU C 66 17.59 -26.71 11.11
N ALA C 67 17.38 -28.02 11.03
CA ALA C 67 17.24 -28.89 12.22
C ALA C 67 18.60 -29.06 12.92
N ASP C 68 19.71 -28.92 12.19
CA ASP C 68 21.09 -29.11 12.71
C ASP C 68 21.55 -27.90 13.53
N TYR C 69 20.92 -26.73 13.40
CA TYR C 69 21.37 -25.47 14.04
C TYR C 69 21.42 -25.68 15.55
N ALA C 70 20.30 -26.07 16.16
CA ALA C 70 20.17 -26.24 17.63
C ALA C 70 21.16 -27.30 18.13
N ASN C 71 21.26 -28.43 17.43
CA ASN C 71 22.16 -29.56 17.80
C ASN C 71 23.61 -29.07 17.80
N ASN C 72 24.02 -28.38 16.73
CA ASN C 72 25.41 -27.87 16.59
C ASN C 72 25.70 -26.82 17.67
N LEU C 73 24.73 -25.99 18.03
CA LEU C 73 24.93 -24.96 19.07
C LEU C 73 25.12 -25.64 20.41
N GLN C 74 24.37 -26.71 20.67
CA GLN C 74 24.46 -27.50 21.94
C GLN C 74 25.82 -28.21 22.00
N GLN C 75 26.26 -28.85 20.92
CA GLN C 75 27.59 -29.50 20.80
C GLN C 75 28.69 -28.48 21.11
N ALA C 76 28.66 -27.32 20.45
CA ALA C 76 29.63 -26.22 20.59
C ALA C 76 29.73 -25.76 22.05
N ALA C 77 28.62 -25.77 22.80
CA ALA C 77 28.58 -25.31 24.22
C ALA C 77 29.37 -26.28 25.12
N GLY C 78 29.56 -27.52 24.67
CA GLY C 78 30.44 -28.51 25.32
C GLY C 78 31.82 -27.97 25.63
N SER C 79 32.52 -27.38 24.63
CA SER C 79 33.97 -27.03 24.73
C SER C 79 34.26 -25.56 24.39
N TYR C 80 33.34 -24.81 23.78
CA TYR C 80 33.58 -23.44 23.26
C TYR C 80 32.78 -22.41 24.08
N ASN C 81 33.34 -21.25 24.41
CA ASN C 81 32.65 -20.19 25.19
C ASN C 81 32.41 -18.95 24.32
N LEU C 82 32.80 -18.99 23.05
CA LEU C 82 32.46 -17.95 22.06
C LEU C 82 32.00 -18.66 20.79
N ILE C 83 30.71 -18.51 20.47
CA ILE C 83 30.01 -19.29 19.42
C ILE C 83 29.38 -18.31 18.43
N PHE C 84 29.78 -18.42 17.17
CA PHE C 84 29.29 -17.62 16.04
C PHE C 84 28.25 -18.45 15.31
N GLY C 85 27.02 -17.92 15.21
CA GLY C 85 26.01 -18.35 14.24
C GLY C 85 26.15 -17.54 12.97
N VAL C 86 26.57 -18.16 11.88
CA VAL C 86 26.90 -17.49 10.59
C VAL C 86 25.71 -17.61 9.65
N GLY C 87 24.80 -16.62 9.68
CA GLY C 87 23.65 -16.52 8.76
C GLY C 87 22.40 -16.07 9.48
N PHE C 88 21.52 -15.35 8.79
CA PHE C 88 20.27 -14.80 9.38
C PHE C 88 19.39 -15.96 9.89
N ALA C 89 19.38 -17.08 9.17
CA ALA C 89 18.51 -18.25 9.47
C ALA C 89 18.75 -18.79 10.89
N LEU C 90 19.97 -18.66 11.43
CA LEU C 90 20.31 -19.17 12.79
C LEU C 90 19.75 -18.24 13.87
N ASN C 91 19.00 -17.19 13.52
CA ASN C 91 18.49 -16.18 14.49
C ASN C 91 17.83 -16.91 15.67
N ASN C 92 16.78 -17.70 15.43
CA ASN C 92 15.95 -18.27 16.53
C ASN C 92 16.78 -19.26 17.35
N ALA C 93 17.63 -20.06 16.70
CA ALA C 93 18.46 -21.10 17.34
C ALA C 93 19.49 -20.46 18.29
N VAL C 94 20.13 -19.36 17.89
CA VAL C 94 21.09 -18.59 18.73
C VAL C 94 20.36 -17.98 19.93
N LYS C 95 19.20 -17.37 19.70
CA LYS C 95 18.31 -16.82 20.76
C LYS C 95 18.14 -17.87 21.86
N ASP C 96 17.75 -19.10 21.49
CA ASP C 96 17.39 -20.22 22.41
C ASP C 96 18.63 -20.70 23.14
N ALA C 97 19.74 -20.90 22.43
CA ALA C 97 21.02 -21.37 23.00
C ALA C 97 21.54 -20.33 24.00
N ALA C 98 21.46 -19.04 23.67
CA ALA C 98 21.97 -17.95 24.53
C ALA C 98 21.22 -17.91 25.86
N LYS C 99 19.93 -18.27 25.86
CA LYS C 99 19.06 -18.33 27.06
C LYS C 99 19.34 -19.57 27.92
N GLU C 100 19.75 -20.69 27.32
CA GLU C 100 20.11 -21.94 28.05
C GLU C 100 21.49 -21.79 28.72
N HIS C 101 22.40 -21.07 28.06
CA HIS C 101 23.83 -20.94 28.45
C HIS C 101 24.18 -19.46 28.62
N THR C 102 23.75 -18.83 29.71
CA THR C 102 23.91 -17.37 29.95
C THR C 102 25.38 -17.06 30.28
N ASP C 103 26.19 -18.10 30.52
CA ASP C 103 27.62 -17.99 30.88
C ASP C 103 28.48 -17.96 29.61
N LEU C 104 27.97 -18.44 28.47
CA LEU C 104 28.69 -18.44 27.17
C LEU C 104 28.29 -17.20 26.37
N ASN C 105 29.13 -16.77 25.42
CA ASN C 105 28.87 -15.60 24.55
C ASN C 105 28.60 -16.06 23.12
N TYR C 106 27.62 -15.41 22.46
CA TYR C 106 27.15 -15.78 21.11
C TYR C 106 27.21 -14.56 20.20
N VAL C 107 27.54 -14.79 18.93
CA VAL C 107 27.56 -13.72 17.90
C VAL C 107 26.67 -14.18 16.75
N LEU C 108 25.71 -13.36 16.36
CA LEU C 108 24.85 -13.63 15.19
C LEU C 108 25.37 -12.75 14.06
N ILE C 109 25.68 -13.35 12.92
CA ILE C 109 26.13 -12.64 11.70
C ILE C 109 24.96 -12.54 10.73
N ASP C 110 24.63 -11.31 10.32
CA ASP C 110 23.68 -10.95 9.24
C ASP C 110 22.25 -10.81 9.77
N ASP C 111 22.03 -10.78 11.09
CA ASP C 111 20.71 -10.39 11.66
C ASP C 111 20.92 -9.91 13.09
N VAL C 112 19.85 -9.38 13.69
CA VAL C 112 19.87 -8.67 15.00
C VAL C 112 19.02 -9.45 15.99
N ILE C 113 19.57 -9.67 17.18
CA ILE C 113 18.87 -10.21 18.38
C ILE C 113 18.93 -9.10 19.43
N LYS C 114 17.79 -8.75 20.03
CA LYS C 114 17.67 -7.60 20.98
C LYS C 114 17.58 -8.14 22.40
N ASP C 115 18.12 -7.40 23.37
CA ASP C 115 17.84 -7.51 24.81
C ASP C 115 18.51 -8.77 25.42
N GLN C 116 19.45 -9.41 24.74
CA GLN C 116 20.21 -10.57 25.31
C GLN C 116 21.66 -10.15 25.56
N LYS C 117 22.06 -10.09 26.83
CA LYS C 117 23.39 -9.59 27.28
C LYS C 117 24.52 -10.40 26.63
N ASN C 118 24.32 -11.70 26.42
CA ASN C 118 25.39 -12.62 25.97
C ASN C 118 25.32 -12.83 24.46
N VAL C 119 24.67 -11.91 23.74
CA VAL C 119 24.58 -11.98 22.26
C VAL C 119 24.96 -10.62 21.67
N ALA C 120 25.97 -10.63 20.80
CA ALA C 120 26.31 -9.55 19.86
C ALA C 120 25.70 -9.86 18.50
N SER C 121 25.35 -8.82 17.76
CA SER C 121 24.75 -8.88 16.41
C SER C 121 25.63 -8.09 15.46
N VAL C 122 25.90 -8.66 14.30
CA VAL C 122 26.78 -8.06 13.27
C VAL C 122 25.96 -7.99 11.99
N THR C 123 25.90 -6.80 11.38
CA THR C 123 25.20 -6.55 10.09
C THR C 123 26.17 -5.88 9.14
N PHE C 124 25.98 -6.07 7.86
CA PHE C 124 26.75 -5.44 6.78
C PHE C 124 25.79 -4.64 5.90
N ALA C 125 26.23 -3.47 5.47
CA ALA C 125 25.56 -2.62 4.47
C ALA C 125 25.82 -3.24 3.08
N ASP C 126 25.18 -4.37 2.81
CA ASP C 126 25.38 -5.15 1.56
C ASP C 126 24.74 -4.38 0.40
N ASN C 127 23.82 -3.47 0.71
CA ASN C 127 23.20 -2.56 -0.29
C ASN C 127 24.28 -1.64 -0.86
N GLU C 128 25.19 -1.12 -0.03
CA GLU C 128 26.26 -0.18 -0.45
C GLU C 128 27.23 -0.90 -1.39
N SER C 129 27.64 -2.14 -1.10
CA SER C 129 28.56 -2.89 -2.01
C SER C 129 27.77 -3.32 -3.25
N GLY C 130 26.50 -3.71 -3.10
CA GLY C 130 25.61 -4.02 -4.23
C GLY C 130 25.55 -2.87 -5.21
N TYR C 131 25.35 -1.65 -4.70
CA TYR C 131 25.32 -0.39 -5.50
C TYR C 131 26.56 -0.31 -6.37
N LEU C 132 27.76 -0.38 -5.77
CA LEU C 132 29.05 -0.33 -6.50
C LEU C 132 29.09 -1.44 -7.56
N ALA C 133 28.61 -2.64 -7.23
CA ALA C 133 28.52 -3.77 -8.19
C ALA C 133 27.60 -3.37 -9.35
N GLY C 134 26.51 -2.65 -9.05
CA GLY C 134 25.56 -2.15 -10.06
C GLY C 134 26.22 -1.13 -11.00
N VAL C 135 26.90 -0.14 -10.43
CA VAL C 135 27.69 0.88 -11.17
C VAL C 135 28.69 0.14 -12.08
N ALA C 136 29.46 -0.79 -11.52
CA ALA C 136 30.46 -1.54 -12.30
C ALA C 136 29.75 -2.23 -13.48
N ALA C 137 28.64 -2.91 -13.22
CA ALA C 137 27.88 -3.72 -14.21
C ALA C 137 27.40 -2.83 -15.35
N ALA C 138 26.77 -1.70 -15.01
CA ALA C 138 26.25 -0.71 -15.97
C ALA C 138 27.35 -0.22 -16.92
N LYS C 139 28.55 0.06 -16.40
CA LYS C 139 29.67 0.63 -17.17
C LYS C 139 30.33 -0.42 -18.06
N THR C 140 29.89 -1.69 -18.07
CA THR C 140 30.56 -2.75 -18.89
C THR C 140 29.58 -3.55 -19.74
N THR C 141 28.26 -3.51 -19.49
CA THR C 141 27.23 -4.22 -20.32
C THR C 141 27.33 -3.78 -21.78
N LYS C 142 27.32 -4.73 -22.70
CA LYS C 142 27.15 -4.51 -24.18
C LYS C 142 25.67 -4.59 -24.52
N THR C 143 24.97 -5.61 -24.01
CA THR C 143 23.57 -5.96 -24.37
C THR C 143 22.57 -5.10 -23.58
N LYS C 144 23.03 -4.31 -22.62
CA LYS C 144 22.21 -3.45 -21.72
C LYS C 144 21.18 -4.32 -20.98
N GLN C 145 21.58 -5.55 -20.61
CA GLN C 145 20.77 -6.51 -19.84
C GLN C 145 21.69 -7.28 -18.88
N VAL C 146 21.37 -7.26 -17.58
CA VAL C 146 22.20 -7.89 -16.51
C VAL C 146 21.32 -8.78 -15.64
N GLY C 147 21.93 -9.80 -15.04
CA GLY C 147 21.26 -10.83 -14.22
C GLY C 147 21.58 -10.68 -12.74
N PHE C 148 20.63 -11.07 -11.88
CA PHE C 148 20.78 -11.18 -10.42
C PHE C 148 20.21 -12.53 -9.97
N VAL C 149 21.08 -13.40 -9.47
CA VAL C 149 20.71 -14.71 -8.89
C VAL C 149 20.83 -14.61 -7.37
N GLY C 150 19.70 -14.55 -6.67
CA GLY C 150 19.65 -14.57 -5.19
C GLY C 150 19.52 -15.98 -4.69
N GLY C 151 19.93 -16.26 -3.45
CA GLY C 151 19.69 -17.58 -2.82
C GLY C 151 18.26 -17.67 -2.30
N ILE C 152 17.99 -17.09 -1.14
CA ILE C 152 16.69 -17.20 -0.43
C ILE C 152 16.11 -15.80 -0.28
N GLU C 153 14.85 -15.60 -0.69
CA GLU C 153 14.14 -14.30 -0.51
C GLU C 153 14.19 -13.97 0.99
N SER C 154 14.71 -12.79 1.34
CA SER C 154 15.05 -12.39 2.73
C SER C 154 15.44 -10.91 2.78
N GLU C 155 15.36 -10.32 3.97
CA GLU C 155 15.87 -8.96 4.31
C GLU C 155 17.31 -8.83 3.77
N VAL C 156 18.15 -9.83 4.03
CA VAL C 156 19.62 -9.78 3.71
C VAL C 156 19.82 -9.73 2.19
N ILE C 157 19.18 -10.59 1.41
CA ILE C 157 19.40 -10.65 -0.07
C ILE C 157 18.61 -9.52 -0.74
N SER C 158 17.55 -9.03 -0.11
CA SER C 158 16.79 -7.83 -0.55
C SER C 158 17.72 -6.61 -0.57
N ARG C 159 18.66 -6.52 0.39
CA ARG C 159 19.60 -5.38 0.46
C ARG C 159 20.51 -5.40 -0.76
N PHE C 160 21.09 -6.56 -1.07
CA PHE C 160 21.96 -6.74 -2.25
C PHE C 160 21.16 -6.33 -3.49
N GLU C 161 19.93 -6.84 -3.62
CA GLU C 161 19.04 -6.66 -4.82
C GLU C 161 18.74 -5.16 -5.00
N ALA C 162 18.17 -4.51 -3.98
CA ALA C 162 17.81 -3.07 -3.98
C ALA C 162 19.05 -2.24 -4.32
N GLY C 163 20.15 -2.45 -3.60
CA GLY C 163 21.45 -1.79 -3.85
C GLY C 163 21.89 -1.96 -5.30
N PHE C 164 21.88 -3.19 -5.82
CA PHE C 164 22.39 -3.53 -7.17
C PHE C 164 21.54 -2.81 -8.22
N LYS C 165 20.21 -2.85 -8.09
CA LYS C 165 19.26 -2.21 -9.04
C LYS C 165 19.50 -0.69 -9.04
N ALA C 166 19.48 -0.07 -7.86
CA ALA C 166 19.74 1.38 -7.64
C ALA C 166 21.04 1.79 -8.34
N GLY C 167 22.05 0.91 -8.30
CA GLY C 167 23.41 1.21 -8.80
C GLY C 167 23.47 1.15 -10.31
N VAL C 168 22.78 0.18 -10.91
CA VAL C 168 22.63 0.07 -12.40
C VAL C 168 21.85 1.29 -12.90
N ALA C 169 20.74 1.64 -12.25
CA ALA C 169 19.83 2.76 -12.60
C ALA C 169 20.58 4.10 -12.56
N SER C 170 21.49 4.30 -11.59
CA SER C 170 22.23 5.57 -11.37
C SER C 170 23.13 5.89 -12.57
N VAL C 171 23.44 4.88 -13.40
CA VAL C 171 24.30 5.02 -14.61
C VAL C 171 23.43 5.03 -15.87
N ASP C 172 22.39 4.18 -15.93
CA ASP C 172 21.60 3.97 -17.18
C ASP C 172 20.31 3.21 -16.86
N PRO C 173 19.15 3.89 -16.65
CA PRO C 173 17.88 3.20 -16.38
C PRO C 173 17.30 2.41 -17.56
N SER C 174 17.87 2.52 -18.76
CA SER C 174 17.54 1.69 -19.96
C SER C 174 17.68 0.21 -19.60
N ILE C 175 18.71 -0.11 -18.80
CA ILE C 175 19.25 -1.50 -18.58
C ILE C 175 18.22 -2.32 -17.81
N LYS C 176 17.91 -3.52 -18.30
CA LYS C 176 16.95 -4.47 -17.69
C LYS C 176 17.72 -5.39 -16.72
N VAL C 177 17.23 -5.49 -15.49
CA VAL C 177 17.81 -6.36 -14.44
C VAL C 177 16.85 -7.54 -14.26
N GLN C 178 17.18 -8.71 -14.81
CA GLN C 178 16.40 -9.95 -14.57
C GLN C 178 16.80 -10.52 -13.20
N VAL C 179 15.82 -10.62 -12.29
CA VAL C 179 15.99 -11.15 -10.91
C VAL C 179 15.31 -12.51 -10.83
N ASP C 180 16.04 -13.51 -10.33
CA ASP C 180 15.55 -14.90 -10.08
C ASP C 180 16.19 -15.38 -8.78
N TYR C 181 15.49 -16.24 -8.03
CA TYR C 181 15.93 -16.76 -6.71
C TYR C 181 15.99 -18.29 -6.79
N ALA C 182 17.01 -18.91 -6.22
CA ALA C 182 17.25 -20.37 -6.28
C ALA C 182 16.50 -21.09 -5.15
N GLY C 183 16.09 -20.35 -4.11
CA GLY C 183 15.47 -20.90 -2.89
C GLY C 183 16.47 -21.63 -2.00
N SER C 184 17.78 -21.45 -2.22
CA SER C 184 18.85 -22.19 -1.51
C SER C 184 20.21 -21.50 -1.65
N PHE C 185 21.09 -21.70 -0.67
CA PHE C 185 22.51 -21.23 -0.68
C PHE C 185 23.46 -22.41 -0.92
N GLY C 186 22.96 -23.63 -1.16
CA GLY C 186 23.79 -24.84 -1.22
C GLY C 186 23.41 -25.76 -2.38
N ASP C 187 23.07 -25.22 -3.56
CA ASP C 187 22.48 -25.96 -4.70
C ASP C 187 23.08 -25.43 -6.02
N ALA C 188 24.28 -25.89 -6.35
CA ALA C 188 25.04 -25.52 -7.58
C ALA C 188 24.21 -25.75 -8.84
N ALA C 189 23.53 -26.89 -8.94
CA ALA C 189 22.74 -27.29 -10.14
C ALA C 189 21.64 -26.25 -10.44
N LYS C 190 20.97 -25.70 -9.43
CA LYS C 190 19.89 -24.70 -9.64
C LYS C 190 20.51 -23.37 -10.13
N GLY C 191 21.67 -23.00 -9.59
CA GLY C 191 22.44 -21.83 -10.04
C GLY C 191 22.82 -21.94 -11.51
N LYS C 192 23.28 -23.12 -11.92
CA LYS C 192 23.64 -23.39 -13.34
C LYS C 192 22.44 -23.12 -14.24
N THR C 193 21.26 -23.67 -13.92
CA THR C 193 20.06 -23.57 -14.80
C THR C 193 19.50 -22.14 -14.77
N ILE C 194 19.53 -21.45 -13.62
CA ILE C 194 19.07 -20.02 -13.57
C ILE C 194 20.01 -19.12 -14.38
N ALA C 195 21.32 -19.33 -14.25
CA ALA C 195 22.36 -18.59 -15.01
C ALA C 195 22.18 -18.86 -16.50
N ALA C 196 22.07 -20.14 -16.89
CA ALA C 196 21.84 -20.59 -18.28
C ALA C 196 20.68 -19.79 -18.89
N ALA C 197 19.56 -19.70 -18.17
CA ALA C 197 18.32 -19.00 -18.59
C ALA C 197 18.58 -17.49 -18.73
N GLN C 198 19.27 -16.88 -17.76
CA GLN C 198 19.51 -15.41 -17.75
C GLN C 198 20.43 -15.04 -18.92
N TYR C 199 21.46 -15.86 -19.19
CA TYR C 199 22.44 -15.60 -20.27
C TYR C 199 21.74 -15.77 -21.63
N ALA C 200 20.98 -16.87 -21.77
CA ALA C 200 20.17 -17.19 -22.98
C ALA C 200 19.21 -16.02 -23.31
N ALA C 201 18.62 -15.36 -22.31
CA ALA C 201 17.66 -14.24 -22.49
C ALA C 201 18.40 -12.92 -22.77
N GLY C 202 19.73 -12.95 -22.92
CA GLY C 202 20.53 -11.83 -23.45
C GLY C 202 21.28 -11.04 -22.37
N ALA C 203 21.33 -11.53 -21.12
CA ALA C 203 22.21 -10.96 -20.07
C ALA C 203 23.66 -11.27 -20.43
N ASP C 204 24.58 -10.31 -20.22
CA ASP C 204 26.04 -10.53 -20.45
C ASP C 204 26.82 -10.38 -19.13
N ILE C 205 26.14 -10.06 -18.03
CA ILE C 205 26.71 -9.98 -16.65
C ILE C 205 25.67 -10.53 -15.67
N VAL C 206 26.04 -11.50 -14.83
CA VAL C 206 25.20 -12.01 -13.71
C VAL C 206 25.92 -11.76 -12.37
N TYR C 207 25.28 -11.01 -11.46
CA TYR C 207 25.63 -10.91 -10.03
C TYR C 207 24.99 -12.10 -9.29
N GLN C 208 25.81 -13.05 -8.81
CA GLN C 208 25.34 -14.22 -8.02
C GLN C 208 25.51 -13.91 -6.52
N VAL C 209 24.41 -13.85 -5.80
CA VAL C 209 24.32 -13.57 -4.34
C VAL C 209 23.59 -14.75 -3.70
N ALA C 210 24.16 -15.94 -3.86
CA ALA C 210 23.50 -17.23 -3.59
C ALA C 210 24.47 -18.21 -2.92
N GLY C 211 25.57 -17.70 -2.35
CA GLY C 211 26.57 -18.53 -1.67
C GLY C 211 27.11 -19.61 -2.58
N GLY C 212 27.00 -20.88 -2.16
CA GLY C 212 27.51 -22.08 -2.87
C GLY C 212 26.67 -22.44 -4.08
N THR C 213 25.39 -22.05 -4.08
CA THR C 213 24.51 -22.08 -5.28
C THR C 213 25.25 -21.39 -6.43
N GLY C 214 26.07 -20.39 -6.09
CA GLY C 214 26.84 -19.57 -7.04
C GLY C 214 27.91 -20.36 -7.81
N ALA C 215 28.44 -21.45 -7.24
CA ALA C 215 29.37 -22.35 -7.98
C ALA C 215 28.75 -22.72 -9.34
N GLY C 216 27.44 -22.91 -9.40
CA GLY C 216 26.72 -23.25 -10.65
C GLY C 216 26.76 -22.12 -11.65
N VAL C 217 26.59 -20.87 -11.20
CA VAL C 217 26.66 -19.66 -12.06
C VAL C 217 28.05 -19.59 -12.71
N PHE C 218 29.11 -19.89 -11.95
CA PHE C 218 30.51 -19.90 -12.46
C PHE C 218 30.65 -20.99 -13.52
N ALA C 219 30.14 -22.19 -13.23
CA ALA C 219 30.19 -23.38 -14.13
C ALA C 219 29.48 -23.06 -15.46
N GLU C 220 28.33 -22.39 -15.40
CA GLU C 220 27.55 -22.03 -16.61
C GLU C 220 28.36 -21.08 -17.49
N ALA C 221 28.74 -19.91 -16.96
CA ALA C 221 29.53 -18.86 -17.65
C ALA C 221 30.82 -19.49 -18.21
N LYS C 222 31.45 -20.41 -17.48
CA LYS C 222 32.67 -21.10 -17.97
C LYS C 222 32.37 -21.82 -19.28
N SER C 223 31.32 -22.64 -19.35
CA SER C 223 30.89 -23.40 -20.56
C SER C 223 30.68 -22.46 -21.75
N LEU C 224 29.89 -21.39 -21.57
CA LEU C 224 29.59 -20.44 -22.66
C LEU C 224 30.89 -19.82 -23.17
N ASN C 225 31.76 -19.41 -22.25
CA ASN C 225 33.00 -18.66 -22.54
C ASN C 225 34.07 -19.59 -23.12
N GLU C 226 34.12 -20.85 -22.66
CA GLU C 226 35.08 -21.90 -23.12
C GLU C 226 34.83 -22.24 -24.59
N SER C 227 33.66 -21.91 -25.14
CA SER C 227 33.28 -22.16 -26.55
C SER C 227 32.92 -20.84 -27.22
N ARG C 228 33.81 -19.84 -27.14
CA ARG C 228 33.62 -18.52 -27.80
C ARG C 228 34.95 -17.77 -27.85
N PRO C 229 35.08 -16.72 -28.68
CA PRO C 229 36.21 -15.81 -28.60
C PRO C 229 36.21 -15.05 -27.26
N GLU C 230 37.39 -14.65 -26.77
CA GLU C 230 37.56 -13.79 -25.57
C GLU C 230 36.77 -12.49 -25.78
N ASN C 231 36.70 -11.99 -27.02
CA ASN C 231 35.93 -10.79 -27.46
C ASN C 231 34.50 -10.81 -26.89
N GLU C 232 33.83 -11.96 -26.93
CA GLU C 232 32.35 -12.09 -26.75
C GLU C 232 32.03 -12.80 -25.44
N LYS C 233 32.92 -12.77 -24.45
CA LYS C 233 32.73 -13.51 -23.17
C LYS C 233 31.61 -12.83 -22.39
N VAL C 234 30.91 -13.61 -21.56
CA VAL C 234 29.93 -13.12 -20.54
C VAL C 234 30.62 -13.10 -19.17
N TRP C 235 30.22 -12.16 -18.33
CA TRP C 235 30.83 -11.88 -17.01
C TRP C 235 29.96 -12.45 -15.89
N VAL C 236 30.58 -12.79 -14.77
CA VAL C 236 29.86 -12.88 -13.47
C VAL C 236 30.58 -11.96 -12.48
N ILE C 237 29.80 -11.42 -11.55
CA ILE C 237 30.28 -10.64 -10.38
C ILE C 237 30.29 -11.56 -9.16
N GLY C 238 31.44 -11.64 -8.48
CA GLY C 238 31.65 -12.40 -7.23
C GLY C 238 31.00 -11.76 -6.03
N VAL C 239 30.95 -12.47 -4.90
CA VAL C 239 30.26 -12.05 -3.66
C VAL C 239 31.05 -12.55 -2.43
N ASP C 240 31.11 -11.74 -1.38
CA ASP C 240 31.62 -12.06 -0.01
C ASP C 240 33.15 -12.12 0.02
N ARG C 241 33.77 -12.89 -0.86
CA ARG C 241 35.25 -12.96 -1.03
C ARG C 241 35.60 -12.53 -2.45
N ASP C 242 36.87 -12.23 -2.70
CA ASP C 242 37.42 -12.07 -4.06
C ASP C 242 37.36 -13.45 -4.73
N GLN C 243 36.56 -13.59 -5.78
CA GLN C 243 36.30 -14.89 -6.43
C GLN C 243 37.02 -14.96 -7.78
N GLU C 244 37.99 -14.06 -8.05
CA GLU C 244 38.80 -14.01 -9.30
C GLU C 244 39.25 -15.43 -9.73
N ALA C 245 39.78 -16.23 -8.80
CA ALA C 245 40.30 -17.59 -9.08
C ALA C 245 39.24 -18.46 -9.77
N GLU C 246 37.96 -18.27 -9.45
CA GLU C 246 36.86 -19.12 -9.97
C GLU C 246 36.56 -18.78 -11.43
N GLY C 247 37.09 -17.65 -11.94
CA GLY C 247 36.79 -17.11 -13.27
C GLY C 247 37.85 -17.45 -14.31
N LYS C 248 38.86 -18.26 -13.96
CA LYS C 248 39.95 -18.69 -14.87
C LYS C 248 39.38 -19.65 -15.92
N TYR C 249 39.56 -19.33 -17.21
CA TYR C 249 39.20 -20.22 -18.34
C TYR C 249 40.12 -19.98 -19.53
N THR C 250 40.16 -20.95 -20.46
CA THR C 250 40.77 -20.85 -21.81
C THR C 250 39.65 -20.55 -22.82
N SER C 251 39.77 -19.45 -23.57
CA SER C 251 38.90 -19.08 -24.72
C SER C 251 38.87 -20.25 -25.72
N LYS C 252 37.94 -20.22 -26.69
CA LYS C 252 37.90 -21.21 -27.80
C LYS C 252 39.12 -20.95 -28.72
N ASP C 253 39.51 -19.69 -28.87
CA ASP C 253 40.63 -19.24 -29.74
C ASP C 253 41.94 -19.17 -28.94
N GLY C 254 42.19 -20.14 -28.05
CA GLY C 254 43.51 -20.48 -27.46
C GLY C 254 43.90 -19.65 -26.23
N LYS C 255 43.25 -18.50 -26.00
CA LYS C 255 43.70 -17.45 -25.04
C LYS C 255 43.22 -17.75 -23.61
N GLU C 256 44.13 -17.73 -22.64
CA GLU C 256 43.80 -17.78 -21.18
C GLU C 256 43.29 -16.41 -20.73
N SER C 257 42.17 -16.37 -20.01
CA SER C 257 41.48 -15.13 -19.60
C SER C 257 40.70 -15.38 -18.29
N ASN C 258 39.80 -14.46 -17.95
CA ASN C 258 39.08 -14.46 -16.66
C ASN C 258 37.75 -13.70 -16.83
N PHE C 259 36.63 -14.33 -16.46
CA PHE C 259 35.27 -13.79 -16.66
C PHE C 259 34.68 -13.24 -15.36
N VAL C 260 35.44 -13.22 -14.26
CA VAL C 260 35.02 -12.46 -13.04
C VAL C 260 35.33 -10.99 -13.29
N LEU C 261 34.30 -10.16 -13.33
CA LEU C 261 34.43 -8.72 -13.63
C LEU C 261 34.95 -8.01 -12.38
N VAL C 262 34.38 -8.37 -11.24
CA VAL C 262 34.41 -7.59 -9.97
C VAL C 262 33.82 -8.52 -8.90
N SER C 263 34.12 -8.28 -7.63
CA SER C 263 33.55 -9.04 -6.49
C SER C 263 33.14 -8.06 -5.41
N THR C 264 31.93 -8.20 -4.85
CA THR C 264 31.55 -7.52 -3.58
C THR C 264 32.24 -8.26 -2.45
N LEU C 265 32.83 -7.52 -1.51
CA LEU C 265 33.55 -8.09 -0.34
C LEU C 265 32.69 -7.85 0.90
N LYS C 266 32.71 -8.84 1.79
CA LYS C 266 32.00 -8.84 3.08
C LYS C 266 32.97 -9.48 4.07
N GLN C 267 33.61 -8.66 4.91
CA GLN C 267 34.81 -9.08 5.69
C GLN C 267 34.31 -9.83 6.93
N VAL C 268 33.68 -10.99 6.71
CA VAL C 268 33.10 -11.85 7.79
C VAL C 268 34.26 -12.42 8.59
N GLY C 269 35.29 -12.90 7.91
CA GLY C 269 36.51 -13.41 8.56
C GLY C 269 37.12 -12.38 9.49
N THR C 270 37.27 -11.14 9.03
CA THR C 270 37.83 -10.04 9.83
C THR C 270 36.98 -9.84 11.08
N THR C 271 35.66 -9.82 10.95
CA THR C 271 34.72 -9.68 12.08
C THR C 271 34.95 -10.81 13.09
N VAL C 272 35.12 -12.05 12.63
CA VAL C 272 35.27 -13.23 13.54
C VAL C 272 36.53 -13.03 14.36
N LYS C 273 37.61 -12.62 13.71
CA LYS C 273 38.95 -12.40 14.32
C LYS C 273 38.86 -11.27 15.34
N ASP C 274 38.28 -10.12 14.95
CA ASP C 274 38.25 -8.87 15.77
C ASP C 274 37.41 -9.14 17.01
N ILE C 275 36.26 -9.80 16.88
CA ILE C 275 35.36 -10.04 18.03
C ILE C 275 35.94 -11.13 18.94
N SER C 276 36.58 -12.17 18.38
CA SER C 276 37.28 -13.21 19.20
C SER C 276 38.37 -12.55 20.05
N ASN C 277 39.10 -11.58 19.50
CA ASN C 277 40.12 -10.79 20.24
C ASN C 277 39.44 -9.89 21.28
N LYS C 278 38.33 -9.23 20.97
CA LYS C 278 37.60 -8.40 21.96
C LYS C 278 37.15 -9.31 23.10
N ALA C 279 36.65 -10.50 22.81
CA ALA C 279 36.17 -11.47 23.83
C ALA C 279 37.33 -11.80 24.77
N GLU C 280 38.49 -12.09 24.21
CA GLU C 280 39.69 -12.50 24.99
C GLU C 280 40.17 -11.34 25.88
N ARG C 281 40.00 -10.07 25.48
CA ARG C 281 40.39 -8.87 26.28
CA ARG C 281 40.39 -8.87 26.27
C ARG C 281 39.30 -8.53 27.31
N GLY C 282 38.31 -9.38 27.49
CA GLY C 282 37.17 -9.14 28.40
C GLY C 282 36.28 -7.98 27.97
N GLU C 283 36.20 -7.70 26.66
CA GLU C 283 35.34 -6.62 26.08
C GLU C 283 34.40 -7.21 25.01
N PHE C 284 33.83 -8.38 25.23
CA PHE C 284 32.73 -8.92 24.39
C PHE C 284 31.61 -7.88 24.26
N PRO C 285 31.20 -7.48 23.03
CA PRO C 285 30.16 -6.46 22.85
C PRO C 285 28.74 -7.02 23.00
N GLY C 286 28.45 -7.65 24.13
CA GLY C 286 27.13 -8.20 24.44
C GLY C 286 26.03 -7.14 24.37
N GLY C 287 24.85 -7.51 23.86
CA GLY C 287 23.68 -6.62 23.71
C GLY C 287 23.82 -5.61 22.58
N GLN C 288 25.00 -5.46 21.98
CA GLN C 288 25.25 -4.40 20.95
C GLN C 288 25.03 -4.96 19.54
N VAL C 289 24.86 -4.04 18.59
CA VAL C 289 24.69 -4.27 17.13
C VAL C 289 25.85 -3.59 16.42
N ILE C 290 26.81 -4.37 15.93
CA ILE C 290 27.96 -3.85 15.16
C ILE C 290 27.53 -3.73 13.70
N VAL C 291 27.46 -2.49 13.19
CA VAL C 291 27.12 -2.20 11.76
C VAL C 291 28.42 -1.92 11.00
N TYR C 292 28.74 -2.77 10.02
CA TYR C 292 29.88 -2.63 9.07
C TYR C 292 29.34 -2.06 7.77
N SER C 293 30.07 -1.11 7.20
CA SER C 293 29.64 -0.36 6.00
C SER C 293 30.86 -0.09 5.13
N LEU C 294 30.67 0.69 4.07
CA LEU C 294 31.73 1.11 3.13
C LEU C 294 32.78 1.95 3.88
N LYS C 295 32.36 2.77 4.85
CA LYS C 295 33.24 3.68 5.65
C LYS C 295 34.42 2.90 6.23
N ASP C 296 34.14 1.84 6.99
CA ASP C 296 35.13 1.05 7.77
C ASP C 296 35.65 -0.15 6.95
N LYS C 297 35.29 -0.27 5.67
CA LYS C 297 35.81 -1.28 4.71
C LYS C 297 35.36 -2.70 5.09
N GLY C 298 34.27 -2.83 5.86
CA GLY C 298 33.60 -4.10 6.18
C GLY C 298 32.91 -4.69 4.96
N VAL C 299 32.35 -3.83 4.10
CA VAL C 299 31.96 -4.19 2.71
C VAL C 299 32.84 -3.34 1.79
N ASP C 300 33.13 -3.85 0.59
CA ASP C 300 33.92 -3.13 -0.42
C ASP C 300 33.69 -3.81 -1.77
N LEU C 301 34.39 -3.34 -2.81
CA LEU C 301 34.42 -3.93 -4.16
C LEU C 301 35.87 -4.16 -4.55
N ALA C 302 36.19 -5.38 -5.00
CA ALA C 302 37.48 -5.75 -5.63
C ALA C 302 37.32 -5.54 -7.13
N VAL C 303 38.10 -4.62 -7.70
CA VAL C 303 37.91 -4.10 -9.09
C VAL C 303 38.88 -4.84 -10.02
N THR C 304 38.86 -6.17 -9.93
CA THR C 304 39.80 -7.12 -10.59
C THR C 304 39.98 -6.77 -12.07
N ASN C 305 38.97 -7.02 -12.91
CA ASN C 305 39.07 -6.95 -14.39
C ASN C 305 38.17 -5.84 -14.93
N LEU C 306 37.82 -4.86 -14.08
CA LEU C 306 37.02 -3.67 -14.48
C LEU C 306 37.94 -2.73 -15.26
N SER C 307 37.39 -2.04 -16.28
CA SER C 307 38.07 -1.00 -17.09
C SER C 307 38.32 0.25 -16.22
N GLU C 308 39.22 1.14 -16.65
CA GLU C 308 39.58 2.36 -15.88
C GLU C 308 38.38 3.31 -15.78
N GLU C 309 37.51 3.41 -16.81
CA GLU C 309 36.25 4.21 -16.74
C GLU C 309 35.35 3.67 -15.64
N GLY C 310 35.20 2.33 -15.60
CA GLY C 310 34.48 1.60 -14.54
C GLY C 310 35.03 1.96 -13.16
N LYS C 311 36.35 1.86 -12.97
CA LYS C 311 37.00 2.12 -11.66
C LYS C 311 36.67 3.55 -11.21
N LYS C 312 36.65 4.52 -12.13
CA LYS C 312 36.36 5.95 -11.80
C LYS C 312 34.89 6.09 -11.39
N ALA C 313 33.96 5.51 -12.15
CA ALA C 313 32.51 5.48 -11.82
C ALA C 313 32.29 4.92 -10.40
N VAL C 314 33.01 3.85 -10.04
CA VAL C 314 32.92 3.17 -8.71
C VAL C 314 33.46 4.10 -7.62
N GLU C 315 34.67 4.67 -7.80
CA GLU C 315 35.32 5.57 -6.80
C GLU C 315 34.43 6.79 -6.55
N ASP C 316 33.75 7.30 -7.58
CA ASP C 316 32.88 8.50 -7.52
C ASP C 316 31.59 8.13 -6.76
N ALA C 317 31.02 6.96 -7.05
CA ALA C 317 29.83 6.41 -6.35
C ALA C 317 30.18 6.14 -4.88
N LYS C 318 31.34 5.54 -4.61
CA LYS C 318 31.83 5.26 -3.23
C LYS C 318 31.88 6.58 -2.46
N ALA C 319 32.58 7.57 -3.02
CA ALA C 319 32.71 8.95 -2.48
C ALA C 319 31.33 9.48 -2.07
N LYS C 320 30.37 9.44 -2.99
CA LYS C 320 29.00 9.98 -2.78
C LYS C 320 28.26 9.20 -1.70
N ILE C 321 28.51 7.90 -1.54
CA ILE C 321 27.83 7.06 -0.50
C ILE C 321 28.41 7.47 0.86
N LEU C 322 29.73 7.66 0.94
CA LEU C 322 30.44 8.07 2.17
C LEU C 322 30.02 9.50 2.59
N ASP C 323 29.87 10.44 1.64
CA ASP C 323 29.37 11.82 1.88
C ASP C 323 27.98 11.79 2.52
N GLY C 324 27.03 11.10 1.86
CA GLY C 324 25.59 11.13 2.20
C GLY C 324 24.77 11.72 1.07
N SER C 325 25.43 12.17 -0.01
CA SER C 325 24.77 12.72 -1.24
C SER C 325 23.88 11.65 -1.89
N VAL C 326 24.39 10.42 -2.06
CA VAL C 326 23.60 9.22 -2.50
C VAL C 326 23.23 8.41 -1.26
N LYS C 327 21.94 8.18 -1.04
CA LYS C 327 21.43 7.23 -0.01
C LYS C 327 20.91 5.99 -0.74
N VAL C 328 21.44 4.81 -0.38
CA VAL C 328 21.12 3.53 -1.07
C VAL C 328 19.95 2.86 -0.34
N PRO C 329 18.89 2.44 -1.06
CA PRO C 329 17.76 1.78 -0.41
C PRO C 329 18.05 0.34 0.06
N GLU C 330 17.04 -0.28 0.68
CA GLU C 330 16.93 -1.73 0.97
C GLU C 330 15.56 -2.17 0.47
N HIS D 3 34.13 16.23 -63.01
CA HIS D 3 33.09 15.48 -63.81
C HIS D 3 32.89 16.23 -65.14
N HIS D 4 32.32 17.44 -65.09
CA HIS D 4 31.85 18.20 -66.28
C HIS D 4 32.67 19.48 -66.51
N HIS D 5 32.46 20.15 -67.64
CA HIS D 5 33.07 21.45 -68.05
C HIS D 5 32.40 22.58 -67.29
N HIS D 6 33.10 23.71 -67.13
CA HIS D 6 32.58 24.96 -66.50
C HIS D 6 33.29 26.17 -67.12
N HIS D 7 32.67 27.34 -66.99
CA HIS D 7 33.21 28.64 -67.45
C HIS D 7 33.43 29.65 -66.31
N HIS D 8 34.66 30.12 -66.16
CA HIS D 8 35.07 31.21 -65.25
C HIS D 8 34.76 32.56 -65.92
N MET D 9 34.43 33.59 -65.14
CA MET D 9 34.22 34.97 -65.65
C MET D 9 35.41 35.85 -65.25
N SER D 10 36.20 36.28 -66.24
CA SER D 10 37.50 36.99 -66.02
C SER D 10 37.32 38.51 -65.82
N GLY D 11 36.10 39.06 -65.88
CA GLY D 11 35.77 40.45 -65.51
C GLY D 11 36.23 40.82 -64.10
N GLU D 12 36.46 42.11 -63.86
CA GLU D 12 36.80 42.65 -62.51
C GLU D 12 35.64 43.54 -62.01
N ASN D 13 34.45 43.47 -62.64
CA ASN D 13 33.23 44.24 -62.26
C ASN D 13 32.14 43.27 -61.75
N LEU D 14 32.50 42.12 -61.20
CA LEU D 14 31.51 41.15 -60.66
C LEU D 14 31.16 41.49 -59.21
N TYR D 15 29.88 41.41 -58.88
CA TYR D 15 29.34 41.63 -57.52
C TYR D 15 28.25 40.58 -57.25
N PHE D 16 28.06 40.10 -56.02
CA PHE D 16 26.78 39.43 -55.69
C PHE D 16 26.02 40.31 -54.72
N GLN D 17 24.71 40.41 -54.95
CA GLN D 17 23.71 40.96 -54.00
C GLN D 17 23.61 39.99 -52.82
N GLY D 18 23.78 40.50 -51.60
CA GLY D 18 23.57 39.71 -50.37
C GLY D 18 22.10 39.74 -49.98
N ALA D 19 21.72 38.92 -48.99
CA ALA D 19 20.36 38.93 -48.41
C ALA D 19 20.14 40.22 -47.59
N SER D 20 18.90 40.62 -47.38
CA SER D 20 18.50 41.66 -46.40
C SER D 20 17.50 41.02 -45.44
N ALA D 21 17.77 41.09 -44.14
CA ALA D 21 17.12 40.24 -43.13
C ALA D 21 16.40 41.11 -42.09
N ALA D 22 15.17 40.72 -41.74
CA ALA D 22 14.41 41.38 -40.65
C ALA D 22 13.79 40.33 -39.74
N ILE D 23 13.63 40.70 -38.47
CA ILE D 23 12.84 39.92 -37.48
C ILE D 23 11.53 40.67 -37.26
N VAL D 24 10.42 39.93 -37.31
CA VAL D 24 9.11 40.38 -36.73
C VAL D 24 9.04 39.80 -35.32
N THR D 25 9.07 40.70 -34.34
CA THR D 25 9.17 40.44 -32.89
C THR D 25 7.79 40.06 -32.37
N ASP D 26 7.73 39.24 -31.33
CA ASP D 26 6.48 38.91 -30.60
C ASP D 26 6.25 39.98 -29.52
N THR D 27 5.28 39.77 -28.63
CA THR D 27 4.79 40.74 -27.61
C THR D 27 5.93 41.33 -26.76
N GLY D 28 6.90 40.51 -26.34
CA GLY D 28 8.00 40.86 -25.42
C GLY D 28 8.77 42.10 -25.81
N GLY D 29 9.03 42.31 -27.11
CA GLY D 29 9.85 43.42 -27.63
C GLY D 29 11.34 43.10 -27.61
N VAL D 30 12.15 43.86 -28.33
CA VAL D 30 13.63 43.64 -28.44
C VAL D 30 14.34 44.00 -27.13
N ASP D 31 13.62 44.48 -26.11
CA ASP D 31 14.19 44.87 -24.79
C ASP D 31 13.75 43.89 -23.70
N ASP D 32 13.30 42.69 -24.08
CA ASP D 32 12.75 41.64 -23.16
C ASP D 32 13.87 40.96 -22.35
N LYS D 33 15.15 41.26 -22.62
CA LYS D 33 16.31 40.67 -21.91
C LYS D 33 16.40 39.16 -22.16
N SER D 34 15.70 38.63 -23.16
CA SER D 34 15.53 37.16 -23.33
C SER D 34 15.38 36.80 -24.81
N PHE D 35 14.20 36.31 -25.20
CA PHE D 35 13.94 35.64 -26.48
C PHE D 35 14.10 36.60 -27.67
N ASN D 36 13.30 37.67 -27.71
CA ASN D 36 13.30 38.62 -28.85
C ASN D 36 14.63 39.39 -28.83
N GLN D 37 15.16 39.72 -27.66
CA GLN D 37 16.46 40.42 -27.56
C GLN D 37 17.55 39.52 -28.15
N SER D 38 17.54 38.21 -27.86
CA SER D 38 18.54 37.26 -28.38
C SER D 38 18.55 37.33 -29.91
N ALA D 39 17.37 37.27 -30.55
CA ALA D 39 17.18 37.33 -32.01
C ALA D 39 17.80 38.64 -32.55
N TRP D 40 17.48 39.76 -31.93
CA TRP D 40 17.92 41.11 -32.33
C TRP D 40 19.45 41.23 -32.19
N GLU D 41 20.02 40.71 -31.10
CA GLU D 41 21.50 40.77 -30.86
C GLU D 41 22.18 39.96 -31.96
N GLY D 42 21.55 38.87 -32.41
CA GLY D 42 22.07 37.99 -33.47
C GLY D 42 22.04 38.69 -34.81
N LEU D 43 20.93 39.35 -35.12
CA LEU D 43 20.73 40.07 -36.40
C LEU D 43 21.71 41.25 -36.49
N GLN D 44 21.94 41.97 -35.39
CA GLN D 44 22.95 43.04 -35.29
C GLN D 44 24.36 42.49 -35.54
N ALA D 45 24.69 41.33 -34.99
CA ALA D 45 26.02 40.69 -35.16
C ALA D 45 26.24 40.33 -36.64
N TRP D 46 25.18 39.85 -37.29
CA TRP D 46 25.15 39.53 -38.74
C TRP D 46 25.31 40.81 -39.58
N GLY D 47 24.61 41.89 -39.23
CA GLY D 47 24.76 43.20 -39.88
C GLY D 47 26.20 43.70 -39.84
N LYS D 48 26.83 43.70 -38.66
CA LYS D 48 28.22 44.14 -38.45
C LYS D 48 29.15 43.34 -39.37
N GLU D 49 28.99 42.02 -39.44
CA GLU D 49 29.81 41.08 -40.25
C GLU D 49 29.70 41.44 -41.74
N HIS D 50 28.53 41.95 -42.18
CA HIS D 50 28.22 42.28 -43.59
C HIS D 50 28.29 43.79 -43.82
N ASN D 51 28.76 44.57 -42.85
CA ASN D 51 29.05 46.01 -43.02
C ASN D 51 27.76 46.77 -43.32
N LEU D 52 26.66 46.36 -42.69
CA LEU D 52 25.32 46.99 -42.80
C LEU D 52 25.06 47.77 -41.51
N SER D 53 23.96 48.51 -41.46
CA SER D 53 23.46 49.21 -40.25
C SER D 53 21.94 49.16 -40.20
N LYS D 54 21.34 49.47 -39.05
CA LYS D 54 19.87 49.47 -38.82
C LYS D 54 19.16 50.24 -39.95
N ASP D 55 18.17 49.61 -40.58
CA ASP D 55 17.34 50.15 -41.70
C ASP D 55 18.18 50.27 -42.99
N ASN D 56 19.40 49.73 -42.99
CA ASN D 56 20.29 49.66 -44.18
C ASN D 56 20.84 48.23 -44.26
N GLY D 57 19.93 47.27 -44.40
CA GLY D 57 20.25 45.84 -44.65
C GLY D 57 19.63 44.93 -43.61
N PHE D 58 19.23 45.49 -42.46
CA PHE D 58 18.55 44.73 -41.38
C PHE D 58 17.75 45.68 -40.51
N THR D 59 16.66 45.16 -39.94
CA THR D 59 15.83 45.90 -38.96
C THR D 59 14.82 44.98 -38.30
N TYR D 60 14.20 45.45 -37.23
CA TYR D 60 13.13 44.70 -36.52
C TYR D 60 11.83 45.47 -36.68
N PHE D 61 10.73 44.71 -36.69
CA PHE D 61 9.35 45.23 -36.60
C PHE D 61 8.73 44.70 -35.30
N GLN D 62 8.57 45.58 -34.30
CA GLN D 62 7.99 45.23 -32.98
C GLN D 62 6.47 45.03 -33.16
N SER D 63 5.95 43.86 -32.77
CA SER D 63 4.50 43.58 -32.69
C SER D 63 4.05 43.86 -31.27
N THR D 64 3.01 44.65 -31.05
CA THR D 64 2.44 44.91 -29.69
C THR D 64 1.32 43.91 -29.40
N SER D 65 0.78 43.25 -30.44
CA SER D 65 -0.36 42.29 -30.31
C SER D 65 -0.43 41.37 -31.53
N GLU D 66 -1.36 40.40 -31.49
CA GLU D 66 -1.58 39.38 -32.57
C GLU D 66 -1.97 40.08 -33.89
N ALA D 67 -2.68 41.21 -33.82
CA ALA D 67 -3.21 41.91 -35.02
C ALA D 67 -2.06 42.54 -35.82
N ASP D 68 -0.94 42.88 -35.15
CA ASP D 68 0.21 43.57 -35.78
C ASP D 68 1.08 42.61 -36.62
N TYR D 69 0.96 41.30 -36.41
CA TYR D 69 1.83 40.28 -37.04
C TYR D 69 1.76 40.43 -38.56
N ALA D 70 0.56 40.34 -39.13
CA ALA D 70 0.33 40.36 -40.59
C ALA D 70 0.83 41.69 -41.18
N ASN D 71 0.52 42.82 -40.53
CA ASN D 71 0.91 44.18 -40.98
C ASN D 71 2.44 44.25 -41.05
N ASN D 72 3.11 43.84 -39.97
CA ASN D 72 4.59 43.88 -39.85
C ASN D 72 5.23 42.98 -40.92
N LEU D 73 4.64 41.80 -41.19
CA LEU D 73 5.18 40.86 -42.19
C LEU D 73 5.06 41.49 -43.58
N GLN D 74 3.94 42.17 -43.86
CA GLN D 74 3.69 42.83 -45.16
C GLN D 74 4.69 43.99 -45.34
N GLN D 75 4.87 44.83 -44.32
CA GLN D 75 5.88 45.93 -44.30
C GLN D 75 7.27 45.36 -44.63
N ALA D 76 7.69 44.33 -43.90
CA ALA D 76 9.02 43.67 -44.04
C ALA D 76 9.24 43.19 -45.48
N ALA D 77 8.20 42.73 -46.18
CA ALA D 77 8.30 42.19 -47.56
C ALA D 77 8.63 43.31 -48.56
N GLY D 78 8.35 44.57 -48.18
CA GLY D 78 8.78 45.76 -48.94
C GLY D 78 10.26 45.73 -49.30
N SER D 79 11.14 45.52 -48.33
CA SER D 79 12.61 45.75 -48.46
C SER D 79 13.46 44.54 -48.07
N TYR D 80 12.89 43.53 -47.38
CA TYR D 80 13.65 42.39 -46.82
C TYR D 80 13.25 41.10 -47.55
N ASN D 81 14.22 40.24 -47.89
CA ASN D 81 13.95 38.95 -48.59
C ASN D 81 14.24 37.76 -47.66
N LEU D 82 14.63 38.02 -46.42
CA LEU D 82 14.69 36.99 -45.37
C LEU D 82 14.04 37.55 -44.11
N ILE D 83 12.92 36.94 -43.72
CA ILE D 83 12.02 37.46 -42.65
C ILE D 83 11.84 36.38 -41.60
N PHE D 84 12.23 36.70 -40.36
CA PHE D 84 12.09 35.83 -39.17
C PHE D 84 10.83 36.23 -38.44
N GLY D 85 9.91 35.28 -38.26
CA GLY D 85 8.83 35.37 -37.26
C GLY D 85 9.29 34.73 -35.97
N VAL D 86 9.46 35.54 -34.93
CA VAL D 86 10.08 35.11 -33.64
C VAL D 86 8.97 34.80 -32.65
N GLY D 87 8.52 33.53 -32.60
CA GLY D 87 7.53 33.03 -31.62
C GLY D 87 6.53 32.11 -32.29
N PHE D 88 6.03 31.10 -31.55
CA PHE D 88 5.04 30.12 -32.06
C PHE D 88 3.77 30.85 -32.51
N ALA D 89 3.38 31.93 -31.83
CA ALA D 89 2.13 32.70 -32.10
C ALA D 89 2.07 33.20 -33.56
N LEU D 90 3.22 33.49 -34.17
CA LEU D 90 3.27 34.03 -35.55
C LEU D 90 3.05 32.92 -36.57
N ASN D 91 2.78 31.68 -36.16
CA ASN D 91 2.63 30.52 -37.08
C ASN D 91 1.70 30.91 -38.22
N ASN D 92 0.43 31.25 -37.94
CA ASN D 92 -0.62 31.48 -38.98
C ASN D 92 -0.23 32.65 -39.90
N ALA D 93 0.29 33.72 -39.33
CA ALA D 93 0.65 34.96 -40.05
C ALA D 93 1.80 34.69 -41.05
N VAL D 94 2.80 33.92 -40.64
CA VAL D 94 3.95 33.52 -41.52
C VAL D 94 3.45 32.62 -42.64
N LYS D 95 2.61 31.63 -42.33
CA LYS D 95 1.94 30.74 -43.32
C LYS D 95 1.37 31.60 -44.46
N ASP D 96 0.57 32.62 -44.10
CA ASP D 96 -0.19 33.49 -45.05
C ASP D 96 0.78 34.34 -45.88
N ALA D 97 1.76 34.97 -45.22
CA ALA D 97 2.78 35.83 -45.85
C ALA D 97 3.62 35.01 -46.84
N ALA D 98 4.02 33.79 -46.46
CA ALA D 98 4.89 32.92 -47.29
C ALA D 98 4.17 32.52 -48.58
N LYS D 99 2.83 32.40 -48.54
CA LYS D 99 1.98 32.05 -49.72
C LYS D 99 1.78 33.27 -50.63
N GLU D 100 1.74 34.50 -50.08
CA GLU D 100 1.60 35.75 -50.88
C GLU D 100 2.91 36.09 -51.59
N HIS D 101 4.05 35.79 -50.96
CA HIS D 101 5.42 36.17 -51.41
C HIS D 101 6.27 34.90 -51.54
N THR D 102 6.06 34.11 -52.59
CA THR D 102 6.75 32.79 -52.79
C THR D 102 8.22 33.03 -53.16
N ASP D 103 8.58 34.28 -53.49
CA ASP D 103 9.95 34.69 -53.91
C ASP D 103 10.81 35.00 -52.68
N LEU D 104 10.19 35.34 -51.54
CA LEU D 104 10.88 35.69 -50.28
C LEU D 104 10.99 34.44 -49.40
N ASN D 105 11.97 34.42 -48.49
CA ASN D 105 12.21 33.30 -47.55
C ASN D 105 11.80 33.70 -46.14
N TYR D 106 11.16 32.78 -45.43
CA TYR D 106 10.62 33.00 -44.06
C TYR D 106 11.17 31.95 -43.12
N VAL D 107 11.42 32.37 -41.89
CA VAL D 107 11.88 31.44 -40.81
C VAL D 107 10.91 31.60 -39.65
N LEU D 108 10.34 30.48 -39.21
CA LEU D 108 9.49 30.47 -38.00
C LEU D 108 10.34 29.89 -36.87
N ILE D 109 10.44 30.64 -35.78
CA ILE D 109 11.20 30.23 -34.58
C ILE D 109 10.21 29.74 -33.53
N ASP D 110 10.39 28.49 -33.08
CA ASP D 110 9.68 27.83 -31.94
C ASP D 110 8.39 27.15 -32.41
N ASP D 111 8.15 27.00 -33.71
CA ASP D 111 7.05 26.11 -34.19
C ASP D 111 7.39 25.64 -35.60
N VAL D 112 6.58 24.70 -36.11
CA VAL D 112 6.80 24.00 -37.40
C VAL D 112 5.67 24.37 -38.37
N ILE D 113 6.06 24.75 -39.59
CA ILE D 113 5.16 24.93 -40.75
C ILE D 113 5.55 23.87 -41.79
N LYS D 114 4.58 23.10 -42.30
CA LYS D 114 4.81 21.95 -43.20
C LYS D 114 4.51 22.36 -44.65
N ASP D 115 5.27 21.77 -45.58
CA ASP D 115 4.93 21.70 -47.03
C ASP D 115 5.11 23.07 -47.73
N GLN D 116 5.78 24.04 -47.10
CA GLN D 116 6.04 25.37 -47.73
C GLN D 116 7.53 25.49 -48.03
N LYS D 117 7.89 25.51 -49.32
CA LYS D 117 9.30 25.53 -49.81
C LYS D 117 10.04 26.73 -49.24
N ASN D 118 9.38 27.87 -49.08
CA ASN D 118 10.03 29.16 -48.72
C ASN D 118 9.94 29.39 -47.21
N VAL D 119 9.70 28.34 -46.42
CA VAL D 119 9.65 28.43 -44.94
C VAL D 119 10.54 27.36 -44.31
N ALA D 120 11.51 27.81 -43.52
CA ALA D 120 12.30 26.97 -42.59
C ALA D 120 11.69 27.11 -41.19
N SER D 121 11.73 26.01 -40.44
CA SER D 121 11.18 25.92 -39.07
C SER D 121 12.34 25.58 -38.13
N VAL D 122 12.42 26.31 -37.02
CA VAL D 122 13.52 26.17 -36.04
C VAL D 122 12.87 25.87 -34.70
N THR D 123 13.28 24.78 -34.06
CA THR D 123 12.80 24.33 -32.74
C THR D 123 14.01 24.14 -31.85
N PHE D 124 13.81 24.31 -30.55
CA PHE D 124 14.81 24.06 -29.49
C PHE D 124 14.27 23.00 -28.55
N ALA D 125 15.17 22.11 -28.11
CA ALA D 125 14.91 21.12 -27.04
C ALA D 125 14.95 21.85 -25.69
N ASP D 126 13.92 22.66 -25.43
CA ASP D 126 13.83 23.52 -24.23
C ASP D 126 13.59 22.62 -23.01
N ASN D 127 13.07 21.41 -23.24
CA ASN D 127 12.91 20.38 -22.18
C ASN D 127 14.30 20.00 -21.63
N GLU D 128 15.30 19.82 -22.49
CA GLU D 128 16.67 19.39 -22.09
C GLU D 128 17.32 20.48 -21.21
N SER D 129 17.20 21.76 -21.58
CA SER D 129 17.77 22.87 -20.75
C SER D 129 16.91 23.03 -19.49
N GLY D 130 15.59 22.88 -19.61
CA GLY D 130 14.65 22.89 -18.47
C GLY D 130 15.08 21.88 -17.42
N TYR D 131 15.35 20.65 -17.85
CA TYR D 131 15.84 19.54 -16.98
C TYR D 131 17.04 20.02 -16.15
N LEU D 132 18.09 20.52 -16.80
CA LEU D 132 19.32 21.01 -16.12
C LEU D 132 18.94 22.12 -15.13
N ALA D 133 18.03 23.02 -15.50
CA ALA D 133 17.52 24.08 -14.61
C ALA D 133 16.86 23.43 -13.38
N GLY D 134 16.13 22.33 -13.59
CA GLY D 134 15.47 21.55 -12.51
C GLY D 134 16.49 20.94 -11.57
N VAL D 135 17.50 20.26 -12.12
CA VAL D 135 18.64 19.68 -11.37
C VAL D 135 19.29 20.80 -10.54
N ALA D 136 19.63 21.92 -11.16
CA ALA D 136 20.27 23.05 -10.46
C ALA D 136 19.38 23.47 -9.30
N ALA D 137 18.08 23.67 -9.54
CA ALA D 137 17.09 24.17 -8.56
C ALA D 137 17.03 23.23 -7.35
N ALA D 138 16.89 21.93 -7.60
CA ALA D 138 16.80 20.87 -6.57
C ALA D 138 18.03 20.92 -5.65
N LYS D 139 19.23 21.10 -6.21
CA LYS D 139 20.50 21.03 -5.45
C LYS D 139 20.75 22.32 -4.66
N THR D 140 19.84 23.31 -4.69
CA THR D 140 20.07 24.59 -3.94
C THR D 140 18.86 24.99 -3.08
N THR D 141 17.65 24.43 -3.27
CA THR D 141 16.44 24.76 -2.45
C THR D 141 16.72 24.50 -0.97
N LYS D 142 16.36 25.44 -0.10
CA LYS D 142 16.34 25.28 1.38
C LYS D 142 14.94 24.80 1.82
N THR D 143 13.88 25.43 1.27
CA THR D 143 12.46 25.22 1.67
C THR D 143 11.88 23.98 0.98
N LYS D 144 12.60 23.37 0.03
CA LYS D 144 12.17 22.20 -0.78
C LYS D 144 10.85 22.53 -1.51
N GLN D 145 10.72 23.78 -1.96
CA GLN D 145 9.57 24.28 -2.74
C GLN D 145 10.09 25.30 -3.78
N VAL D 146 9.77 25.07 -5.06
CA VAL D 146 10.28 25.92 -6.19
C VAL D 146 9.10 26.35 -7.06
N GLY D 147 9.25 27.48 -7.74
CA GLY D 147 8.22 28.09 -8.59
C GLY D 147 8.55 27.99 -10.07
N PHE D 148 7.50 27.94 -10.91
CA PHE D 148 7.58 28.02 -12.38
C PHE D 148 6.53 29.01 -12.87
N VAL D 149 6.97 30.12 -13.44
CA VAL D 149 6.09 31.17 -14.03
C VAL D 149 6.18 31.07 -15.55
N GLY D 150 5.16 30.52 -16.20
CA GLY D 150 5.07 30.41 -17.66
C GLY D 150 4.37 31.63 -18.23
N GLY D 151 4.60 31.95 -19.50
CA GLY D 151 3.86 33.02 -20.18
C GLY D 151 2.48 32.55 -20.62
N ILE D 152 2.42 31.83 -21.74
CA ILE D 152 1.16 31.36 -22.40
C ILE D 152 1.20 29.82 -22.42
N GLU D 153 0.13 29.19 -21.95
CA GLU D 153 -0.03 27.71 -22.00
C GLU D 153 0.09 27.29 -23.47
N SER D 154 1.02 26.41 -23.79
CA SER D 154 1.44 26.09 -25.19
C SER D 154 2.35 24.86 -25.20
N GLU D 155 2.46 24.21 -26.36
CA GLU D 155 3.43 23.11 -26.62
C GLU D 155 4.84 23.57 -26.19
N VAL D 156 5.23 24.79 -26.56
CA VAL D 156 6.59 25.35 -26.33
C VAL D 156 6.87 25.48 -24.82
N ILE D 157 5.96 26.09 -24.05
CA ILE D 157 6.20 26.33 -22.59
C ILE D 157 5.96 25.02 -21.82
N SER D 158 5.13 24.13 -22.36
CA SER D 158 4.92 22.76 -21.81
C SER D 158 6.24 21.98 -21.81
N ARG D 159 7.10 22.18 -22.82
CA ARG D 159 8.42 21.49 -22.91
C ARG D 159 9.30 21.94 -21.74
N PHE D 160 9.40 23.25 -21.50
CA PHE D 160 10.17 23.82 -20.38
C PHE D 160 9.63 23.22 -19.08
N GLU D 161 8.30 23.24 -18.90
CA GLU D 161 7.59 22.80 -17.66
C GLU D 161 7.89 21.32 -17.39
N ALA D 162 7.59 20.44 -18.35
CA ALA D 162 7.84 18.98 -18.27
C ALA D 162 9.32 18.72 -17.95
N GLY D 163 10.22 19.30 -18.74
CA GLY D 163 11.68 19.22 -18.52
C GLY D 163 12.08 19.63 -17.11
N PHE D 164 11.59 20.78 -16.65
CA PHE D 164 11.94 21.38 -15.33
C PHE D 164 11.48 20.46 -14.20
N LYS D 165 10.24 19.97 -14.28
CA LYS D 165 9.65 19.07 -13.26
C LYS D 165 10.47 17.77 -13.19
N ALA D 166 10.66 17.11 -14.34
CA ALA D 166 11.47 15.88 -14.49
C ALA D 166 12.84 16.07 -13.83
N GLY D 167 13.42 17.26 -13.96
CA GLY D 167 14.79 17.56 -13.52
C GLY D 167 14.87 17.73 -12.02
N VAL D 168 13.87 18.38 -11.43
CA VAL D 168 13.73 18.51 -9.95
C VAL D 168 13.50 17.11 -9.35
N ALA D 169 12.60 16.32 -9.93
CA ALA D 169 12.24 14.95 -9.48
C ALA D 169 13.46 14.02 -9.49
N SER D 170 14.34 14.14 -10.49
CA SER D 170 15.53 13.25 -10.69
C SER D 170 16.51 13.38 -9.51
N VAL D 171 16.42 14.47 -8.75
CA VAL D 171 17.29 14.77 -7.58
C VAL D 171 16.53 14.50 -6.27
N ASP D 172 15.24 14.86 -6.19
CA ASP D 172 14.44 14.82 -4.93
C ASP D 172 12.95 15.00 -5.23
N PRO D 173 12.17 13.90 -5.37
CA PRO D 173 10.73 14.02 -5.62
C PRO D 173 9.88 14.58 -4.47
N SER D 174 10.48 14.77 -3.29
CA SER D 174 9.85 15.47 -2.13
C SER D 174 9.39 16.87 -2.56
N ILE D 175 10.19 17.53 -3.41
CA ILE D 175 10.14 19.00 -3.70
C ILE D 175 8.86 19.31 -4.48
N LYS D 176 8.11 20.31 -4.03
CA LYS D 176 6.84 20.74 -4.68
C LYS D 176 7.16 21.85 -5.69
N VAL D 177 6.66 21.68 -6.91
CA VAL D 177 6.80 22.67 -8.02
C VAL D 177 5.44 23.36 -8.20
N GLN D 178 5.31 24.60 -7.72
CA GLN D 178 4.11 25.43 -7.99
C GLN D 178 4.23 26.00 -9.41
N VAL D 179 3.27 25.67 -10.27
CA VAL D 179 3.18 26.14 -11.68
C VAL D 179 2.03 27.14 -11.79
N ASP D 180 2.29 28.31 -12.38
CA ASP D 180 1.30 29.39 -12.63
C ASP D 180 1.67 30.06 -13.95
N TYR D 181 0.68 30.53 -14.70
CA TYR D 181 0.83 31.10 -16.07
C TYR D 181 0.27 32.52 -16.07
N ALA D 182 0.96 33.46 -16.72
CA ALA D 182 0.60 34.90 -16.73
C ALA D 182 -0.40 35.19 -17.85
N GLY D 183 -0.51 34.29 -18.84
CA GLY D 183 -1.31 34.48 -20.07
C GLY D 183 -0.71 35.51 -21.02
N SER D 184 0.57 35.85 -20.85
CA SER D 184 1.26 36.89 -21.66
C SER D 184 2.80 36.77 -21.54
N PHE D 185 3.52 37.23 -22.56
CA PHE D 185 5.00 37.34 -22.58
C PHE D 185 5.44 38.80 -22.45
N GLY D 186 4.52 39.75 -22.27
CA GLY D 186 4.86 41.19 -22.24
C GLY D 186 4.09 41.94 -21.17
N ASP D 187 4.04 41.39 -19.95
CA ASP D 187 3.23 41.90 -18.81
C ASP D 187 4.03 41.75 -17.51
N ALA D 188 4.98 42.65 -17.26
CA ALA D 188 5.85 42.71 -16.06
C ALA D 188 5.02 42.69 -14.77
N ALA D 189 3.95 43.50 -14.71
CA ALA D 189 3.09 43.65 -13.51
C ALA D 189 2.48 42.30 -13.08
N LYS D 190 2.05 41.46 -14.03
CA LYS D 190 1.45 40.14 -13.72
C LYS D 190 2.53 39.19 -13.19
N GLY D 191 3.74 39.25 -13.77
CA GLY D 191 4.90 38.48 -13.31
C GLY D 191 5.26 38.83 -11.87
N LYS D 192 5.24 40.12 -11.53
CA LYS D 192 5.52 40.61 -10.15
C LYS D 192 4.53 39.95 -9.19
N THR D 193 3.22 39.98 -9.47
CA THR D 193 2.18 39.49 -8.52
C THR D 193 2.22 37.94 -8.47
N ILE D 194 2.48 37.25 -9.57
CA ILE D 194 2.58 35.76 -9.57
C ILE D 194 3.83 35.34 -8.78
N ALA D 195 4.96 36.02 -8.98
CA ALA D 195 6.23 35.77 -8.25
C ALA D 195 6.00 36.03 -6.75
N ALA D 196 5.42 37.19 -6.41
CA ALA D 196 5.09 37.59 -5.02
C ALA D 196 4.33 36.45 -4.34
N ALA D 197 3.30 35.91 -5.00
CA ALA D 197 2.43 34.81 -4.51
C ALA D 197 3.26 33.52 -4.31
N GLN D 198 4.10 33.16 -5.28
CA GLN D 198 4.90 31.91 -5.23
C GLN D 198 5.92 31.99 -4.10
N TYR D 199 6.57 33.15 -3.90
CA TYR D 199 7.60 33.36 -2.85
C TYR D 199 6.90 33.32 -1.49
N ALA D 200 5.78 34.05 -1.35
CA ALA D 200 4.93 34.09 -0.13
C ALA D 200 4.50 32.67 0.29
N ALA D 201 4.19 31.79 -0.67
CA ALA D 201 3.73 30.39 -0.42
C ALA D 201 4.93 29.48 -0.11
N GLY D 202 6.15 30.02 0.00
CA GLY D 202 7.33 29.32 0.55
C GLY D 202 8.30 28.83 -0.50
N ALA D 203 8.15 29.22 -1.78
CA ALA D 203 9.16 28.99 -2.83
C ALA D 203 10.39 29.86 -2.54
N ASP D 204 11.60 29.34 -2.73
CA ASP D 204 12.85 30.12 -2.57
C ASP D 204 13.61 30.22 -3.91
N ILE D 205 13.10 29.59 -4.96
CA ILE D 205 13.63 29.63 -6.36
C ILE D 205 12.44 29.67 -7.31
N VAL D 206 12.40 30.64 -8.23
CA VAL D 206 11.39 30.70 -9.33
C VAL D 206 12.11 30.65 -10.69
N TYR D 207 11.78 29.65 -11.51
CA TYR D 207 12.14 29.60 -12.97
C TYR D 207 11.07 30.41 -13.74
N GLN D 208 11.46 31.57 -14.31
CA GLN D 208 10.55 32.42 -15.11
C GLN D 208 10.77 32.13 -16.60
N VAL D 209 9.73 31.61 -17.26
CA VAL D 209 9.73 31.21 -18.69
C VAL D 209 8.58 31.97 -19.36
N ALA D 210 8.67 33.30 -19.27
CA ALA D 210 7.54 34.22 -19.56
C ALA D 210 8.06 35.46 -20.30
N GLY D 211 9.26 35.40 -20.88
CA GLY D 211 9.85 36.51 -21.65
C GLY D 211 9.94 37.76 -20.82
N GLY D 212 9.32 38.86 -21.29
CA GLY D 212 9.33 40.19 -20.66
C GLY D 212 8.44 40.27 -19.44
N THR D 213 7.41 39.41 -19.37
CA THR D 213 6.62 39.16 -18.13
C THR D 213 7.60 38.87 -16.98
N GLY D 214 8.74 38.26 -17.31
CA GLY D 214 9.80 37.85 -16.36
C GLY D 214 10.48 39.03 -15.71
N ALA D 215 10.54 40.21 -16.34
CA ALA D 215 11.07 41.43 -15.72
C ALA D 215 10.40 41.63 -14.35
N GLY D 216 9.11 41.32 -14.23
CA GLY D 216 8.36 41.42 -12.98
C GLY D 216 8.85 40.47 -11.92
N VAL D 217 9.16 39.23 -12.29
CA VAL D 217 9.74 38.19 -11.38
C VAL D 217 11.07 38.71 -10.81
N PHE D 218 11.91 39.34 -11.63
CA PHE D 218 13.21 39.91 -11.20
C PHE D 218 12.95 41.05 -10.20
N ALA D 219 12.00 41.93 -10.52
CA ALA D 219 11.61 43.11 -9.70
C ALA D 219 11.12 42.64 -8.33
N GLU D 220 10.31 41.58 -8.29
CA GLU D 220 9.77 41.02 -7.02
C GLU D 220 10.92 40.53 -6.14
N ALA D 221 11.70 39.55 -6.62
CA ALA D 221 12.85 38.95 -5.92
C ALA D 221 13.82 40.05 -5.46
N LYS D 222 14.01 41.09 -6.27
CA LYS D 222 14.89 42.24 -5.90
C LYS D 222 14.36 42.87 -4.61
N SER D 223 13.08 43.23 -4.54
CA SER D 223 12.42 43.84 -3.35
C SER D 223 12.63 42.98 -2.10
N LEU D 224 12.32 41.69 -2.17
CA LEU D 224 12.44 40.77 -1.01
C LEU D 224 13.90 40.75 -0.54
N ASN D 225 14.83 40.63 -1.48
CA ASN D 225 16.29 40.44 -1.22
C ASN D 225 16.93 41.76 -0.75
N GLU D 226 16.46 42.90 -1.28
CA GLU D 226 16.97 44.26 -0.94
C GLU D 226 16.66 44.59 0.52
N SER D 227 15.71 43.88 1.15
CA SER D 227 15.31 44.06 2.57
C SER D 227 15.51 42.76 3.33
N ARG D 228 16.71 42.18 3.25
CA ARG D 228 17.06 40.94 4.00
C ARG D 228 18.59 40.80 4.02
N PRO D 229 19.14 39.93 4.91
CA PRO D 229 20.54 39.53 4.82
C PRO D 229 20.79 38.74 3.52
N GLU D 230 22.03 38.80 3.01
CA GLU D 230 22.50 37.99 1.85
C GLU D 230 22.28 36.50 2.15
N ASN D 231 22.43 36.09 3.42
CA ASN D 231 22.23 34.70 3.90
C ASN D 231 20.88 34.13 3.43
N GLU D 232 19.82 34.94 3.47
CA GLU D 232 18.40 34.49 3.38
C GLU D 232 17.76 34.92 2.05
N LYS D 233 18.56 35.19 1.02
CA LYS D 233 18.05 35.68 -0.29
C LYS D 233 17.27 34.56 -0.98
N VAL D 234 16.28 34.92 -1.80
CA VAL D 234 15.54 34.02 -2.74
C VAL D 234 16.14 34.17 -4.13
N TRP D 235 16.09 33.09 -4.92
CA TRP D 235 16.71 32.99 -6.26
C TRP D 235 15.66 33.12 -7.36
N VAL D 236 16.07 33.60 -8.54
CA VAL D 236 15.36 33.31 -9.81
C VAL D 236 16.34 32.66 -10.77
N ILE D 237 15.80 31.79 -11.64
CA ILE D 237 16.54 31.18 -12.79
C ILE D 237 16.18 31.94 -14.06
N GLY D 238 17.21 32.40 -14.78
CA GLY D 238 17.08 33.11 -16.07
C GLY D 238 16.71 32.18 -17.21
N VAL D 239 16.35 32.74 -18.36
CA VAL D 239 15.84 32.00 -19.55
C VAL D 239 16.34 32.71 -20.81
N ASP D 240 16.68 31.92 -21.85
CA ASP D 240 16.99 32.36 -23.25
C ASP D 240 18.39 32.99 -23.34
N ARG D 241 18.68 33.99 -22.51
CA ARG D 241 20.03 34.61 -22.41
C ARG D 241 20.56 34.43 -20.99
N ASP D 242 21.86 34.64 -20.80
CA ASP D 242 22.47 34.79 -19.46
C ASP D 242 21.92 36.08 -18.86
N GLN D 243 21.15 35.97 -17.78
CA GLN D 243 20.42 37.12 -17.18
C GLN D 243 21.09 37.53 -15.86
N GLU D 244 22.35 37.11 -15.61
CA GLU D 244 23.13 37.47 -14.40
C GLU D 244 23.01 38.97 -14.09
N ALA D 245 23.16 39.85 -15.09
CA ALA D 245 23.13 41.32 -14.91
C ALA D 245 21.84 41.76 -14.21
N GLU D 246 20.72 41.07 -14.45
CA GLU D 246 19.38 41.47 -13.96
C GLU D 246 19.26 41.14 -12.46
N GLY D 247 20.18 40.34 -11.92
CA GLY D 247 20.15 39.84 -10.54
C GLY D 247 21.03 40.62 -9.58
N LYS D 248 21.64 41.73 -10.04
CA LYS D 248 22.51 42.61 -9.22
C LYS D 248 21.66 43.37 -8.21
N TYR D 249 21.96 43.22 -6.92
CA TYR D 249 21.30 43.98 -5.82
C TYR D 249 22.28 44.19 -4.67
N THR D 250 21.96 45.16 -3.81
CA THR D 250 22.59 45.40 -2.48
C THR D 250 21.68 44.79 -1.41
N SER D 251 22.25 43.88 -0.59
CA SER D 251 21.62 43.29 0.61
C SER D 251 21.16 44.43 1.54
N LYS D 252 20.35 44.12 2.56
CA LYS D 252 19.96 45.10 3.62
C LYS D 252 21.20 45.42 4.46
N ASP D 253 22.06 44.42 4.68
CA ASP D 253 23.28 44.50 5.53
C ASP D 253 24.50 44.88 4.67
N GLY D 254 24.34 45.79 3.68
CA GLY D 254 25.44 46.54 3.03
C GLY D 254 26.14 45.82 1.89
N LYS D 255 25.93 44.50 1.73
CA LYS D 255 26.69 43.62 0.79
C LYS D 255 26.09 43.66 -0.62
N GLU D 256 26.92 43.92 -1.64
CA GLU D 256 26.57 43.71 -3.07
C GLU D 256 26.61 42.21 -3.39
N SER D 257 25.57 41.68 -4.05
CA SER D 257 25.42 40.25 -4.39
C SER D 257 24.57 40.08 -5.65
N ASN D 258 24.07 38.87 -5.89
CA ASN D 258 23.37 38.49 -7.14
C ASN D 258 22.43 37.31 -6.86
N PHE D 259 21.15 37.43 -7.21
CA PHE D 259 20.11 36.42 -6.90
C PHE D 259 19.73 35.60 -8.14
N VAL D 260 20.41 35.79 -9.28
CA VAL D 260 20.26 34.87 -10.45
C VAL D 260 21.12 33.63 -10.14
N LEU D 261 20.47 32.47 -10.03
CA LEU D 261 21.15 31.21 -9.67
C LEU D 261 21.90 30.67 -10.90
N VAL D 262 21.23 30.73 -12.04
CA VAL D 262 21.52 29.91 -13.25
C VAL D 262 20.60 30.44 -14.35
N SER D 263 20.96 30.27 -15.61
CA SER D 263 20.12 30.68 -16.77
C SER D 263 20.09 29.54 -17.78
N THR D 264 18.90 29.16 -18.28
CA THR D 264 18.79 28.33 -19.50
C THR D 264 19.10 29.22 -20.70
N LEU D 265 19.90 28.70 -21.64
CA LEU D 265 20.32 29.46 -22.84
C LEU D 265 19.60 28.85 -24.03
N LYS D 266 19.21 29.71 -24.97
CA LYS D 266 18.50 29.38 -26.22
C LYS D 266 19.11 30.28 -27.29
N GLN D 267 19.97 29.74 -28.13
CA GLN D 267 20.89 30.56 -28.98
C GLN D 267 20.11 31.01 -30.21
N VAL D 268 19.09 31.83 -30.00
CA VAL D 268 18.18 32.35 -31.07
C VAL D 268 19.00 33.28 -31.94
N GLY D 269 19.79 34.17 -31.33
CA GLY D 269 20.70 35.08 -32.05
C GLY D 269 21.61 34.32 -33.01
N THR D 270 22.24 33.25 -32.53
CA THR D 270 23.16 32.41 -33.34
C THR D 270 22.38 31.84 -34.54
N THR D 271 21.17 31.33 -34.31
CA THR D 271 20.30 30.77 -35.37
C THR D 271 20.04 31.86 -36.43
N VAL D 272 19.73 33.08 -36.01
CA VAL D 272 19.38 34.18 -36.94
C VAL D 272 20.60 34.44 -37.85
N LYS D 273 21.78 34.50 -37.25
CA LYS D 273 23.07 34.80 -37.93
C LYS D 273 23.39 33.67 -38.92
N ASP D 274 23.31 32.42 -38.47
CA ASP D 274 23.75 31.22 -39.26
C ASP D 274 22.80 31.06 -40.45
N ILE D 275 21.50 31.22 -40.25
CA ILE D 275 20.51 31.06 -41.36
C ILE D 275 20.60 32.26 -42.31
N SER D 276 20.82 33.47 -41.81
CA SER D 276 21.00 34.68 -42.66
C SER D 276 22.21 34.46 -43.59
N ASN D 277 23.28 33.88 -43.07
CA ASN D 277 24.48 33.53 -43.88
C ASN D 277 24.15 32.42 -44.89
N LYS D 278 23.42 31.38 -44.49
CA LYS D 278 23.04 30.29 -45.43
C LYS D 278 22.18 30.88 -46.54
N ALA D 279 21.26 31.78 -46.20
CA ALA D 279 20.36 32.44 -47.18
C ALA D 279 21.21 33.18 -48.21
N GLU D 280 22.20 33.94 -47.75
CA GLU D 280 23.06 34.77 -48.62
C GLU D 280 23.88 33.88 -49.57
N ARG D 281 24.29 32.69 -49.14
CA ARG D 281 25.08 31.72 -49.96
C ARG D 281 24.18 30.91 -50.89
N GLY D 282 22.90 31.26 -50.99
CA GLY D 282 21.90 30.51 -51.79
C GLY D 282 21.67 29.09 -51.29
N GLU D 283 21.79 28.86 -49.98
CA GLU D 283 21.54 27.55 -49.30
C GLU D 283 20.49 27.71 -48.19
N PHE D 284 19.47 28.54 -48.40
CA PHE D 284 18.30 28.62 -47.46
C PHE D 284 17.70 27.23 -47.26
N PRO D 285 17.57 26.74 -46.00
CA PRO D 285 16.99 25.40 -45.75
C PRO D 285 15.46 25.37 -45.81
N GLY D 286 14.88 25.80 -46.92
CA GLY D 286 13.42 25.81 -47.15
C GLY D 286 12.81 24.43 -46.98
N GLY D 287 11.61 24.36 -46.37
CA GLY D 287 10.86 23.10 -46.18
C GLY D 287 11.42 22.25 -45.06
N GLN D 288 12.60 22.57 -44.52
CA GLN D 288 13.27 21.75 -43.48
C GLN D 288 12.88 22.24 -42.08
N VAL D 289 13.12 21.37 -41.10
CA VAL D 289 12.93 21.62 -39.64
C VAL D 289 14.30 21.48 -38.98
N ILE D 290 14.89 22.60 -38.58
CA ILE D 290 16.20 22.62 -37.86
C ILE D 290 15.90 22.42 -36.37
N VAL D 291 16.33 21.28 -35.80
CA VAL D 291 16.22 20.98 -34.36
C VAL D 291 17.55 21.26 -33.68
N TYR D 292 17.56 22.22 -32.74
CA TYR D 292 18.70 22.56 -31.86
C TYR D 292 18.48 21.91 -30.50
N SER D 293 19.53 21.33 -29.93
CA SER D 293 19.46 20.54 -28.68
C SER D 293 20.72 20.79 -27.87
N LEU D 294 20.88 20.04 -26.78
CA LEU D 294 22.06 20.11 -25.88
C LEU D 294 23.32 19.67 -26.65
N LYS D 295 23.17 18.70 -27.57
CA LYS D 295 24.28 18.12 -28.39
C LYS D 295 25.06 19.23 -29.08
N ASP D 296 24.38 20.08 -29.86
CA ASP D 296 24.97 21.13 -30.73
C ASP D 296 25.03 22.49 -30.00
N LYS D 297 24.72 22.54 -28.70
CA LYS D 297 24.86 23.74 -27.82
C LYS D 297 23.89 24.88 -28.24
N GLY D 298 22.79 24.52 -28.93
CA GLY D 298 21.68 25.44 -29.25
C GLY D 298 20.89 25.80 -28.01
N VAL D 299 20.72 24.86 -27.09
CA VAL D 299 20.29 25.12 -25.69
C VAL D 299 21.46 24.74 -24.78
N ASP D 300 21.57 25.38 -23.63
CA ASP D 300 22.60 25.07 -22.61
C ASP D 300 22.15 25.65 -21.27
N LEU D 301 22.99 25.53 -20.23
CA LEU D 301 22.82 26.17 -18.91
C LEU D 301 24.09 26.97 -18.60
N ALA D 302 23.94 28.23 -18.22
CA ALA D 302 25.00 29.09 -17.64
C ALA D 302 24.95 28.91 -16.13
N VAL D 303 26.04 28.41 -15.54
CA VAL D 303 26.09 27.95 -14.11
C VAL D 303 26.69 29.06 -13.25
N THR D 304 26.15 30.28 -13.41
CA THR D 304 26.68 31.56 -12.87
C THR D 304 27.01 31.42 -11.37
N ASN D 305 26.00 31.33 -10.50
CA ASN D 305 26.16 31.43 -9.02
C ASN D 305 25.78 30.10 -8.37
N LEU D 306 25.83 29.00 -9.12
CA LEU D 306 25.52 27.64 -8.59
C LEU D 306 26.69 27.15 -7.74
N SER D 307 26.39 26.41 -6.66
CA SER D 307 27.36 25.75 -5.75
C SER D 307 28.08 24.62 -6.50
N GLU D 308 29.21 24.16 -5.98
CA GLU D 308 30.07 23.10 -6.58
C GLU D 308 29.26 21.78 -6.70
N GLU D 309 28.45 21.42 -5.70
CA GLU D 309 27.60 20.20 -5.73
C GLU D 309 26.60 20.30 -6.89
N GLY D 310 25.97 21.48 -7.01
CA GLY D 310 25.08 21.83 -8.13
C GLY D 310 25.76 21.62 -9.47
N LYS D 311 26.95 22.21 -9.66
CA LYS D 311 27.68 22.14 -10.96
C LYS D 311 27.92 20.67 -11.33
N LYS D 312 28.25 19.81 -10.35
CA LYS D 312 28.55 18.38 -10.59
C LYS D 312 27.26 17.65 -11.02
N ALA D 313 26.16 17.87 -10.28
CA ALA D 313 24.83 17.30 -10.60
C ALA D 313 24.44 17.67 -12.04
N VAL D 314 24.69 18.91 -12.47
CA VAL D 314 24.34 19.43 -13.82
C VAL D 314 25.21 18.73 -14.86
N GLU D 315 26.53 18.69 -14.69
CA GLU D 315 27.48 18.07 -15.65
C GLU D 315 27.13 16.59 -15.85
N ASP D 316 26.72 15.90 -14.77
CA ASP D 316 26.40 14.45 -14.77
C ASP D 316 25.06 14.25 -15.51
N ALA D 317 24.08 15.12 -15.25
CA ALA D 317 22.76 15.10 -15.92
C ALA D 317 22.93 15.42 -17.41
N LYS D 318 23.76 16.42 -17.74
CA LYS D 318 24.07 16.79 -19.15
C LYS D 318 24.63 15.57 -19.88
N ALA D 319 25.68 14.96 -19.30
CA ALA D 319 26.32 13.72 -19.79
C ALA D 319 25.26 12.67 -20.11
N LYS D 320 24.37 12.38 -19.16
CA LYS D 320 23.33 11.32 -19.30
C LYS D 320 22.30 11.69 -20.37
N ILE D 321 22.03 12.98 -20.59
CA ILE D 321 21.04 13.41 -21.64
C ILE D 321 21.70 13.19 -23.00
N LEU D 322 22.99 13.54 -23.13
CA LEU D 322 23.78 13.35 -24.37
C LEU D 322 23.95 11.86 -24.71
N ASP D 323 24.21 11.00 -23.71
CA ASP D 323 24.29 9.51 -23.85
C ASP D 323 22.99 8.95 -24.43
N GLY D 324 21.86 9.24 -23.78
CA GLY D 324 20.54 8.64 -24.07
C GLY D 324 20.02 7.87 -22.89
N SER D 325 20.81 7.77 -21.80
CA SER D 325 20.44 7.09 -20.53
C SER D 325 19.22 7.77 -19.90
N VAL D 326 19.20 9.11 -19.82
CA VAL D 326 18.02 9.92 -19.40
C VAL D 326 17.33 10.45 -20.66
N LYS D 327 16.04 10.14 -20.84
CA LYS D 327 15.16 10.74 -21.87
C LYS D 327 14.21 11.70 -21.17
N VAL D 328 14.21 12.95 -21.61
CA VAL D 328 13.43 14.06 -20.98
C VAL D 328 12.08 14.16 -21.70
N PRO D 329 10.94 14.18 -20.96
CA PRO D 329 9.62 14.32 -21.58
C PRO D 329 9.35 15.73 -22.15
N GLU D 330 8.27 15.88 -22.93
CA GLU D 330 7.92 17.12 -23.70
C GLU D 330 6.46 17.52 -23.43
NI NI E . -31.93 10.03 51.40
O5' THM F . -38.68 -20.03 6.02
C5' THM F . -40.07 -20.25 5.79
C4' THM F . -40.83 -20.24 7.08
O4' THM F . -40.76 -21.55 7.68
C3' THM F . -40.28 -19.31 8.15
O3' THM F . -40.79 -18.00 8.01
C2' THM F . -40.74 -19.97 9.42
C1' THM F . -40.70 -21.44 9.09
N1 THM F . -39.53 -22.21 9.55
C2 THM F . -39.66 -22.96 10.68
O2 THM F . -40.64 -22.99 11.36
N3 THM F . -38.55 -23.68 11.04
C4 THM F . -37.37 -23.73 10.35
O4 THM F . -36.47 -24.42 10.79
C5 THM F . -37.31 -22.94 9.16
C5M THM F . -36.05 -22.96 8.35
C6 THM F . -38.39 -22.24 8.81
O5' THM G . -2.94 -8.01 16.03
C5' THM G . -1.71 -7.35 16.30
C4' THM G . -1.20 -6.61 15.09
O4' THM G . -0.48 -7.55 14.26
C3' THM G . -2.27 -6.06 14.17
O3' THM G . -2.80 -4.85 14.67
C2' THM G . -1.52 -5.96 12.86
C1' THM G . -0.65 -7.20 12.89
N1 THM G . -1.19 -8.38 12.21
C2 THM G . -0.73 -8.74 10.96
O2 THM G . 0.10 -8.10 10.36
N3 THM G . -1.30 -9.84 10.41
C4 THM G . -2.26 -10.63 10.98
O4 THM G . -2.68 -11.60 10.37
C5 THM G . -2.67 -10.24 12.30
C5M THM G . -3.72 -11.05 13.00
C6 THM G . -2.13 -9.16 12.84
NI NI H . -32.22 17.50 -24.46
NI NI I . 41.17 -0.03 47.24
NI NI J . 49.09 3.29 38.72
O5' THM K . 26.80 -15.06 -0.31
C5' THM K . 25.61 -14.34 -0.55
C4' THM K . 24.95 -13.92 0.74
O4' THM K . 23.94 -14.88 1.12
C3' THM K . 25.85 -13.85 1.95
O3' THM K . 26.54 -12.61 1.99
C2' THM K . 24.84 -13.93 3.08
C1' THM K . 23.89 -14.98 2.53
N1 THM K . 24.24 -16.36 2.90
C2 THM K . 23.68 -16.89 4.03
O2 THM K . 22.92 -16.26 4.73
N3 THM K . 24.03 -18.17 4.29
C4 THM K . 24.89 -18.96 3.58
O4 THM K . 25.11 -20.09 3.97
C5 THM K . 25.45 -18.35 2.40
C5M THM K . 26.39 -19.14 1.54
C6 THM K . 25.10 -17.09 2.12
NI NI L . 29.31 25.14 -71.32
NI NI M . 38.26 25.95 -63.02
O5' THM N . 10.91 33.23 -22.71
C5' THM N . 10.61 31.86 -22.56
C4' THM N . 10.04 31.29 -23.83
O4' THM N . 8.84 32.00 -24.17
C3' THM N . 10.91 31.49 -25.05
O3' THM N . 12.03 30.63 -25.10
C2' THM N . 9.89 31.32 -26.16
C1' THM N . 8.63 31.93 -25.57
N1 THM N . 8.33 33.31 -26.01
C2 THM N . 7.38 33.47 -27.00
O2 THM N . 6.82 32.56 -27.55
N3 THM N . 7.14 34.77 -27.34
C4 THM N . 7.73 35.89 -26.81
O4 THM N . 7.41 36.99 -27.21
C5 THM N . 8.68 35.65 -25.76
C5M THM N . 9.35 36.82 -25.12
C6 THM N . 8.92 34.38 -25.42
NI NI O . 25.61 41.71 -47.41
C ACT P . -1.85 25.83 -8.39
O ACT P . -2.96 25.36 -8.72
OXT ACT P . -1.07 26.37 -9.18
CH3 ACT P . -1.43 25.72 -6.92
#